data_2CEV
#
_entry.id   2CEV
#
_cell.length_a   106.220
_cell.length_b   275.580
_cell.length_c   138.070
_cell.angle_alpha   90.00
_cell.angle_beta   90.00
_cell.angle_gamma   90.00
#
_symmetry.space_group_name_H-M   'C 2 2 21'
#
loop_
_entity.id
_entity.type
_entity.pdbx_description
1 polymer 'PROTEIN (ARGINASE)'
2 non-polymer 'MANGANESE (II) ION'
3 non-polymer GUANIDINE
4 water water
#
_entity_poly.entity_id   1
_entity_poly.type   'polypeptide(L)'
_entity_poly.pdbx_seq_one_letter_code
;MKPISIIGVPMDLGQTRRGVDMGPSAMRYAGVIERLERLHYDIEDLGDIPIGKAERLHEQGDSRLRNLKAVAEANEKLAA
AVDQVVQRGRFPLVLGGDHSIAIGTLAGVAKHYERLGVIWYDAHGDVNTAETSPSGNIHGMPLAASLGFGHPALTQIGGY
SPKIKPEHVVLIGVRSLDEGEKKFIREKGIKIYTMHEVDRLGMTRVMEETIAYLKERTDGVHLSLDLDGLDPSDAPGVGT
PVIGGLTYRESHLAMEMLAEAQIITSAEFVEVNPILDERNKTASVAVALMGSLFGEKLM
;
_entity_poly.pdbx_strand_id   A,B,C,D,E,F
#
loop_
_chem_comp.id
_chem_comp.type
_chem_comp.name
_chem_comp.formula
GAI non-polymer GUANIDINE 'C H5 N3'
MN non-polymer 'MANGANESE (II) ION' 'Mn 2'
#
# COMPACT_ATOMS: atom_id res chain seq x y z
N LYS A 2 5.23 36.59 11.51
CA LYS A 2 5.52 38.04 11.37
C LYS A 2 6.63 38.31 10.34
N PRO A 3 6.40 39.24 9.39
CA PRO A 3 7.41 39.54 8.37
C PRO A 3 8.68 40.07 9.02
N ILE A 4 9.81 39.91 8.33
CA ILE A 4 11.08 40.35 8.86
C ILE A 4 11.69 41.44 8.01
N SER A 5 12.37 42.37 8.67
CA SER A 5 13.07 43.44 7.98
C SER A 5 14.50 43.40 8.49
N ILE A 6 15.43 43.22 7.57
CA ILE A 6 16.85 43.19 7.88
C ILE A 6 17.47 44.57 7.74
N ILE A 7 18.19 44.99 8.78
CA ILE A 7 18.87 46.27 8.73
C ILE A 7 20.35 45.98 9.02
N GLY A 8 21.22 46.39 8.11
CA GLY A 8 22.63 46.18 8.31
C GLY A 8 23.24 47.42 8.95
N VAL A 9 24.20 47.22 9.84
CA VAL A 9 24.84 48.35 10.48
C VAL A 9 26.34 48.06 10.41
N PRO A 10 27.00 48.50 9.33
CA PRO A 10 28.45 48.32 9.09
C PRO A 10 29.30 49.18 10.02
N MET A 11 29.17 48.90 11.32
CA MET A 11 29.86 49.64 12.35
C MET A 11 31.06 48.93 12.95
N ASP A 12 32.18 49.64 13.06
CA ASP A 12 33.36 49.09 13.71
C ASP A 12 33.97 50.11 14.70
N LEU A 13 33.30 51.25 14.85
CA LEU A 13 33.73 52.35 15.72
C LEU A 13 33.57 52.10 17.20
N GLY A 14 32.82 51.06 17.56
CA GLY A 14 32.61 50.71 18.95
C GLY A 14 33.78 49.93 19.55
N GLN A 15 34.78 49.64 18.70
CA GLN A 15 35.97 48.93 19.12
C GLN A 15 37.14 49.32 18.21
N THR A 16 38.30 48.69 18.37
CA THR A 16 39.45 49.08 17.57
C THR A 16 39.91 48.21 16.40
N ARG A 17 39.35 47.02 16.26
CA ARG A 17 39.77 46.15 15.15
C ARG A 17 38.89 46.34 13.91
N ARG A 18 39.51 46.78 12.82
CA ARG A 18 38.77 47.01 11.59
C ARG A 18 38.30 45.69 10.99
N GLY A 19 37.22 45.73 10.23
CA GLY A 19 36.71 44.52 9.61
C GLY A 19 35.33 44.10 10.06
N VAL A 20 34.94 44.44 11.29
CA VAL A 20 33.62 44.08 11.79
C VAL A 20 32.51 44.84 11.04
N ASP A 21 32.89 45.91 10.35
CA ASP A 21 31.97 46.69 9.54
C ASP A 21 31.55 45.89 8.29
N MET A 22 32.32 44.83 7.98
CA MET A 22 32.05 43.94 6.85
C MET A 22 31.12 42.79 7.25
N GLY A 23 30.79 42.72 8.54
CA GLY A 23 29.91 41.69 9.07
C GLY A 23 28.52 41.62 8.45
N PRO A 24 27.84 42.76 8.21
CA PRO A 24 26.50 42.69 7.61
C PRO A 24 26.51 42.01 6.23
N SER A 25 27.45 42.39 5.38
CA SER A 25 27.48 41.77 4.05
C SER A 25 28.04 40.34 4.04
N ALA A 26 28.89 40.02 5.00
CA ALA A 26 29.44 38.66 5.11
C ALA A 26 28.25 37.73 5.37
N MET A 27 27.35 38.16 6.25
CA MET A 27 26.16 37.36 6.59
C MET A 27 25.20 37.31 5.41
N ARG A 28 25.14 38.39 4.64
CA ARG A 28 24.29 38.44 3.44
C ARG A 28 24.83 37.41 2.46
N TYR A 29 26.14 37.39 2.30
CA TYR A 29 26.80 36.46 1.39
C TYR A 29 26.74 35.05 1.94
N ALA A 30 26.56 34.90 3.25
CA ALA A 30 26.44 33.55 3.81
C ALA A 30 25.03 33.01 3.51
N GLY A 31 24.19 33.85 2.88
CA GLY A 31 22.84 33.45 2.51
C GLY A 31 21.70 33.67 3.48
N VAL A 32 21.75 34.72 4.29
CA VAL A 32 20.69 34.98 5.26
C VAL A 32 19.29 35.14 4.64
N ILE A 33 19.18 35.88 3.55
CA ILE A 33 17.88 36.08 2.91
C ILE A 33 17.30 34.76 2.40
N GLU A 34 18.13 33.99 1.72
CA GLU A 34 17.70 32.71 1.14
C GLU A 34 17.26 31.73 2.24
N ARG A 35 18.01 31.71 3.33
CA ARG A 35 17.73 30.84 4.45
C ARG A 35 16.33 31.14 5.03
N LEU A 36 16.05 32.42 5.24
CA LEU A 36 14.78 32.81 5.81
C LEU A 36 13.60 32.73 4.83
N GLU A 37 13.87 32.95 3.54
CA GLU A 37 12.83 32.85 2.53
C GLU A 37 12.37 31.41 2.41
N ARG A 38 13.31 30.49 2.59
CA ARG A 38 13.08 29.07 2.52
C ARG A 38 12.07 28.70 3.61
N LEU A 39 12.03 29.47 4.69
CA LEU A 39 11.12 29.19 5.77
C LEU A 39 9.77 29.87 5.57
N HIS A 40 9.55 30.36 4.35
CA HIS A 40 8.31 31.03 3.96
C HIS A 40 8.04 32.38 4.61
N TYR A 41 9.11 33.08 4.94
CA TYR A 41 9.01 34.40 5.54
C TYR A 41 8.93 35.45 4.46
N ASP A 42 8.25 36.55 4.81
CA ASP A 42 8.15 37.72 3.96
C ASP A 42 9.36 38.48 4.52
N ILE A 43 10.47 38.41 3.80
CA ILE A 43 11.72 39.03 4.23
C ILE A 43 12.09 40.19 3.33
N GLU A 44 12.44 41.29 3.97
CA GLU A 44 12.80 42.53 3.32
C GLU A 44 14.17 42.99 3.80
N ASP A 45 15.03 43.40 2.88
CA ASP A 45 16.36 43.89 3.23
C ASP A 45 16.35 45.41 3.03
N LEU A 46 16.38 46.14 4.13
CA LEU A 46 16.35 47.59 4.06
C LEU A 46 17.72 48.23 3.80
N GLY A 47 18.76 47.43 3.61
CA GLY A 47 20.08 47.99 3.38
C GLY A 47 20.86 48.27 4.65
N ASP A 48 21.83 49.18 4.57
CA ASP A 48 22.69 49.53 5.68
C ASP A 48 22.52 50.95 6.21
N ILE A 49 22.78 51.12 7.50
CA ILE A 49 22.73 52.44 8.13
C ILE A 49 24.03 53.15 7.76
N PRO A 50 23.96 54.43 7.30
CA PRO A 50 25.18 55.16 6.93
C PRO A 50 25.95 55.44 8.21
N ILE A 51 27.20 54.99 8.25
CA ILE A 51 28.04 55.21 9.43
C ILE A 51 29.07 56.28 9.08
N GLY A 52 29.21 57.26 9.95
CA GLY A 52 30.17 58.30 9.70
C GLY A 52 31.59 57.83 9.93
N LYS A 53 32.54 58.71 9.64
CA LYS A 53 33.94 58.42 9.85
C LYS A 53 34.26 58.96 11.24
N ALA A 54 35.12 58.24 11.95
CA ALA A 54 35.51 58.63 13.30
C ALA A 54 36.16 60.00 13.35
N GLU A 55 35.71 60.81 14.29
CA GLU A 55 36.26 62.15 14.49
C GLU A 55 37.53 61.97 15.33
N ARG A 56 38.49 62.88 15.15
CA ARG A 56 39.75 62.82 15.90
C ARG A 56 39.47 62.75 17.39
N LEU A 57 40.04 61.71 18.01
CA LEU A 57 39.86 61.43 19.43
C LEU A 57 40.04 62.62 20.36
N HIS A 58 40.93 63.53 19.99
CA HIS A 58 41.20 64.71 20.79
C HIS A 58 39.99 65.65 20.81
N GLU A 59 39.16 65.58 19.77
CA GLU A 59 37.95 66.41 19.66
C GLU A 59 36.67 65.75 20.16
N GLN A 60 36.65 64.42 20.12
CA GLN A 60 35.47 63.64 20.54
C GLN A 60 35.12 63.75 22.02
N GLY A 61 34.03 63.08 22.41
CA GLY A 61 33.56 63.06 23.79
C GLY A 61 34.66 62.98 24.83
N ASP A 62 35.44 61.90 24.82
CA ASP A 62 36.58 61.76 25.75
C ASP A 62 37.35 60.46 25.61
N SER A 63 38.55 60.46 26.19
CA SER A 63 39.50 59.33 26.19
C SER A 63 38.87 57.98 26.57
N ARG A 64 37.79 58.07 27.34
CA ARG A 64 37.10 56.90 27.86
C ARG A 64 35.92 56.47 26.98
N LEU A 65 35.66 57.22 25.93
CA LEU A 65 34.56 56.94 25.02
C LEU A 65 34.98 57.19 23.59
N ARG A 66 35.72 56.23 23.02
CA ARG A 66 36.22 56.34 21.64
C ARG A 66 35.12 56.45 20.61
N ASN A 67 35.27 57.42 19.71
CA ASN A 67 34.32 57.64 18.62
C ASN A 67 32.89 57.90 19.07
N LEU A 68 32.74 58.56 20.22
CA LEU A 68 31.42 58.84 20.78
C LEU A 68 30.37 59.44 19.84
N LYS A 69 30.66 60.58 19.25
CA LYS A 69 29.68 61.21 18.37
C LYS A 69 29.25 60.39 17.16
N ALA A 70 30.20 59.70 16.51
CA ALA A 70 29.87 58.89 15.34
C ALA A 70 29.07 57.67 15.75
N VAL A 71 29.43 57.09 16.89
CA VAL A 71 28.72 55.92 17.40
C VAL A 71 27.29 56.34 17.76
N ALA A 72 27.19 57.48 18.43
CA ALA A 72 25.90 58.00 18.85
C ALA A 72 25.03 58.35 17.65
N GLU A 73 25.59 59.05 16.68
CA GLU A 73 24.83 59.44 15.50
C GLU A 73 24.34 58.24 14.73
N ALA A 74 25.19 57.24 14.60
CA ALA A 74 24.81 56.03 13.86
C ALA A 74 23.71 55.29 14.62
N ASN A 75 23.77 55.32 15.94
CA ASN A 75 22.76 54.65 16.74
C ASN A 75 21.42 55.39 16.72
N GLU A 76 21.46 56.71 16.51
CA GLU A 76 20.24 57.50 16.41
C GLU A 76 19.50 57.07 15.15
N LYS A 77 20.24 56.98 14.04
CA LYS A 77 19.67 56.58 12.77
C LYS A 77 19.15 55.15 12.83
N LEU A 78 19.88 54.29 13.55
CA LEU A 78 19.47 52.90 13.70
C LEU A 78 18.17 52.79 14.50
N ALA A 79 18.09 53.55 15.58
CA ALA A 79 16.89 53.57 16.43
C ALA A 79 15.69 54.00 15.60
N ALA A 80 15.87 55.04 14.80
CA ALA A 80 14.80 55.54 13.95
C ALA A 80 14.32 54.46 12.98
N ALA A 81 15.28 53.78 12.33
CA ALA A 81 14.97 52.72 11.39
C ALA A 81 14.26 51.52 12.04
N VAL A 82 14.75 51.07 13.18
CA VAL A 82 14.16 49.95 13.90
C VAL A 82 12.74 50.31 14.39
N ASP A 83 12.58 51.56 14.81
CA ASP A 83 11.30 52.07 15.28
C ASP A 83 10.27 51.97 14.14
N GLN A 84 10.64 52.42 12.95
CA GLN A 84 9.74 52.36 11.82
C GLN A 84 9.36 50.93 11.45
N VAL A 85 10.33 50.01 11.52
CA VAL A 85 10.09 48.60 11.20
C VAL A 85 9.05 48.02 12.18
N VAL A 86 9.22 48.33 13.46
CA VAL A 86 8.31 47.85 14.49
C VAL A 86 6.90 48.43 14.28
N GLN A 87 6.83 49.70 13.91
CA GLN A 87 5.55 50.35 13.67
C GLN A 87 4.85 49.73 12.47
N ARG A 88 5.61 49.17 11.55
CA ARG A 88 5.04 48.53 10.37
C ARG A 88 4.60 47.12 10.68
N GLY A 89 4.72 46.71 11.94
CA GLY A 89 4.32 45.36 12.32
C GLY A 89 5.28 44.29 11.88
N ARG A 90 6.54 44.65 11.66
CA ARG A 90 7.53 43.68 11.22
C ARG A 90 8.55 43.41 12.32
N PHE A 91 9.26 42.30 12.18
CA PHE A 91 10.28 41.89 13.13
C PHE A 91 11.60 42.49 12.67
N PRO A 92 12.24 43.29 13.53
CA PRO A 92 13.52 43.90 13.15
C PRO A 92 14.69 42.94 13.42
N LEU A 93 15.41 42.59 12.34
CA LEU A 93 16.56 41.70 12.41
C LEU A 93 17.77 42.56 11.99
N VAL A 94 18.58 42.93 12.99
CA VAL A 94 19.75 43.78 12.79
C VAL A 94 21.06 42.98 12.71
N LEU A 95 21.86 43.27 11.69
CA LEU A 95 23.14 42.58 11.46
C LEU A 95 24.29 43.56 11.67
N GLY A 96 25.20 43.23 12.59
CA GLY A 96 26.34 44.09 12.86
C GLY A 96 27.60 43.63 12.16
N GLY A 97 28.72 44.34 12.34
CA GLY A 97 28.75 45.53 13.17
C GLY A 97 29.09 45.14 14.61
N ASP A 98 29.84 45.98 15.31
CA ASP A 98 30.20 45.65 16.69
C ASP A 98 28.99 45.83 17.60
N HIS A 99 29.12 45.38 18.85
CA HIS A 99 28.00 45.41 19.78
C HIS A 99 27.43 46.76 20.18
N SER A 100 28.16 47.84 19.92
CA SER A 100 27.66 49.18 20.28
C SER A 100 26.32 49.48 19.61
N ILE A 101 26.01 48.77 18.53
CA ILE A 101 24.75 48.98 17.80
C ILE A 101 23.54 48.53 18.60
N ALA A 102 23.76 47.74 19.65
CA ALA A 102 22.66 47.28 20.49
C ALA A 102 21.96 48.49 21.13
N ILE A 103 22.70 49.59 21.29
CA ILE A 103 22.16 50.81 21.87
C ILE A 103 21.04 51.36 20.98
N GLY A 104 21.29 51.39 19.67
CA GLY A 104 20.29 51.86 18.70
C GLY A 104 19.14 50.87 18.53
N THR A 105 19.46 49.58 18.43
CA THR A 105 18.44 48.56 18.29
C THR A 105 17.45 48.61 19.46
N LEU A 106 17.98 48.60 20.68
CA LEU A 106 17.14 48.64 21.87
C LEU A 106 16.36 49.95 21.97
N ALA A 107 16.97 51.04 21.52
CA ALA A 107 16.32 52.35 21.53
C ALA A 107 15.10 52.34 20.62
N GLY A 108 15.21 51.69 19.46
CA GLY A 108 14.10 51.63 18.53
C GLY A 108 12.99 50.65 18.91
N VAL A 109 13.33 49.62 19.68
CA VAL A 109 12.37 48.61 20.07
C VAL A 109 11.70 48.79 21.44
N ALA A 110 12.49 49.07 22.47
CA ALA A 110 11.99 49.20 23.85
C ALA A 110 10.75 50.07 24.09
N LYS A 111 10.67 51.21 23.41
CA LYS A 111 9.55 52.15 23.53
C LYS A 111 8.22 51.46 23.23
N HIS A 112 8.25 50.41 22.41
CA HIS A 112 7.06 49.68 22.02
C HIS A 112 6.58 48.61 23.01
N TYR A 113 7.31 48.42 24.11
CA TYR A 113 6.93 47.40 25.08
C TYR A 113 6.87 47.95 26.49
N GLU A 114 5.95 47.40 27.27
CA GLU A 114 5.76 47.78 28.68
C GLU A 114 6.96 47.32 29.50
N ARG A 115 7.37 46.08 29.26
CA ARG A 115 8.49 45.46 29.97
C ARG A 115 9.32 44.60 29.04
N LEU A 116 10.21 45.22 28.28
CA LEU A 116 11.02 44.46 27.34
C LEU A 116 12.12 43.67 28.03
N GLY A 117 12.17 42.38 27.72
CA GLY A 117 13.20 41.50 28.24
C GLY A 117 14.39 41.45 27.28
N VAL A 118 15.54 40.99 27.77
CA VAL A 118 16.74 40.90 26.94
C VAL A 118 17.58 39.68 27.29
N ILE A 119 17.96 38.93 26.26
CA ILE A 119 18.84 37.77 26.41
C ILE A 119 20.14 38.25 25.76
N TRP A 120 21.17 38.39 26.58
CA TRP A 120 22.49 38.83 26.12
C TRP A 120 23.42 37.61 26.08
N TYR A 121 23.51 37.04 24.87
CA TYR A 121 24.28 35.84 24.55
C TYR A 121 25.65 36.36 24.15
N ASP A 122 26.64 36.18 25.03
CA ASP A 122 27.95 36.79 24.81
C ASP A 122 28.96 36.21 25.80
N ALA A 123 30.24 36.32 25.46
CA ALA A 123 31.32 35.87 26.34
C ALA A 123 31.60 36.97 27.38
N HIS A 124 31.07 38.16 27.10
CA HIS A 124 31.26 39.36 27.92
C HIS A 124 29.94 39.93 28.43
N GLY A 125 30.01 40.75 29.49
CA GLY A 125 28.81 41.34 30.04
C GLY A 125 28.39 42.65 29.38
N ASP A 126 29.37 43.34 28.80
CA ASP A 126 29.18 44.62 28.12
C ASP A 126 28.47 45.68 28.97
N VAL A 127 28.79 45.67 30.27
CA VAL A 127 28.22 46.60 31.26
C VAL A 127 29.22 47.64 31.81
N ASN A 128 30.20 48.01 30.99
CA ASN A 128 31.15 49.04 31.38
C ASN A 128 30.58 50.42 31.09
N THR A 129 31.16 51.44 31.72
CA THR A 129 30.77 52.84 31.53
C THR A 129 32.07 53.57 31.20
N ALA A 130 31.98 54.87 30.94
CA ALA A 130 33.18 55.67 30.64
C ALA A 130 34.18 55.57 31.80
N GLU A 131 33.66 55.51 33.02
CA GLU A 131 34.49 55.42 34.23
C GLU A 131 35.10 54.08 34.48
N THR A 132 34.39 53.01 34.16
CA THR A 132 34.92 51.68 34.41
C THR A 132 35.64 51.03 33.23
N SER A 133 35.41 51.54 32.03
CA SER A 133 36.03 50.95 30.85
C SER A 133 37.55 51.02 30.79
N PRO A 134 38.22 49.86 30.68
CA PRO A 134 39.68 49.84 30.60
C PRO A 134 40.19 50.17 29.20
N SER A 135 39.27 50.32 28.24
CA SER A 135 39.66 50.58 26.86
C SER A 135 39.02 51.80 26.19
N GLY A 136 37.80 52.13 26.62
CA GLY A 136 37.08 53.25 26.02
C GLY A 136 36.27 52.78 24.82
N ASN A 137 36.25 51.46 24.57
CA ASN A 137 35.49 50.88 23.46
C ASN A 137 34.03 50.78 23.84
N ILE A 138 33.21 51.51 23.10
CA ILE A 138 31.78 51.55 23.37
C ILE A 138 31.06 50.22 23.18
N HIS A 139 31.67 49.28 22.45
CA HIS A 139 31.03 47.98 22.25
C HIS A 139 31.01 47.16 23.54
N GLY A 140 31.71 47.68 24.57
CA GLY A 140 31.77 47.04 25.88
C GLY A 140 30.90 47.76 26.91
N MET A 141 30.06 48.67 26.40
CA MET A 141 29.15 49.48 27.21
C MET A 141 27.66 49.42 26.84
N PRO A 142 27.26 48.84 25.68
CA PRO A 142 25.84 48.83 25.32
C PRO A 142 24.78 48.31 26.29
N LEU A 143 25.07 47.25 27.05
CA LEU A 143 24.09 46.75 27.99
C LEU A 143 23.89 47.75 29.13
N ALA A 144 25.01 48.27 29.66
CA ALA A 144 24.94 49.26 30.75
C ALA A 144 24.20 50.52 30.28
N ALA A 145 24.56 51.02 29.10
CA ALA A 145 23.93 52.22 28.57
C ALA A 145 22.43 52.03 28.40
N SER A 146 22.01 50.87 27.91
CA SER A 146 20.59 50.61 27.68
C SER A 146 19.82 50.51 29.00
N LEU A 147 20.53 50.20 30.08
CA LEU A 147 19.95 50.12 31.41
C LEU A 147 19.97 51.52 32.04
N GLY A 148 20.44 52.51 31.27
CA GLY A 148 20.50 53.89 31.74
C GLY A 148 21.78 54.30 32.48
N PHE A 149 22.80 53.47 32.43
CA PHE A 149 24.06 53.77 33.08
C PHE A 149 25.15 54.03 32.05
N GLY A 150 25.63 55.27 31.99
CA GLY A 150 26.67 55.62 31.05
C GLY A 150 26.56 57.07 30.61
N HIS A 151 27.28 57.41 29.55
CA HIS A 151 27.28 58.77 29.00
C HIS A 151 25.91 59.06 28.42
N PRO A 152 25.35 60.24 28.72
CA PRO A 152 24.03 60.64 28.21
C PRO A 152 23.89 60.57 26.69
N ALA A 153 25.01 60.68 25.99
CA ALA A 153 25.01 60.60 24.53
C ALA A 153 24.56 59.22 24.10
N LEU A 154 24.83 58.23 24.96
CA LEU A 154 24.44 56.85 24.67
C LEU A 154 23.15 56.45 25.39
N THR A 155 22.97 56.89 26.63
CA THR A 155 21.78 56.53 27.38
C THR A 155 20.52 57.21 26.89
N GLN A 156 20.68 58.37 26.28
CA GLN A 156 19.53 59.11 25.82
C GLN A 156 19.09 58.89 24.39
N ILE A 157 19.79 58.01 23.67
CA ILE A 157 19.46 57.72 22.27
C ILE A 157 17.94 57.42 22.15
N GLY A 158 17.30 57.99 21.12
CA GLY A 158 15.88 57.76 20.94
C GLY A 158 15.03 58.68 21.79
N GLY A 159 15.67 59.45 22.65
CA GLY A 159 14.94 60.38 23.49
C GLY A 159 14.31 59.85 24.75
N TYR A 160 14.74 58.69 25.23
CA TYR A 160 14.18 58.17 26.47
C TYR A 160 15.18 57.26 27.14
N SER A 161 14.97 57.01 28.43
CA SER A 161 15.89 56.23 29.24
C SER A 161 15.24 55.79 30.56
N PRO A 162 15.49 54.55 31.00
CA PRO A 162 16.32 53.54 30.36
C PRO A 162 15.44 52.73 29.41
N LYS A 163 16.04 51.95 28.53
CA LYS A 163 15.26 51.12 27.62
C LYS A 163 14.70 49.87 28.31
N ILE A 164 15.50 49.24 29.17
CA ILE A 164 15.06 48.04 29.90
C ILE A 164 15.51 48.05 31.36
N LYS A 165 14.87 47.20 32.17
CA LYS A 165 15.18 47.09 33.58
C LYS A 165 16.14 45.91 33.77
N PRO A 166 17.01 45.96 34.79
CA PRO A 166 18.01 44.93 35.13
C PRO A 166 17.40 43.55 35.37
N GLU A 167 16.24 43.53 36.01
CA GLU A 167 15.50 42.29 36.34
C GLU A 167 14.90 41.62 35.11
N HIS A 168 15.01 42.28 33.95
CA HIS A 168 14.49 41.73 32.71
C HIS A 168 15.58 41.33 31.74
N VAL A 169 16.82 41.24 32.27
CA VAL A 169 17.97 40.87 31.47
C VAL A 169 18.51 39.50 31.91
N VAL A 170 18.92 38.68 30.96
CA VAL A 170 19.54 37.40 31.27
C VAL A 170 20.80 37.28 30.39
N LEU A 171 21.96 37.15 31.04
CA LEU A 171 23.22 37.00 30.33
C LEU A 171 23.49 35.49 30.18
N ILE A 172 23.94 35.08 29.00
CA ILE A 172 24.22 33.67 28.74
C ILE A 172 25.56 33.46 28.05
N GLY A 173 26.37 32.56 28.62
CA GLY A 173 27.68 32.24 28.04
C GLY A 173 28.85 33.07 28.49
N VAL A 174 28.65 33.90 29.52
CA VAL A 174 29.71 34.79 30.00
C VAL A 174 30.91 34.06 30.60
N ARG A 175 32.11 34.58 30.30
CA ARG A 175 33.34 34.00 30.81
C ARG A 175 34.48 35.02 30.84
N SER A 176 34.14 36.31 30.72
CA SER A 176 35.15 37.37 30.73
C SER A 176 34.58 38.71 31.20
N LEU A 177 34.61 38.94 32.51
CA LEU A 177 34.08 40.18 33.10
C LEU A 177 35.12 40.95 33.87
N ASP A 178 35.15 42.28 33.70
CA ASP A 178 36.07 43.13 34.47
C ASP A 178 35.49 43.10 35.89
N GLU A 179 36.29 43.40 36.89
CA GLU A 179 35.79 43.44 38.26
C GLU A 179 34.65 44.41 38.45
N GLY A 180 34.71 45.54 37.76
CA GLY A 180 33.64 46.52 37.86
C GLY A 180 32.34 45.99 37.28
N GLU A 181 32.45 45.18 36.23
CA GLU A 181 31.30 44.57 35.58
C GLU A 181 30.67 43.56 36.53
N LYS A 182 31.49 42.77 37.21
CA LYS A 182 30.97 41.78 38.15
C LYS A 182 30.21 42.51 39.25
N LYS A 183 30.74 43.66 39.65
CA LYS A 183 30.12 44.49 40.67
C LYS A 183 28.79 45.03 40.15
N PHE A 184 28.78 45.51 38.91
CA PHE A 184 27.58 46.05 38.28
C PHE A 184 26.49 44.98 38.21
N ILE A 185 26.85 43.81 37.71
CA ILE A 185 25.92 42.68 37.56
C ILE A 185 25.37 42.24 38.92
N ARG A 186 26.27 42.17 39.90
CA ARG A 186 25.94 41.77 41.26
C ARG A 186 24.99 42.79 41.92
N GLU A 187 25.34 44.06 41.82
CA GLU A 187 24.54 45.11 42.41
C GLU A 187 23.24 45.40 41.73
N LYS A 188 23.19 45.31 40.40
CA LYS A 188 21.94 45.57 39.68
C LYS A 188 21.03 44.34 39.71
N GLY A 189 21.57 43.22 40.18
CA GLY A 189 20.80 41.99 40.27
C GLY A 189 20.43 41.43 38.91
N ILE A 190 21.37 41.44 37.98
CA ILE A 190 21.15 40.91 36.64
C ILE A 190 21.35 39.39 36.63
N LYS A 191 20.38 38.67 36.07
CA LYS A 191 20.43 37.21 35.98
C LYS A 191 21.55 36.83 35.00
N ILE A 192 22.40 35.90 35.41
CA ILE A 192 23.53 35.53 34.57
C ILE A 192 23.92 34.07 34.64
N TYR A 193 24.16 33.49 33.47
CA TYR A 193 24.62 32.11 33.38
C TYR A 193 25.97 32.14 32.70
N THR A 194 27.02 32.05 33.50
CA THR A 194 28.37 32.02 32.97
C THR A 194 28.60 30.60 32.42
N MET A 195 29.78 30.36 31.87
CA MET A 195 30.10 29.02 31.37
C MET A 195 30.07 27.98 32.51
N HIS A 196 30.26 28.44 33.74
CA HIS A 196 30.22 27.54 34.88
C HIS A 196 28.83 26.93 34.99
N GLU A 197 27.78 27.76 34.91
CA GLU A 197 26.40 27.29 34.98
C GLU A 197 26.02 26.49 33.73
N VAL A 198 26.58 26.84 32.58
CA VAL A 198 26.25 26.10 31.38
C VAL A 198 26.82 24.69 31.53
N ASP A 199 28.07 24.59 31.98
CA ASP A 199 28.69 23.28 32.17
C ASP A 199 28.01 22.49 33.29
N ARG A 200 27.65 23.16 34.37
CA ARG A 200 27.07 22.50 35.52
C ARG A 200 25.62 22.11 35.35
N LEU A 201 24.83 22.97 34.73
CA LEU A 201 23.42 22.68 34.55
C LEU A 201 23.09 22.12 33.18
N GLY A 202 23.91 22.48 32.19
CA GLY A 202 23.66 22.05 30.82
C GLY A 202 22.84 23.13 30.13
N MET A 203 23.01 23.27 28.81
CA MET A 203 22.30 24.30 28.07
C MET A 203 20.76 24.19 28.10
N THR A 204 20.24 22.97 28.15
CA THR A 204 18.78 22.77 28.18
C THR A 204 18.16 23.44 29.42
N ARG A 205 18.76 23.21 30.58
CA ARG A 205 18.26 23.81 31.81
C ARG A 205 18.47 25.30 31.83
N VAL A 206 19.61 25.77 31.32
CA VAL A 206 19.89 27.21 31.28
C VAL A 206 18.80 27.90 30.47
N MET A 207 18.48 27.36 29.30
CA MET A 207 17.44 27.90 28.43
C MET A 207 16.02 27.80 29.02
N GLU A 208 15.68 26.65 29.62
CA GLU A 208 14.37 26.49 30.24
C GLU A 208 14.14 27.52 31.31
N GLU A 209 15.15 27.71 32.18
CA GLU A 209 15.06 28.69 33.26
C GLU A 209 14.99 30.11 32.70
N THR A 210 15.77 30.38 31.66
CA THR A 210 15.80 31.70 31.05
C THR A 210 14.45 32.05 30.45
N ILE A 211 13.92 31.15 29.63
CA ILE A 211 12.63 31.34 29.00
C ILE A 211 11.52 31.54 30.03
N ALA A 212 11.46 30.68 31.04
CA ALA A 212 10.44 30.77 32.10
C ALA A 212 10.56 32.05 32.88
N TYR A 213 11.79 32.46 33.13
CA TYR A 213 12.07 33.67 33.90
C TYR A 213 11.55 34.90 33.17
N LEU A 214 11.83 34.96 31.88
CA LEU A 214 11.42 36.10 31.08
C LEU A 214 9.95 36.09 30.72
N LYS A 215 9.45 34.95 30.26
CA LYS A 215 8.05 34.82 29.86
C LYS A 215 7.13 35.26 30.99
N GLU A 216 7.64 35.07 32.20
CA GLU A 216 6.94 35.39 33.43
C GLU A 216 6.94 36.86 33.83
N ARG A 217 7.77 37.70 33.18
CA ARG A 217 7.80 39.10 33.57
C ARG A 217 8.02 40.15 32.48
N THR A 218 7.91 39.76 31.23
CA THR A 218 8.11 40.68 30.13
C THR A 218 6.99 40.51 29.10
N ASP A 219 6.86 41.46 28.19
CA ASP A 219 5.85 41.36 27.16
C ASP A 219 6.50 41.32 25.76
N GLY A 220 7.81 41.15 25.77
CA GLY A 220 8.57 41.08 24.53
C GLY A 220 9.99 40.75 24.94
N VAL A 221 10.75 40.04 24.10
CA VAL A 221 12.14 39.71 24.42
C VAL A 221 13.07 39.99 23.24
N HIS A 222 14.12 40.77 23.50
CA HIS A 222 15.10 41.06 22.47
C HIS A 222 16.32 40.13 22.63
N LEU A 223 16.74 39.48 21.55
CA LEU A 223 17.91 38.62 21.59
C LEU A 223 19.08 39.41 21.02
N SER A 224 20.12 39.61 21.84
CA SER A 224 21.30 40.35 21.38
C SER A 224 22.45 39.32 21.40
N LEU A 225 22.71 38.74 20.23
CA LEU A 225 23.73 37.69 20.12
C LEU A 225 25.09 38.12 19.53
N ASP A 226 26.11 38.08 20.39
CA ASP A 226 27.51 38.39 20.03
C ASP A 226 28.12 37.03 19.68
N LEU A 227 28.62 36.91 18.46
CA LEU A 227 29.22 35.65 18.03
C LEU A 227 30.39 35.18 18.89
N ASP A 228 30.96 36.09 19.68
CA ASP A 228 32.05 35.67 20.57
C ASP A 228 31.55 34.85 21.76
N GLY A 229 30.22 34.73 21.89
CA GLY A 229 29.64 33.91 22.93
C GLY A 229 30.05 32.47 22.63
N LEU A 230 30.11 32.10 21.34
CA LEU A 230 30.54 30.77 20.94
C LEU A 230 32.06 30.65 21.05
N ASP A 231 32.55 29.43 21.24
CA ASP A 231 33.98 29.18 21.34
C ASP A 231 34.70 29.62 20.05
N PRO A 232 35.89 30.19 20.16
CA PRO A 232 36.67 30.64 19.00
C PRO A 232 36.87 29.55 17.93
N SER A 233 36.79 28.28 18.30
CA SER A 233 36.97 27.20 17.35
C SER A 233 35.74 27.09 16.43
N ASP A 234 34.58 27.52 16.92
CA ASP A 234 33.33 27.51 16.14
C ASP A 234 33.09 28.86 15.47
N ALA A 235 33.50 29.94 16.15
CA ALA A 235 33.31 31.29 15.61
C ALA A 235 34.60 32.08 15.73
N PRO A 236 35.59 31.76 14.89
CA PRO A 236 36.89 32.46 14.92
C PRO A 236 36.91 33.93 14.50
N GLY A 237 35.99 34.35 13.63
CA GLY A 237 35.99 35.72 13.17
C GLY A 237 35.35 36.75 14.06
N VAL A 238 35.97 36.98 15.22
CA VAL A 238 35.45 37.95 16.19
C VAL A 238 36.62 38.73 16.77
N GLY A 239 36.38 39.97 17.16
CA GLY A 239 37.45 40.81 17.67
C GLY A 239 37.96 40.50 19.06
N THR A 240 37.08 39.99 19.93
CA THR A 240 37.47 39.66 21.28
C THR A 240 37.16 38.19 21.61
N PRO A 241 37.90 37.25 21.01
CA PRO A 241 37.64 35.83 21.28
C PRO A 241 38.03 35.44 22.70
N VAL A 242 37.31 34.52 23.30
CA VAL A 242 37.61 34.04 24.65
C VAL A 242 37.39 32.52 24.62
N ILE A 243 38.45 31.76 24.88
CA ILE A 243 38.37 30.29 24.86
C ILE A 243 37.39 29.72 25.89
N GLY A 244 37.02 28.46 25.70
CA GLY A 244 36.09 27.78 26.59
C GLY A 244 34.68 28.27 26.38
N GLY A 245 34.29 28.45 25.11
CA GLY A 245 32.96 28.93 24.80
C GLY A 245 31.89 27.93 24.50
N LEU A 246 30.72 28.47 24.15
CA LEU A 246 29.53 27.69 23.77
C LEU A 246 29.79 27.00 22.44
N THR A 247 29.36 25.75 22.33
CA THR A 247 29.55 25.00 21.10
C THR A 247 28.51 25.36 20.04
N TYR A 248 28.77 24.90 18.82
CA TYR A 248 27.88 25.11 17.70
C TYR A 248 26.51 24.49 18.03
N ARG A 249 26.54 23.25 18.51
CA ARG A 249 25.33 22.52 18.91
C ARG A 249 24.55 23.19 20.05
N GLU A 250 25.25 23.66 21.08
CA GLU A 250 24.58 24.32 22.20
C GLU A 250 23.82 25.55 21.74
N SER A 251 24.42 26.27 20.79
CA SER A 251 23.84 27.49 20.25
C SER A 251 22.59 27.20 19.42
N HIS A 252 22.63 26.14 18.64
CA HIS A 252 21.49 25.75 17.83
C HIS A 252 20.36 25.33 18.77
N LEU A 253 20.70 24.59 19.83
CA LEU A 253 19.68 24.16 20.78
C LEU A 253 19.02 25.39 21.41
N ALA A 254 19.84 26.36 21.78
CA ALA A 254 19.32 27.58 22.39
C ALA A 254 18.36 28.29 21.45
N MET A 255 18.73 28.41 20.17
CA MET A 255 17.87 29.08 19.17
C MET A 255 16.56 28.31 18.92
N GLU A 256 16.65 26.98 18.87
CA GLU A 256 15.50 26.12 18.64
C GLU A 256 14.55 26.22 19.82
N MET A 257 15.09 26.33 21.03
CA MET A 257 14.24 26.43 22.21
C MET A 257 13.57 27.78 22.30
N LEU A 258 14.25 28.82 21.83
CA LEU A 258 13.68 30.18 21.83
C LEU A 258 12.57 30.22 20.78
N ALA A 259 12.84 29.60 19.62
CA ALA A 259 11.87 29.54 18.52
C ALA A 259 10.61 28.83 19.03
N GLU A 260 10.82 27.72 19.73
CA GLU A 260 9.73 26.93 20.27
C GLU A 260 8.91 27.74 21.29
N ALA A 261 9.58 28.54 22.10
CA ALA A 261 8.92 29.34 23.12
C ALA A 261 8.14 30.51 22.53
N GLN A 262 8.55 30.95 21.34
CA GLN A 262 7.92 32.07 20.65
C GLN A 262 7.95 33.38 21.45
N ILE A 263 9.05 33.62 22.16
CA ILE A 263 9.18 34.83 22.95
C ILE A 263 10.03 35.91 22.33
N ILE A 264 10.79 35.58 21.30
CA ILE A 264 11.68 36.56 20.67
C ILE A 264 10.95 37.49 19.72
N THR A 265 11.00 38.77 20.04
CA THR A 265 10.31 39.81 19.26
C THR A 265 11.21 40.72 18.44
N SER A 266 12.52 40.62 18.67
CA SER A 266 13.54 41.38 17.94
C SER A 266 14.88 40.67 18.14
N ALA A 267 15.81 40.86 17.23
CA ALA A 267 17.12 40.21 17.36
C ALA A 267 18.22 40.89 16.56
N GLU A 268 19.46 40.72 17.02
CA GLU A 268 20.62 41.26 16.32
C GLU A 268 21.78 40.29 16.49
N PHE A 269 22.55 40.13 15.42
CA PHE A 269 23.72 39.26 15.41
C PHE A 269 24.93 40.16 15.15
N VAL A 270 25.78 40.28 16.17
CA VAL A 270 26.92 41.17 16.11
C VAL A 270 28.32 40.59 16.24
N GLU A 271 29.30 41.43 15.97
CA GLU A 271 30.71 41.12 16.09
C GLU A 271 31.34 40.23 15.04
N VAL A 272 30.61 39.95 13.98
CA VAL A 272 31.15 39.13 12.90
C VAL A 272 32.20 39.95 12.14
N ASN A 273 33.44 39.47 12.17
CA ASN A 273 34.55 40.13 11.49
C ASN A 273 35.17 39.16 10.48
N PRO A 274 34.85 39.31 9.18
CA PRO A 274 35.37 38.46 8.08
C PRO A 274 36.90 38.48 8.00
N ILE A 275 37.45 39.65 8.31
CA ILE A 275 38.88 39.89 8.27
C ILE A 275 39.67 39.07 9.29
N LEU A 276 38.99 38.59 10.33
CA LEU A 276 39.64 37.76 11.36
C LEU A 276 39.13 36.32 11.27
N ASP A 277 38.31 36.06 10.26
CA ASP A 277 37.66 34.77 10.06
C ASP A 277 38.40 33.77 9.16
N GLU A 278 37.87 32.55 9.12
CA GLU A 278 38.38 31.48 8.28
C GLU A 278 37.28 31.16 7.29
N ARG A 279 37.41 31.66 6.07
CA ARG A 279 36.45 31.44 4.99
C ARG A 279 34.99 31.66 5.36
N ASN A 280 34.71 32.80 5.96
CA ASN A 280 33.35 33.17 6.33
C ASN A 280 32.61 32.21 7.26
N LYS A 281 33.37 31.40 7.99
CA LYS A 281 32.80 30.44 8.92
C LYS A 281 31.86 31.08 9.95
N THR A 282 32.30 32.18 10.52
CA THR A 282 31.53 32.88 11.55
C THR A 282 30.21 33.45 11.05
N ALA A 283 30.24 34.05 9.86
CA ALA A 283 29.02 34.61 9.25
C ALA A 283 28.06 33.46 8.94
N SER A 284 28.62 32.32 8.54
CA SER A 284 27.84 31.15 8.21
C SER A 284 27.20 30.58 9.45
N VAL A 285 27.95 30.60 10.56
CA VAL A 285 27.40 30.09 11.82
C VAL A 285 26.21 30.98 12.21
N ALA A 286 26.39 32.30 12.10
CA ALA A 286 25.35 33.28 12.44
C ALA A 286 24.05 33.05 11.66
N VAL A 287 24.21 32.79 10.37
CA VAL A 287 23.07 32.53 9.48
C VAL A 287 22.34 31.22 9.87
N ALA A 288 23.11 30.17 10.16
CA ALA A 288 22.51 28.89 10.54
C ALA A 288 21.71 29.08 11.83
N LEU A 289 22.28 29.87 12.76
CA LEU A 289 21.63 30.16 14.04
C LEU A 289 20.35 30.96 13.82
N MET A 290 20.41 31.94 12.91
CA MET A 290 19.22 32.72 12.57
C MET A 290 18.14 31.77 12.02
N GLY A 291 18.56 30.80 11.20
CA GLY A 291 17.64 29.82 10.64
C GLY A 291 16.89 29.12 11.77
N SER A 292 17.61 28.62 12.77
CA SER A 292 17.00 27.93 13.90
C SER A 292 16.09 28.85 14.69
N LEU A 293 16.56 30.08 14.91
CA LEU A 293 15.79 31.06 15.66
C LEU A 293 14.41 31.31 15.04
N PHE A 294 14.37 31.36 13.72
CA PHE A 294 13.15 31.61 13.00
C PHE A 294 12.30 30.40 12.66
N GLY A 295 12.53 29.28 13.35
CA GLY A 295 11.71 28.10 13.11
C GLY A 295 12.22 26.91 12.35
N GLU A 296 13.42 27.00 11.79
CA GLU A 296 13.99 25.88 11.04
C GLU A 296 14.17 24.68 11.99
N LYS A 297 13.64 23.54 11.57
CA LYS A 297 13.71 22.33 12.38
C LYS A 297 14.35 21.19 11.61
N LEU A 298 15.05 20.31 12.32
CA LEU A 298 15.69 19.15 11.70
C LEU A 298 14.65 18.15 11.22
N MET A 299 13.57 18.04 11.98
CA MET A 299 12.43 17.16 11.69
C MET A 299 11.22 18.10 11.77
N LYS B 2 28.47 -15.18 20.87
CA LYS B 2 28.15 -15.67 19.49
C LYS B 2 29.28 -15.29 18.53
N PRO B 3 29.75 -16.26 17.71
CA PRO B 3 30.84 -16.03 16.75
C PRO B 3 30.42 -14.98 15.75
N ILE B 4 31.39 -14.28 15.19
CA ILE B 4 31.14 -13.22 14.22
C ILE B 4 31.71 -13.58 12.85
N SER B 5 30.98 -13.16 11.82
CA SER B 5 31.43 -13.35 10.44
C SER B 5 31.42 -11.99 9.80
N ILE B 6 32.57 -11.57 9.31
CA ILE B 6 32.69 -10.28 8.64
C ILE B 6 32.51 -10.49 7.15
N ILE B 7 31.69 -9.61 6.55
CA ILE B 7 31.46 -9.65 5.10
C ILE B 7 31.73 -8.22 4.64
N GLY B 8 32.65 -8.07 3.71
CA GLY B 8 32.94 -6.75 3.17
C GLY B 8 32.13 -6.57 1.90
N VAL B 9 31.67 -5.34 1.67
CA VAL B 9 30.88 -5.04 0.48
C VAL B 9 31.46 -3.73 -0.07
N PRO B 10 32.43 -3.84 -0.98
CA PRO B 10 33.12 -2.73 -1.63
C PRO B 10 32.25 -2.04 -2.66
N MET B 11 31.15 -1.48 -2.17
CA MET B 11 30.14 -0.81 -2.97
C MET B 11 30.18 0.71 -2.96
N ASP B 12 30.17 1.34 -4.13
CA ASP B 12 30.12 2.79 -4.18
C ASP B 12 29.08 3.27 -5.20
N LEU B 13 28.35 2.30 -5.76
CA LEU B 13 27.32 2.56 -6.78
C LEU B 13 26.03 3.18 -6.26
N GLY B 14 25.87 3.18 -4.92
CA GLY B 14 24.69 3.76 -4.30
C GLY B 14 24.76 5.27 -4.21
N GLN B 15 25.90 5.83 -4.62
CA GLN B 15 26.10 7.26 -4.61
C GLN B 15 27.16 7.59 -5.66
N THR B 16 27.57 8.86 -5.76
CA THR B 16 28.51 9.26 -6.80
C THR B 16 29.97 9.48 -6.49
N ARG B 17 30.35 9.54 -5.23
CA ARG B 17 31.76 9.77 -4.90
C ARG B 17 32.53 8.46 -4.79
N ARG B 18 33.48 8.26 -5.67
CA ARG B 18 34.27 7.04 -5.64
C ARG B 18 35.12 6.98 -4.37
N GLY B 19 35.50 5.76 -3.98
CA GLY B 19 36.34 5.61 -2.81
C GLY B 19 35.72 4.88 -1.65
N VAL B 20 34.39 4.96 -1.50
CA VAL B 20 33.72 4.29 -0.40
C VAL B 20 33.77 2.78 -0.58
N ASP B 21 34.18 2.35 -1.77
CA ASP B 21 34.34 0.93 -2.05
C ASP B 21 35.62 0.44 -1.39
N MET B 22 36.42 1.38 -0.89
CA MET B 22 37.68 1.10 -0.20
C MET B 22 37.44 1.01 1.30
N GLY B 23 36.22 1.34 1.73
CA GLY B 23 35.85 1.29 3.12
C GLY B 23 36.09 -0.04 3.83
N PRO B 24 35.69 -1.20 3.25
CA PRO B 24 35.91 -2.50 3.90
C PRO B 24 37.38 -2.78 4.25
N SER B 25 38.28 -2.59 3.29
CA SER B 25 39.67 -2.85 3.56
C SER B 25 40.37 -1.77 4.41
N ALA B 26 39.83 -0.55 4.42
CA ALA B 26 40.40 0.52 5.25
C ALA B 26 40.12 0.12 6.70
N MET B 27 38.94 -0.47 6.93
CA MET B 27 38.56 -0.91 8.26
C MET B 27 39.33 -2.15 8.68
N ARG B 28 39.63 -3.02 7.70
CA ARG B 28 40.44 -4.21 7.98
C ARG B 28 41.83 -3.75 8.37
N TYR B 29 42.35 -2.76 7.66
CA TYR B 29 43.68 -2.22 7.95
C TYR B 29 43.68 -1.43 9.25
N ALA B 30 42.51 -0.93 9.67
CA ALA B 30 42.42 -0.21 10.93
C ALA B 30 42.42 -1.22 12.07
N GLY B 31 42.45 -2.50 11.71
CA GLY B 31 42.55 -3.55 12.71
C GLY B 31 41.32 -4.17 13.30
N VAL B 32 40.24 -4.25 12.53
CA VAL B 32 38.99 -4.80 13.06
C VAL B 32 39.09 -6.24 13.57
N ILE B 33 39.82 -7.09 12.86
CA ILE B 33 39.96 -8.50 13.25
C ILE B 33 40.70 -8.65 14.57
N GLU B 34 41.82 -7.96 14.67
CA GLU B 34 42.64 -8.01 15.87
C GLU B 34 41.89 -7.42 17.07
N ARG B 35 41.10 -6.39 16.82
CA ARG B 35 40.35 -5.74 17.89
C ARG B 35 39.35 -6.70 18.50
N LEU B 36 38.62 -7.40 17.64
CA LEU B 36 37.59 -8.34 18.08
C LEU B 36 38.18 -9.64 18.64
N GLU B 37 39.29 -10.08 18.06
CA GLU B 37 39.94 -11.28 18.55
C GLU B 37 40.40 -11.06 19.98
N ARG B 38 40.82 -9.82 20.25
CA ARG B 38 41.32 -9.43 21.57
C ARG B 38 40.21 -9.64 22.59
N LEU B 39 38.96 -9.53 22.16
CA LEU B 39 37.82 -9.70 23.05
C LEU B 39 37.42 -11.17 23.14
N HIS B 40 38.30 -12.04 22.69
CA HIS B 40 38.06 -13.49 22.72
C HIS B 40 36.98 -14.03 21.78
N TYR B 41 36.67 -13.28 20.73
CA TYR B 41 35.65 -13.72 19.78
C TYR B 41 36.22 -14.70 18.77
N ASP B 42 35.33 -15.57 18.28
CA ASP B 42 35.64 -16.52 17.22
C ASP B 42 35.22 -15.66 16.02
N ILE B 43 36.20 -15.01 15.39
CA ILE B 43 35.95 -14.12 14.28
C ILE B 43 36.44 -14.70 12.97
N GLU B 44 35.59 -14.61 11.97
CA GLU B 44 35.87 -15.13 10.65
C GLU B 44 35.65 -14.04 9.60
N ASP B 45 36.59 -13.92 8.66
CA ASP B 45 36.45 -12.91 7.62
C ASP B 45 36.11 -13.63 6.32
N LEU B 46 34.87 -13.46 5.87
CA LEU B 46 34.41 -14.13 4.66
C LEU B 46 34.81 -13.48 3.34
N GLY B 47 35.53 -12.37 3.41
CA GLY B 47 35.92 -11.69 2.19
C GLY B 47 34.92 -10.65 1.75
N ASP B 48 34.96 -10.31 0.47
CA ASP B 48 34.08 -9.29 -0.09
C ASP B 48 33.10 -9.84 -1.11
N ILE B 49 31.95 -9.18 -1.20
CA ILE B 49 30.92 -9.53 -2.16
C ILE B 49 31.38 -8.91 -3.49
N PRO B 50 31.34 -9.69 -4.57
CA PRO B 50 31.75 -9.22 -5.91
C PRO B 50 30.72 -8.19 -6.35
N ILE B 51 31.19 -6.99 -6.69
CA ILE B 51 30.29 -5.92 -7.11
C ILE B 51 30.52 -5.65 -8.57
N GLY B 52 29.46 -5.24 -9.26
CA GLY B 52 29.59 -4.97 -10.67
C GLY B 52 30.07 -3.57 -11.03
N LYS B 53 30.24 -3.38 -12.34
CA LYS B 53 30.68 -2.12 -12.89
C LYS B 53 29.43 -1.42 -13.40
N ALA B 54 29.37 -0.11 -13.23
CA ALA B 54 28.22 0.67 -13.69
C ALA B 54 28.14 0.64 -15.23
N GLU B 55 26.98 0.21 -15.75
CA GLU B 55 26.75 0.15 -17.19
C GLU B 55 26.62 1.60 -17.67
N ARG B 56 26.88 1.83 -18.96
CA ARG B 56 26.81 3.18 -19.53
C ARG B 56 25.44 3.86 -19.36
N LEU B 57 25.49 5.10 -18.86
CA LEU B 57 24.30 5.91 -18.58
C LEU B 57 23.23 5.92 -19.66
N HIS B 58 23.66 6.11 -20.91
CA HIS B 58 22.75 6.16 -22.05
C HIS B 58 22.03 4.84 -22.29
N GLU B 59 22.56 3.77 -21.72
CA GLU B 59 21.99 2.43 -21.90
C GLU B 59 20.85 2.04 -20.95
N GLN B 60 21.15 1.86 -19.68
CA GLN B 60 20.12 1.46 -18.74
C GLN B 60 19.33 2.56 -18.09
N GLY B 61 18.03 2.32 -17.97
CA GLY B 61 17.13 3.28 -17.39
C GLY B 61 17.27 3.44 -15.91
N ASP B 62 17.91 4.53 -15.47
CA ASP B 62 18.10 4.81 -14.04
C ASP B 62 18.85 6.09 -13.65
N SER B 63 18.09 7.19 -13.49
CA SER B 63 18.61 8.52 -13.11
C SER B 63 17.98 8.89 -11.78
N ARG B 64 16.75 8.42 -11.56
CA ARG B 64 16.09 8.61 -10.27
C ARG B 64 16.56 7.40 -9.44
N LEU B 65 17.14 6.41 -10.12
CA LEU B 65 17.66 5.19 -9.49
C LEU B 65 19.01 4.80 -10.12
N ARG B 66 20.03 5.62 -9.88
CA ARG B 66 21.37 5.39 -10.43
C ARG B 66 21.93 4.01 -10.11
N ASN B 67 22.47 3.33 -11.12
CA ASN B 67 23.07 2.02 -10.98
C ASN B 67 22.15 0.98 -10.34
N LEU B 68 20.85 1.07 -10.63
CA LEU B 68 19.88 0.15 -10.05
C LEU B 68 20.18 -1.35 -10.16
N LYS B 69 20.40 -1.85 -11.38
CA LYS B 69 20.68 -3.27 -11.59
C LYS B 69 21.91 -3.79 -10.85
N ALA B 70 23.03 -3.06 -10.90
CA ALA B 70 24.28 -3.45 -10.21
C ALA B 70 24.13 -3.39 -8.68
N VAL B 71 23.39 -2.39 -8.20
CA VAL B 71 23.12 -2.24 -6.78
C VAL B 71 22.19 -3.37 -6.32
N ALA B 72 21.19 -3.67 -7.13
CA ALA B 72 20.25 -4.75 -6.81
C ALA B 72 20.96 -6.12 -6.83
N GLU B 73 21.79 -6.33 -7.84
CA GLU B 73 22.52 -7.58 -7.99
C GLU B 73 23.47 -7.83 -6.82
N ALA B 74 24.23 -6.81 -6.47
CA ALA B 74 25.18 -6.89 -5.38
C ALA B 74 24.44 -7.15 -4.07
N ASN B 75 23.28 -6.53 -3.92
CA ASN B 75 22.49 -6.71 -2.71
C ASN B 75 21.86 -8.09 -2.62
N GLU B 76 21.61 -8.74 -3.76
CA GLU B 76 21.05 -10.09 -3.75
C GLU B 76 22.11 -11.03 -3.21
N LYS B 77 23.35 -10.86 -3.68
CA LYS B 77 24.47 -11.69 -3.25
C LYS B 77 24.74 -11.50 -1.76
N LEU B 78 24.64 -10.25 -1.31
CA LEU B 78 24.86 -9.91 0.08
C LEU B 78 23.81 -10.56 0.95
N ALA B 79 22.55 -10.45 0.53
CA ALA B 79 21.44 -11.06 1.28
C ALA B 79 21.67 -12.55 1.46
N ALA B 80 22.08 -13.21 0.38
CA ALA B 80 22.36 -14.65 0.40
C ALA B 80 23.46 -14.98 1.38
N ALA B 81 24.55 -14.21 1.32
CA ALA B 81 25.70 -14.41 2.21
C ALA B 81 25.38 -14.17 3.71
N VAL B 82 24.60 -13.13 3.99
CA VAL B 82 24.21 -12.78 5.36
C VAL B 82 23.28 -13.86 5.90
N ASP B 83 22.36 -14.33 5.05
CA ASP B 83 21.40 -15.36 5.40
C ASP B 83 22.13 -16.64 5.82
N GLN B 84 23.16 -17.00 5.04
CA GLN B 84 23.99 -18.17 5.31
C GLN B 84 24.64 -18.06 6.70
N VAL B 85 25.24 -16.89 6.98
CA VAL B 85 25.90 -16.63 8.25
C VAL B 85 24.94 -16.78 9.44
N VAL B 86 23.74 -16.22 9.31
CA VAL B 86 22.75 -16.30 10.37
C VAL B 86 22.33 -17.75 10.60
N GLN B 87 22.21 -18.50 9.50
CA GLN B 87 21.84 -19.90 9.57
C GLN B 87 22.92 -20.71 10.27
N ARG B 88 24.17 -20.27 10.16
CA ARG B 88 25.27 -20.96 10.81
C ARG B 88 25.37 -20.58 12.29
N GLY B 89 24.41 -19.78 12.75
CA GLY B 89 24.39 -19.33 14.13
C GLY B 89 25.43 -18.28 14.49
N ARG B 90 25.88 -17.54 13.49
CA ARG B 90 26.88 -16.50 13.68
C ARG B 90 26.28 -15.09 13.53
N PHE B 91 26.98 -14.11 14.10
CA PHE B 91 26.60 -12.70 14.05
C PHE B 91 27.19 -12.12 12.77
N PRO B 92 26.34 -11.59 11.88
CA PRO B 92 26.83 -11.00 10.63
C PRO B 92 27.27 -9.52 10.83
N LEU B 93 28.55 -9.26 10.59
CA LEU B 93 29.13 -7.92 10.70
C LEU B 93 29.53 -7.50 9.29
N VAL B 94 28.76 -6.57 8.74
CA VAL B 94 28.97 -6.12 7.37
C VAL B 94 29.70 -4.77 7.33
N LEU B 95 30.72 -4.70 6.49
CA LEU B 95 31.52 -3.49 6.36
C LEU B 95 31.33 -2.92 4.95
N GLY B 96 30.93 -1.67 4.85
CA GLY B 96 30.73 -1.06 3.55
C GLY B 96 31.86 -0.12 3.16
N GLY B 97 31.74 0.57 2.03
CA GLY B 97 30.58 0.45 1.17
C GLY B 97 29.54 1.50 1.53
N ASP B 98 28.83 2.00 0.54
CA ASP B 98 27.81 3.01 0.81
C ASP B 98 26.58 2.35 1.45
N HIS B 99 25.69 3.17 1.99
CA HIS B 99 24.52 2.68 2.71
C HIS B 99 23.49 1.87 1.96
N SER B 100 23.57 1.83 0.62
CA SER B 100 22.62 1.04 -0.15
C SER B 100 22.75 -0.46 0.20
N ILE B 101 23.89 -0.86 0.76
CA ILE B 101 24.10 -2.25 1.14
C ILE B 101 23.19 -2.69 2.27
N ALA B 102 22.61 -1.74 3.02
CA ALA B 102 21.69 -2.08 4.10
C ALA B 102 20.51 -2.90 3.54
N ILE B 103 20.16 -2.67 2.27
CA ILE B 103 19.07 -3.40 1.63
C ILE B 103 19.38 -4.90 1.64
N GLY B 104 20.60 -5.27 1.25
CA GLY B 104 21.01 -6.66 1.26
C GLY B 104 21.18 -7.24 2.67
N THR B 105 21.79 -6.46 3.57
CA THR B 105 22.00 -6.93 4.94
C THR B 105 20.67 -7.22 5.61
N LEU B 106 19.72 -6.29 5.53
CA LEU B 106 18.42 -6.48 6.15
C LEU B 106 17.63 -7.61 5.47
N ALA B 107 17.86 -7.81 4.17
CA ALA B 107 17.16 -8.86 3.45
C ALA B 107 17.62 -10.21 3.97
N GLY B 108 18.92 -10.33 4.24
CA GLY B 108 19.43 -11.59 4.73
C GLY B 108 19.15 -11.89 6.19
N VAL B 109 18.87 -10.84 6.95
CA VAL B 109 18.63 -10.95 8.39
C VAL B 109 17.16 -11.01 8.83
N ALA B 110 16.36 -10.08 8.32
CA ALA B 110 14.95 -9.95 8.70
C ALA B 110 14.08 -11.21 8.69
N LYS B 111 14.25 -12.04 7.67
CA LYS B 111 13.48 -13.27 7.52
C LYS B 111 13.63 -14.19 8.74
N HIS B 112 14.72 -14.03 9.47
CA HIS B 112 14.96 -14.87 10.64
C HIS B 112 14.36 -14.36 11.94
N TYR B 113 13.66 -13.23 11.89
CA TYR B 113 13.07 -12.67 13.12
C TYR B 113 11.59 -12.38 12.91
N GLU B 114 10.82 -12.50 13.98
CA GLU B 114 9.38 -12.22 13.94
C GLU B 114 9.17 -10.72 13.83
N ARG B 115 9.92 -9.97 14.61
CA ARG B 115 9.84 -8.51 14.64
C ARG B 115 11.24 -7.91 14.80
N LEU B 116 11.96 -7.77 13.70
CA LEU B 116 13.31 -7.21 13.74
C LEU B 116 13.28 -5.71 13.92
N GLY B 117 14.04 -5.24 14.90
CA GLY B 117 14.11 -3.80 15.13
C GLY B 117 15.32 -3.25 14.40
N VAL B 118 15.36 -1.93 14.24
CA VAL B 118 16.46 -1.30 13.57
C VAL B 118 16.80 0.05 14.19
N ILE B 119 18.09 0.24 14.48
CA ILE B 119 18.60 1.51 14.99
C ILE B 119 19.41 2.07 13.81
N TRP B 120 18.92 3.14 13.21
CA TRP B 120 19.56 3.79 12.08
C TRP B 120 20.30 5.03 12.64
N TYR B 121 21.61 4.86 12.84
CA TYR B 121 22.53 5.86 13.41
C TYR B 121 23.11 6.58 12.19
N ASP B 122 22.64 7.80 11.94
CA ASP B 122 23.00 8.49 10.71
C ASP B 122 22.64 9.98 10.79
N ALA B 123 23.28 10.80 9.97
CA ALA B 123 22.96 12.24 9.87
C ALA B 123 21.73 12.42 8.97
N HIS B 124 21.39 11.35 8.24
CA HIS B 124 20.29 11.36 7.28
C HIS B 124 19.24 10.29 7.57
N GLY B 125 18.07 10.44 6.94
CA GLY B 125 16.99 9.48 7.16
C GLY B 125 17.02 8.29 6.23
N ASP B 126 17.60 8.50 5.05
CA ASP B 126 17.69 7.45 4.03
C ASP B 126 16.34 6.81 3.69
N VAL B 127 15.28 7.64 3.72
CA VAL B 127 13.92 7.19 3.42
C VAL B 127 13.36 7.76 2.11
N ASN B 128 14.26 8.06 1.17
CA ASN B 128 13.83 8.57 -0.13
C ASN B 128 13.42 7.43 -1.04
N THR B 129 12.64 7.80 -2.04
CA THR B 129 12.19 6.89 -3.05
C THR B 129 12.63 7.59 -4.33
N ALA B 130 12.44 6.92 -5.47
CA ALA B 130 12.79 7.47 -6.78
C ALA B 130 12.03 8.78 -6.98
N GLU B 131 10.83 8.83 -6.47
CA GLU B 131 9.97 9.99 -6.59
C GLU B 131 10.38 11.18 -5.71
N THR B 132 10.94 10.91 -4.54
CA THR B 132 11.32 11.99 -3.60
C THR B 132 12.80 12.34 -3.57
N SER B 133 13.63 11.44 -4.10
CA SER B 133 15.06 11.66 -4.11
C SER B 133 15.50 12.80 -5.01
N PRO B 134 16.23 13.74 -4.45
CA PRO B 134 16.72 14.89 -5.21
C PRO B 134 18.02 14.60 -5.94
N SER B 135 18.55 13.39 -5.77
CA SER B 135 19.79 13.03 -6.39
C SER B 135 19.75 11.74 -7.19
N GLY B 136 18.84 10.85 -6.84
CA GLY B 136 18.77 9.58 -7.52
C GLY B 136 19.79 8.60 -6.95
N ASN B 137 20.43 8.95 -5.84
CA ASN B 137 21.41 8.05 -5.23
C ASN B 137 20.69 7.07 -4.33
N ILE B 138 20.89 5.78 -4.60
CA ILE B 138 20.21 4.72 -3.86
C ILE B 138 20.64 4.58 -2.40
N HIS B 139 21.79 5.15 -2.06
CA HIS B 139 22.27 5.07 -0.66
C HIS B 139 21.41 5.96 0.26
N GLY B 140 20.51 6.74 -0.34
CA GLY B 140 19.60 7.58 0.43
C GLY B 140 18.19 6.98 0.47
N MET B 141 18.08 5.74 -0.02
CA MET B 141 16.80 5.01 -0.07
C MET B 141 16.71 3.66 0.66
N PRO B 142 17.83 3.11 1.19
CA PRO B 142 17.78 1.81 1.87
C PRO B 142 16.79 1.59 3.00
N LEU B 143 16.56 2.60 3.84
CA LEU B 143 15.61 2.44 4.93
C LEU B 143 14.17 2.36 4.37
N ALA B 144 13.82 3.26 3.46
CA ALA B 144 12.50 3.24 2.83
C ALA B 144 12.28 1.91 2.11
N ALA B 145 13.27 1.48 1.34
CA ALA B 145 13.17 0.22 0.58
C ALA B 145 12.98 -1.00 1.49
N SER B 146 13.68 -1.01 2.62
CA SER B 146 13.56 -2.12 3.57
C SER B 146 12.19 -2.12 4.23
N LEU B 147 11.56 -0.95 4.31
CA LEU B 147 10.22 -0.84 4.90
C LEU B 147 9.16 -1.17 3.86
N GLY B 148 9.60 -1.51 2.65
CA GLY B 148 8.70 -1.87 1.57
C GLY B 148 8.28 -0.75 0.65
N PHE B 149 8.96 0.39 0.74
CA PHE B 149 8.64 1.54 -0.09
C PHE B 149 9.77 1.84 -1.07
N GLY B 150 9.49 1.69 -2.36
CA GLY B 150 10.50 1.97 -3.36
C GLY B 150 10.35 1.07 -4.58
N HIS B 151 11.39 1.04 -5.41
CA HIS B 151 11.39 0.23 -6.62
C HIS B 151 11.41 -1.23 -6.22
N PRO B 152 10.58 -2.06 -6.86
CA PRO B 152 10.51 -3.49 -6.55
C PRO B 152 11.85 -4.19 -6.66
N ALA B 153 12.75 -3.67 -7.49
CA ALA B 153 14.08 -4.27 -7.63
C ALA B 153 14.83 -4.17 -6.29
N LEU B 154 14.46 -3.18 -5.49
CA LEU B 154 15.07 -2.96 -4.20
C LEU B 154 14.25 -3.52 -3.04
N THR B 155 12.94 -3.37 -3.12
CA THR B 155 12.06 -3.83 -2.04
C THR B 155 11.88 -5.34 -2.00
N GLN B 156 12.09 -5.98 -3.15
CA GLN B 156 11.92 -7.41 -3.22
C GLN B 156 13.17 -8.26 -3.06
N ILE B 157 14.33 -7.64 -2.85
CA ILE B 157 15.57 -8.39 -2.66
C ILE B 157 15.33 -9.49 -1.61
N GLY B 158 15.83 -10.69 -1.86
CA GLY B 158 15.64 -11.75 -0.89
C GLY B 158 14.33 -12.50 -1.05
N GLY B 159 13.49 -12.01 -1.95
CA GLY B 159 12.21 -12.64 -2.19
C GLY B 159 11.08 -12.35 -1.22
N TYR B 160 11.16 -11.28 -0.45
CA TYR B 160 10.07 -10.96 0.46
C TYR B 160 10.07 -9.48 0.78
N SER B 161 8.96 -9.00 1.33
CA SER B 161 8.86 -7.57 1.65
C SER B 161 7.63 -7.32 2.51
N PRO B 162 7.71 -6.40 3.48
CA PRO B 162 8.88 -5.59 3.83
C PRO B 162 9.75 -6.35 4.80
N LYS B 163 10.98 -5.88 5.02
CA LYS B 163 11.88 -6.55 5.96
C LYS B 163 11.51 -6.19 7.39
N ILE B 164 11.21 -4.92 7.64
CA ILE B 164 10.84 -4.46 8.98
C ILE B 164 9.64 -3.53 8.93
N LYS B 165 9.08 -3.26 10.10
CA LYS B 165 7.93 -2.35 10.26
C LYS B 165 8.45 -1.01 10.80
N PRO B 166 7.81 0.10 10.42
CA PRO B 166 8.17 1.46 10.84
C PRO B 166 8.23 1.68 12.34
N GLU B 167 7.34 0.99 13.06
CA GLU B 167 7.25 1.10 14.52
C GLU B 167 8.41 0.41 15.24
N HIS B 168 9.23 -0.30 14.47
CA HIS B 168 10.38 -1.01 15.01
C HIS B 168 11.73 -0.38 14.63
N VAL B 169 11.66 0.83 14.08
CA VAL B 169 12.84 1.58 13.66
C VAL B 169 13.06 2.79 14.58
N VAL B 170 14.32 3.10 14.83
CA VAL B 170 14.67 4.27 15.63
C VAL B 170 15.85 4.96 14.96
N LEU B 171 15.63 6.20 14.50
CA LEU B 171 16.68 6.99 13.85
C LEU B 171 17.40 7.79 14.93
N ILE B 172 18.72 7.85 14.89
CA ILE B 172 19.50 8.60 15.89
C ILE B 172 20.60 9.45 15.26
N GLY B 173 20.61 10.73 15.61
CA GLY B 173 21.61 11.66 15.10
C GLY B 173 21.28 12.44 13.83
N VAL B 174 20.05 12.31 13.37
CA VAL B 174 19.60 12.96 12.16
C VAL B 174 19.63 14.48 12.22
N ARG B 175 20.08 15.11 11.13
CA ARG B 175 20.17 16.56 11.05
C ARG B 175 20.10 17.04 9.60
N SER B 176 19.70 16.16 8.70
CA SER B 176 19.58 16.53 7.28
C SER B 176 18.53 15.68 6.58
N LEU B 177 17.30 16.18 6.50
CA LEU B 177 16.19 15.46 5.87
C LEU B 177 15.53 16.26 4.76
N ASP B 178 15.23 15.60 3.65
CA ASP B 178 14.53 16.27 2.56
C ASP B 178 13.09 16.36 3.03
N GLU B 179 12.33 17.32 2.50
CA GLU B 179 10.94 17.51 2.93
C GLU B 179 10.10 16.25 2.76
N GLY B 180 10.38 15.50 1.71
CA GLY B 180 9.66 14.27 1.45
C GLY B 180 9.96 13.24 2.52
N GLU B 181 11.21 13.23 2.98
CA GLU B 181 11.63 12.31 4.01
C GLU B 181 10.95 12.66 5.34
N LYS B 182 10.83 13.96 5.63
CA LYS B 182 10.20 14.41 6.88
C LYS B 182 8.76 13.92 6.89
N LYS B 183 8.13 14.03 5.73
CA LYS B 183 6.75 13.61 5.53
C LYS B 183 6.66 12.11 5.72
N PHE B 184 7.59 11.38 5.12
CA PHE B 184 7.65 9.93 5.23
C PHE B 184 7.77 9.50 6.70
N ILE B 185 8.74 10.06 7.40
CA ILE B 185 8.99 9.75 8.80
C ILE B 185 7.77 10.07 9.65
N ARG B 186 7.20 11.25 9.40
CA ARG B 186 6.02 11.73 10.11
C ARG B 186 4.81 10.81 9.90
N GLU B 187 4.54 10.50 8.64
CA GLU B 187 3.42 9.65 8.26
C GLU B 187 3.53 8.20 8.63
N LYS B 188 4.74 7.61 8.53
CA LYS B 188 4.91 6.21 8.88
C LYS B 188 5.08 6.05 10.39
N GLY B 189 5.19 7.16 11.09
CA GLY B 189 5.34 7.10 12.53
C GLY B 189 6.63 6.49 13.01
N ILE B 190 7.73 6.84 12.33
CA ILE B 190 9.05 6.35 12.69
C ILE B 190 9.64 7.17 13.86
N LYS B 191 10.12 6.47 14.89
CA LYS B 191 10.72 7.11 16.05
C LYS B 191 12.05 7.73 15.63
N ILE B 192 12.27 8.98 15.99
CA ILE B 192 13.48 9.66 15.57
C ILE B 192 14.03 10.64 16.59
N TYR B 193 15.35 10.58 16.78
CA TYR B 193 16.02 11.52 17.67
C TYR B 193 16.99 12.28 16.79
N THR B 194 16.61 13.50 16.42
CA THR B 194 17.49 14.34 15.63
C THR B 194 18.50 14.95 16.62
N MET B 195 19.46 15.73 16.12
CA MET B 195 20.45 16.35 16.97
C MET B 195 19.80 17.25 18.00
N HIS B 196 18.58 17.72 17.72
CA HIS B 196 17.87 18.58 18.68
C HIS B 196 17.58 17.79 19.95
N GLU B 197 17.06 16.57 19.81
CA GLU B 197 16.79 15.72 20.97
C GLU B 197 18.07 15.26 21.65
N VAL B 198 19.11 14.98 20.88
CA VAL B 198 20.38 14.56 21.48
C VAL B 198 20.90 15.68 22.39
N ASP B 199 20.91 16.91 21.88
CA ASP B 199 21.36 18.07 22.65
C ASP B 199 20.45 18.32 23.85
N ARG B 200 19.15 18.26 23.62
CA ARG B 200 18.18 18.53 24.67
C ARG B 200 18.08 17.47 25.76
N LEU B 201 18.09 16.19 25.37
CA LEU B 201 17.95 15.11 26.34
C LEU B 201 19.28 14.48 26.74
N GLY B 202 20.25 14.57 25.85
CA GLY B 202 21.56 13.98 26.09
C GLY B 202 21.56 12.56 25.55
N MET B 203 22.72 12.08 25.10
CA MET B 203 22.83 10.75 24.55
C MET B 203 22.40 9.63 25.49
N THR B 204 22.64 9.77 26.79
CA THR B 204 22.26 8.73 27.75
C THR B 204 20.78 8.45 27.68
N ARG B 205 19.97 9.50 27.77
CA ARG B 205 18.50 9.37 27.71
C ARG B 205 18.03 8.87 26.35
N VAL B 206 18.63 9.39 25.29
CA VAL B 206 18.28 8.96 23.95
C VAL B 206 18.43 7.42 23.83
N MET B 207 19.56 6.91 24.31
CA MET B 207 19.84 5.48 24.24
C MET B 207 18.97 4.68 25.16
N GLU B 208 18.73 5.18 26.37
CA GLU B 208 17.88 4.46 27.32
C GLU B 208 16.48 4.28 26.75
N GLU B 209 15.93 5.36 26.20
CA GLU B 209 14.60 5.34 25.60
C GLU B 209 14.59 4.43 24.36
N THR B 210 15.63 4.50 23.54
CA THR B 210 15.73 3.69 22.34
C THR B 210 15.77 2.20 22.70
N ILE B 211 16.64 1.85 23.63
CA ILE B 211 16.80 0.47 24.08
C ILE B 211 15.51 -0.08 24.69
N ALA B 212 14.88 0.70 25.55
CA ALA B 212 13.64 0.31 26.20
C ALA B 212 12.52 0.15 25.18
N TYR B 213 12.47 1.05 24.20
CA TYR B 213 11.46 1.03 23.16
C TYR B 213 11.52 -0.23 22.31
N LEU B 214 12.73 -0.56 21.85
CA LEU B 214 12.94 -1.73 21.01
C LEU B 214 12.88 -3.07 21.76
N LYS B 215 13.54 -3.16 22.91
CA LYS B 215 13.55 -4.38 23.71
C LYS B 215 12.10 -4.81 24.05
N GLU B 216 11.23 -3.82 24.12
CA GLU B 216 9.83 -4.01 24.43
C GLU B 216 8.97 -4.51 23.29
N ARG B 217 9.46 -4.47 22.05
CA ARG B 217 8.64 -4.91 20.94
C ARG B 217 9.33 -5.63 19.78
N THR B 218 10.56 -6.08 19.99
CA THR B 218 11.26 -6.75 18.92
C THR B 218 11.94 -7.98 19.47
N ASP B 219 12.36 -8.88 18.59
CA ASP B 219 13.05 -10.09 19.00
C ASP B 219 14.47 -10.15 18.45
N GLY B 220 14.94 -9.00 17.97
CA GLY B 220 16.28 -8.86 17.44
C GLY B 220 16.41 -7.41 17.05
N VAL B 221 17.63 -6.89 17.02
CA VAL B 221 17.86 -5.49 16.61
C VAL B 221 19.10 -5.36 15.72
N HIS B 222 18.90 -4.75 14.56
CA HIS B 222 20.01 -4.55 13.63
C HIS B 222 20.49 -3.11 13.78
N LEU B 223 21.79 -2.94 13.93
CA LEU B 223 22.38 -1.62 14.03
C LEU B 223 22.96 -1.29 12.67
N SER B 224 22.48 -0.21 12.06
CA SER B 224 22.95 0.23 10.75
C SER B 224 23.61 1.58 11.00
N LEU B 225 24.93 1.55 11.17
CA LEU B 225 25.66 2.77 11.48
C LEU B 225 26.42 3.42 10.32
N ASP B 226 25.96 4.61 9.93
CA ASP B 226 26.57 5.42 8.88
C ASP B 226 27.54 6.36 9.62
N LEU B 227 28.81 6.29 9.26
CA LEU B 227 29.83 7.10 9.92
C LEU B 227 29.55 8.61 9.84
N ASP B 228 28.73 9.04 8.88
CA ASP B 228 28.41 10.47 8.78
C ASP B 228 27.46 10.92 9.90
N GLY B 229 27.03 9.97 10.73
CA GLY B 229 26.20 10.30 11.87
C GLY B 229 27.08 11.12 12.81
N LEU B 230 28.37 10.77 12.88
CA LEU B 230 29.31 11.52 13.71
C LEU B 230 29.68 12.82 13.02
N ASP B 231 30.10 13.80 13.80
CA ASP B 231 30.51 15.09 13.25
C ASP B 231 31.70 14.89 12.32
N PRO B 232 31.76 15.69 11.22
CA PRO B 232 32.86 15.62 10.24
C PRO B 232 34.25 15.84 10.86
N SER B 233 34.31 16.47 12.03
CA SER B 233 35.59 16.68 12.67
C SER B 233 36.11 15.37 13.24
N ASP B 234 35.19 14.48 13.61
CA ASP B 234 35.54 13.16 14.17
C ASP B 234 35.64 12.10 13.07
N ALA B 235 34.75 12.19 12.08
CA ALA B 235 34.69 11.25 10.97
C ALA B 235 34.65 12.01 9.64
N PRO B 236 35.81 12.56 9.22
CA PRO B 236 35.89 13.32 7.98
C PRO B 236 35.77 12.52 6.66
N GLY B 237 36.12 11.24 6.68
CA GLY B 237 36.09 10.42 5.47
C GLY B 237 34.75 9.83 5.11
N VAL B 238 33.80 10.72 4.77
CA VAL B 238 32.45 10.33 4.39
C VAL B 238 32.02 11.17 3.19
N GLY B 239 31.18 10.61 2.33
CA GLY B 239 30.74 11.31 1.14
C GLY B 239 29.76 12.44 1.35
N THR B 240 28.90 12.31 2.36
CA THR B 240 27.90 13.33 2.62
C THR B 240 28.02 13.86 4.05
N PRO B 241 29.08 14.63 4.36
CA PRO B 241 29.28 15.18 5.71
C PRO B 241 28.28 16.30 6.05
N VAL B 242 27.84 16.34 7.30
CA VAL B 242 26.90 17.38 7.74
C VAL B 242 27.44 17.79 9.11
N ILE B 243 27.71 19.08 9.27
CA ILE B 243 28.23 19.61 10.53
C ILE B 243 27.22 19.51 11.67
N GLY B 244 27.72 19.67 12.90
CA GLY B 244 26.89 19.60 14.08
C GLY B 244 26.49 18.17 14.38
N GLY B 245 27.44 17.25 14.24
CA GLY B 245 27.15 15.85 14.50
C GLY B 245 27.49 15.32 15.88
N LEU B 246 27.30 14.00 16.02
CA LEU B 246 27.56 13.25 17.24
C LEU B 246 29.05 13.19 17.49
N THR B 247 29.46 13.30 18.75
CA THR B 247 30.87 13.28 19.10
C THR B 247 31.39 11.85 19.19
N TYR B 248 32.72 11.73 19.21
CA TYR B 248 33.40 10.45 19.33
C TYR B 248 32.98 9.77 20.63
N ARG B 249 32.94 10.57 21.71
CA ARG B 249 32.53 10.07 23.04
C ARG B 249 31.05 9.66 23.09
N GLU B 250 30.16 10.45 22.48
CA GLU B 250 28.72 10.09 22.45
C GLU B 250 28.50 8.76 21.73
N SER B 251 29.26 8.53 20.67
CA SER B 251 29.16 7.31 19.88
C SER B 251 29.66 6.11 20.67
N HIS B 252 30.74 6.29 21.44
CA HIS B 252 31.25 5.19 22.27
C HIS B 252 30.24 4.86 23.35
N LEU B 253 29.64 5.90 23.94
CA LEU B 253 28.64 5.70 24.98
C LEU B 253 27.47 4.88 24.41
N ALA B 254 26.99 5.29 23.22
CA ALA B 254 25.90 4.60 22.53
C ALA B 254 26.24 3.11 22.35
N MET B 255 27.44 2.82 21.83
CA MET B 255 27.87 1.44 21.60
C MET B 255 28.01 0.65 22.89
N GLU B 256 28.50 1.29 23.94
CA GLU B 256 28.68 0.64 25.24
C GLU B 256 27.33 0.33 25.85
N MET B 257 26.39 1.25 25.72
CA MET B 257 25.07 1.01 26.28
C MET B 257 24.34 -0.13 25.52
N LEU B 258 24.53 -0.19 24.20
CA LEU B 258 23.92 -1.24 23.37
C LEU B 258 24.54 -2.60 23.77
N ALA B 259 25.87 -2.61 23.92
CA ALA B 259 26.58 -3.82 24.32
C ALA B 259 26.02 -4.28 25.67
N GLU B 260 25.80 -3.34 26.56
CA GLU B 260 25.28 -3.63 27.88
C GLU B 260 23.88 -4.22 27.80
N ALA B 261 23.06 -3.69 26.89
CA ALA B 261 21.69 -4.14 26.73
C ALA B 261 21.58 -5.50 26.07
N GLN B 262 22.62 -5.87 25.33
CA GLN B 262 22.67 -7.15 24.61
C GLN B 262 21.52 -7.33 23.64
N ILE B 263 21.09 -6.25 22.99
CA ILE B 263 19.99 -6.37 22.05
C ILE B 263 20.40 -6.46 20.60
N ILE B 264 21.66 -6.12 20.30
CA ILE B 264 22.15 -6.12 18.92
C ILE B 264 22.47 -7.52 18.39
N THR B 265 21.74 -7.90 17.34
CA THR B 265 21.88 -9.21 16.73
C THR B 265 22.56 -9.22 15.36
N SER B 266 22.81 -8.04 14.82
CA SER B 266 23.48 -7.88 13.53
C SER B 266 23.88 -6.41 13.41
N ALA B 267 24.94 -6.14 12.66
CA ALA B 267 25.41 -4.76 12.50
C ALA B 267 26.16 -4.53 11.20
N GLU B 268 26.22 -3.27 10.79
CA GLU B 268 26.94 -2.86 9.58
C GLU B 268 27.45 -1.43 9.78
N PHE B 269 28.70 -1.21 9.36
CA PHE B 269 29.36 0.11 9.46
C PHE B 269 29.60 0.56 8.04
N VAL B 270 28.95 1.65 7.68
CA VAL B 270 28.98 2.12 6.31
C VAL B 270 29.43 3.54 6.06
N GLU B 271 29.68 3.80 4.78
CA GLU B 271 30.07 5.10 4.29
C GLU B 271 31.50 5.53 4.55
N VAL B 272 32.34 4.60 4.96
CA VAL B 272 33.75 4.93 5.19
C VAL B 272 34.43 5.12 3.82
N ASN B 273 34.94 6.33 3.56
CA ASN B 273 35.64 6.63 2.30
C ASN B 273 37.04 7.17 2.62
N PRO B 274 38.07 6.30 2.49
CA PRO B 274 39.49 6.61 2.75
C PRO B 274 39.98 7.74 1.88
N ILE B 275 39.39 7.84 0.68
CA ILE B 275 39.78 8.84 -0.30
C ILE B 275 39.39 10.26 0.06
N LEU B 276 38.51 10.39 1.05
CA LEU B 276 38.05 11.70 1.54
C LEU B 276 38.45 11.90 3.00
N ASP B 277 39.17 10.92 3.54
CA ASP B 277 39.61 10.89 4.93
C ASP B 277 40.98 11.53 5.20
N GLU B 278 41.33 11.58 6.48
CA GLU B 278 42.61 12.08 6.95
C GLU B 278 43.30 10.90 7.66
N ARG B 279 44.26 10.27 6.99
CA ARG B 279 45.01 9.15 7.54
C ARG B 279 44.19 8.05 8.20
N ASN B 280 43.16 7.59 7.51
CA ASN B 280 42.32 6.51 7.98
C ASN B 280 41.62 6.75 9.32
N LYS B 281 41.47 8.02 9.67
CA LYS B 281 40.82 8.37 10.93
C LYS B 281 39.41 7.79 11.07
N THR B 282 38.62 7.89 10.01
CA THR B 282 37.24 7.42 10.01
C THR B 282 37.11 5.90 10.15
N ALA B 283 38.01 5.16 9.49
CA ALA B 283 38.00 3.70 9.56
C ALA B 283 38.39 3.32 10.97
N SER B 284 39.34 4.07 11.54
CA SER B 284 39.79 3.81 12.90
C SER B 284 38.66 4.06 13.91
N VAL B 285 37.92 5.14 13.72
CA VAL B 285 36.79 5.45 14.57
C VAL B 285 35.79 4.28 14.53
N ALA B 286 35.48 3.81 13.32
CA ALA B 286 34.54 2.71 13.11
C ALA B 286 34.96 1.48 13.88
N VAL B 287 36.25 1.14 13.78
CA VAL B 287 36.79 -0.03 14.47
C VAL B 287 36.69 0.13 15.99
N ALA B 288 36.99 1.33 16.48
CA ALA B 288 36.91 1.58 17.92
C ALA B 288 35.47 1.40 18.38
N LEU B 289 34.53 1.87 17.57
CA LEU B 289 33.10 1.76 17.89
C LEU B 289 32.66 0.30 17.88
N MET B 290 33.16 -0.47 16.91
CA MET B 290 32.83 -1.88 16.84
C MET B 290 33.37 -2.55 18.10
N GLY B 291 34.57 -2.14 18.52
CA GLY B 291 35.15 -2.67 19.76
C GLY B 291 34.20 -2.50 20.95
N SER B 292 33.68 -1.29 21.13
CA SER B 292 32.75 -1.01 22.21
C SER B 292 31.46 -1.81 22.04
N LEU B 293 30.93 -1.85 20.82
CA LEU B 293 29.69 -2.57 20.53
C LEU B 293 29.81 -4.03 20.97
N PHE B 294 30.95 -4.65 20.69
CA PHE B 294 31.16 -6.04 21.05
C PHE B 294 31.66 -6.32 22.46
N GLY B 295 31.45 -5.38 23.37
CA GLY B 295 31.82 -5.58 24.76
C GLY B 295 33.08 -4.98 25.36
N GLU B 296 33.91 -4.33 24.54
CA GLU B 296 35.13 -3.72 25.06
C GLU B 296 34.76 -2.66 26.10
N LYS B 297 35.33 -2.79 27.30
CA LYS B 297 35.06 -1.85 28.41
C LYS B 297 36.33 -1.18 28.92
N LEU B 298 36.17 0.04 29.43
CA LEU B 298 37.31 0.82 29.95
C LEU B 298 37.80 0.25 31.28
N MET B 299 36.84 -0.29 32.03
CA MET B 299 37.09 -0.94 33.31
C MET B 299 36.39 -2.30 33.18
N LYS C 2 44.82 30.17 52.68
CA LYS C 2 46.13 29.50 52.99
C LYS C 2 47.19 29.78 51.92
N PRO C 3 48.36 30.30 52.34
CA PRO C 3 49.45 30.62 51.41
C PRO C 3 49.87 29.39 50.63
N ILE C 4 50.40 29.62 49.43
CA ILE C 4 50.83 28.54 48.56
C ILE C 4 52.34 28.50 48.34
N SER C 5 52.90 27.29 48.29
CA SER C 5 54.31 27.11 48.02
C SER C 5 54.40 26.21 46.80
N ILE C 6 55.03 26.73 45.75
CA ILE C 6 55.24 26.00 44.52
C ILE C 6 56.59 25.30 44.54
N ILE C 7 56.59 24.02 44.19
CA ILE C 7 57.80 23.24 44.16
C ILE C 7 57.80 22.59 42.80
N GLY C 8 58.84 22.84 42.03
CA GLY C 8 58.97 22.24 40.71
C GLY C 8 59.81 20.97 40.80
N VAL C 9 59.42 19.95 40.03
CA VAL C 9 60.13 18.69 40.01
C VAL C 9 60.38 18.34 38.53
N PRO C 10 61.52 18.80 37.97
CA PRO C 10 61.91 18.56 36.58
C PRO C 10 62.37 17.12 36.35
N MET C 11 61.42 16.21 36.55
CA MET C 11 61.62 14.78 36.44
C MET C 11 61.04 14.16 35.16
N ASP C 12 61.85 13.36 34.48
CA ASP C 12 61.38 12.64 33.30
C ASP C 12 61.84 11.19 33.34
N LEU C 13 62.49 10.81 34.44
CA LEU C 13 63.01 9.47 34.63
C LEU C 13 61.97 8.40 34.91
N GLY C 14 60.74 8.81 35.24
CA GLY C 14 59.66 7.85 35.49
C GLY C 14 59.06 7.27 34.22
N GLN C 15 59.56 7.75 33.08
CA GLN C 15 59.12 7.29 31.77
C GLN C 15 60.23 7.49 30.76
N THR C 16 59.97 7.19 29.50
CA THR C 16 61.03 7.28 28.49
C THR C 16 61.10 8.45 27.53
N ARG C 17 60.09 9.32 27.53
CA ARG C 17 60.10 10.46 26.61
C ARG C 17 60.68 11.70 27.26
N ARG C 18 61.79 12.18 26.74
CA ARG C 18 62.44 13.36 27.29
C ARG C 18 61.59 14.60 27.06
N GLY C 19 61.74 15.58 27.93
CA GLY C 19 60.98 16.82 27.78
C GLY C 19 60.05 17.15 28.91
N VAL C 20 59.48 16.13 29.56
CA VAL C 20 58.55 16.38 30.67
C VAL C 20 59.24 17.05 31.87
N ASP C 21 60.58 17.01 31.85
CA ASP C 21 61.39 17.67 32.89
C ASP C 21 61.32 19.20 32.67
N MET C 22 60.82 19.61 31.49
CA MET C 22 60.66 21.03 31.16
C MET C 22 59.29 21.54 31.59
N GLY C 23 58.45 20.62 32.05
CA GLY C 23 57.10 20.96 32.47
C GLY C 23 56.95 22.01 33.56
N PRO C 24 57.78 21.98 34.65
CA PRO C 24 57.68 22.97 35.72
C PRO C 24 57.86 24.40 35.24
N SER C 25 58.90 24.65 34.43
CA SER C 25 59.16 25.98 33.90
C SER C 25 58.23 26.41 32.76
N ALA C 26 57.69 25.45 32.01
CA ALA C 26 56.74 25.78 30.94
C ALA C 26 55.51 26.36 31.64
N MET C 27 55.15 25.78 32.80
CA MET C 27 54.00 26.25 33.58
C MET C 27 54.29 27.59 34.23
N ARG C 28 55.56 27.79 34.62
CA ARG C 28 55.98 29.06 35.22
C ARG C 28 55.87 30.12 34.12
N TYR C 29 56.30 29.77 32.91
CA TYR C 29 56.25 30.69 31.77
C TYR C 29 54.81 30.90 31.31
N ALA C 30 53.93 29.95 31.61
CA ALA C 30 52.52 30.09 31.26
C ALA C 30 51.86 31.07 32.25
N GLY C 31 52.62 31.52 33.24
CA GLY C 31 52.15 32.51 34.20
C GLY C 31 51.48 32.04 35.47
N VAL C 32 51.90 30.89 35.99
CA VAL C 32 51.28 30.36 37.21
C VAL C 32 51.33 31.29 38.44
N ILE C 33 52.47 31.96 38.63
CA ILE C 33 52.64 32.86 39.77
C ILE C 33 51.70 34.06 39.65
N GLU C 34 51.69 34.66 38.48
CA GLU C 34 50.86 35.83 38.22
C GLU C 34 49.37 35.51 38.35
N ARG C 35 48.98 34.34 37.86
CA ARG C 35 47.59 33.89 37.90
C ARG C 35 47.11 33.80 39.34
N LEU C 36 47.92 33.15 40.18
CA LEU C 36 47.57 32.96 41.57
C LEU C 36 47.69 34.23 42.42
N GLU C 37 48.65 35.09 42.09
CA GLU C 37 48.79 36.34 42.81
C GLU C 37 47.57 37.22 42.55
N ARG C 38 47.06 37.16 41.34
CA ARG C 38 45.89 37.93 40.92
C ARG C 38 44.71 37.57 41.83
N LEU C 39 44.74 36.36 42.38
CA LEU C 39 43.69 35.89 43.26
C LEU C 39 43.94 36.26 44.72
N HIS C 40 44.92 37.13 44.94
CA HIS C 40 45.27 37.60 46.28
C HIS C 40 45.93 36.58 47.19
N TYR C 41 46.56 35.58 46.59
CA TYR C 41 47.27 34.57 47.36
C TYR C 41 48.68 35.01 47.70
N ASP C 42 49.17 34.52 48.84
CA ASP C 42 50.54 34.75 49.23
C ASP C 42 51.16 33.54 48.58
N ILE C 43 51.87 33.75 47.47
CA ILE C 43 52.49 32.67 46.73
C ILE C 43 54.01 32.78 46.78
N GLU C 44 54.63 31.62 46.97
CA GLU C 44 56.07 31.51 47.08
C GLU C 44 56.56 30.41 46.13
N ASP C 45 57.64 30.67 45.40
CA ASP C 45 58.20 29.68 44.49
C ASP C 45 59.49 29.17 45.12
N LEU C 46 59.49 27.93 45.57
CA LEU C 46 60.66 27.35 46.20
C LEU C 46 61.69 26.78 45.22
N GLY C 47 61.48 26.94 43.92
CA GLY C 47 62.44 26.43 42.97
C GLY C 47 62.19 24.98 42.59
N ASP C 48 63.22 24.30 42.11
CA ASP C 48 63.12 22.92 41.66
C ASP C 48 63.90 21.94 42.48
N ILE C 49 63.40 20.70 42.56
CA ILE C 49 64.08 19.64 43.28
C ILE C 49 65.20 19.16 42.34
N PRO C 50 66.43 19.01 42.88
CA PRO C 50 67.57 18.55 42.06
C PRO C 50 67.30 17.09 41.71
N ILE C 51 67.34 16.79 40.42
CA ILE C 51 67.11 15.42 39.95
C ILE C 51 68.43 14.85 39.45
N GLY C 52 68.74 13.64 39.88
CA GLY C 52 69.98 12.99 39.47
C GLY C 52 69.89 12.46 38.05
N LYS C 53 71.04 12.12 37.49
CA LYS C 53 71.10 11.57 36.14
C LYS C 53 70.92 10.07 36.28
N ALA C 54 70.27 9.46 35.31
CA ALA C 54 70.10 8.02 35.37
C ALA C 54 71.43 7.35 35.07
N GLU C 55 71.75 6.31 35.85
CA GLU C 55 73.00 5.58 35.59
C GLU C 55 72.74 4.64 34.40
N ARG C 56 73.82 4.14 33.82
CA ARG C 56 73.73 3.26 32.66
C ARG C 56 72.81 2.06 32.91
N LEU C 57 71.85 1.87 32.01
CA LEU C 57 70.87 0.79 32.10
C LEU C 57 71.49 -0.57 32.41
N HIS C 58 72.59 -0.89 31.73
CA HIS C 58 73.27 -2.17 31.92
C HIS C 58 73.69 -2.40 33.37
N GLU C 59 74.08 -1.33 34.05
CA GLU C 59 74.49 -1.48 35.43
C GLU C 59 73.43 -1.09 36.46
N GLN C 60 72.16 -1.25 36.09
CA GLN C 60 71.06 -0.94 36.99
C GLN C 60 70.56 -2.19 37.73
N GLY C 61 69.81 -1.98 38.81
CA GLY C 61 69.30 -3.08 39.61
C GLY C 61 68.07 -3.86 39.17
N ASP C 62 67.10 -3.21 38.53
CA ASP C 62 65.88 -3.91 38.11
C ASP C 62 65.26 -3.30 36.84
N SER C 63 65.17 -4.10 35.78
CA SER C 63 64.63 -3.67 34.50
C SER C 63 63.12 -3.36 34.53
N ARG C 64 62.45 -3.92 35.52
CA ARG C 64 61.01 -3.74 35.71
C ARG C 64 60.78 -2.40 36.40
N LEU C 65 61.89 -1.80 36.84
CA LEU C 65 61.83 -0.51 37.52
C LEU C 65 62.93 0.40 37.01
N ARG C 66 62.70 0.98 35.82
CA ARG C 66 63.66 1.86 35.18
C ARG C 66 63.96 3.12 35.99
N ASN C 67 65.25 3.40 36.13
CA ASN C 67 65.75 4.56 36.88
C ASN C 67 65.29 4.59 38.35
N LEU C 68 65.16 3.43 38.98
CA LEU C 68 64.69 3.34 40.36
C LEU C 68 65.42 4.22 41.35
N LYS C 69 66.73 4.10 41.41
CA LYS C 69 67.54 4.87 42.35
C LYS C 69 67.36 6.38 42.26
N ALA C 70 67.44 6.92 41.05
CA ALA C 70 67.29 8.36 40.84
C ALA C 70 65.86 8.82 41.05
N VAL C 71 64.89 7.97 40.74
CA VAL C 71 63.49 8.32 40.94
C VAL C 71 63.21 8.35 42.45
N ALA C 72 63.70 7.35 43.15
CA ALA C 72 63.52 7.24 44.59
C ALA C 72 64.22 8.38 45.32
N GLU C 73 65.45 8.65 44.88
CA GLU C 73 66.29 9.70 45.44
C GLU C 73 65.61 11.07 45.34
N ALA C 74 65.11 11.37 44.15
CA ALA C 74 64.43 12.61 43.89
C ALA C 74 63.12 12.70 44.65
N ASN C 75 62.44 11.56 44.82
CA ASN C 75 61.19 11.56 45.55
C ASN C 75 61.39 11.73 47.04
N GLU C 76 62.55 11.32 47.55
CA GLU C 76 62.83 11.51 48.97
C GLU C 76 62.98 12.99 49.22
N LYS C 77 63.73 13.68 48.35
CA LYS C 77 63.94 15.11 48.48
C LYS C 77 62.62 15.87 48.37
N LEU C 78 61.78 15.44 47.44
CA LEU C 78 60.47 16.07 47.23
C LEU C 78 59.58 15.91 48.47
N ALA C 79 59.59 14.72 49.07
CA ALA C 79 58.80 14.41 50.27
C ALA C 79 59.21 15.32 51.41
N ALA C 80 60.53 15.49 51.57
CA ALA C 80 61.07 16.34 52.63
C ALA C 80 60.64 17.77 52.39
N ALA C 81 60.71 18.22 51.13
CA ALA C 81 60.33 19.60 50.77
C ALA C 81 58.84 19.89 51.00
N VAL C 82 57.98 18.96 50.59
CA VAL C 82 56.53 19.09 50.76
C VAL C 82 56.18 19.03 52.26
N ASP C 83 56.88 18.17 52.98
CA ASP C 83 56.68 18.02 54.42
C ASP C 83 56.92 19.38 55.10
N GLN C 84 58.05 20.00 54.73
CA GLN C 84 58.44 21.31 55.25
C GLN C 84 57.34 22.37 55.01
N VAL C 85 56.84 22.40 53.78
CA VAL C 85 55.79 23.35 53.39
C VAL C 85 54.50 23.19 54.22
N VAL C 86 54.06 21.95 54.41
CA VAL C 86 52.87 21.65 55.19
C VAL C 86 53.11 22.02 56.67
N GLN C 87 54.33 21.82 57.15
CA GLN C 87 54.65 22.19 58.53
C GLN C 87 54.59 23.70 58.73
N ARG C 88 54.87 24.45 57.67
CA ARG C 88 54.81 25.89 57.74
C ARG C 88 53.39 26.42 57.60
N GLY C 89 52.44 25.50 57.44
CA GLY C 89 51.05 25.89 57.31
C GLY C 89 50.71 26.41 55.93
N ARG C 90 51.45 25.96 54.92
CA ARG C 90 51.19 26.39 53.55
C ARG C 90 50.68 25.24 52.70
N PHE C 91 50.05 25.59 51.59
CA PHE C 91 49.50 24.60 50.66
C PHE C 91 50.60 24.26 49.65
N PRO C 92 50.98 22.97 49.57
CA PRO C 92 52.01 22.57 48.62
C PRO C 92 51.43 22.36 47.21
N LEU C 93 51.92 23.15 46.25
CA LEU C 93 51.50 23.06 44.84
C LEU C 93 52.72 22.57 44.07
N VAL C 94 52.69 21.31 43.68
CA VAL C 94 53.80 20.66 43.00
C VAL C 94 53.61 20.61 41.47
N LEU C 95 54.63 21.05 40.73
CA LEU C 95 54.57 21.06 39.26
C LEU C 95 55.57 20.05 38.70
N GLY C 96 55.08 19.14 37.87
CA GLY C 96 55.94 18.13 37.27
C GLY C 96 56.28 18.43 35.82
N GLY C 97 57.03 17.54 35.17
CA GLY C 97 57.53 16.33 35.79
C GLY C 97 56.60 15.18 35.53
N ASP C 98 57.10 13.96 35.35
CA ASP C 98 56.21 12.84 35.11
C ASP C 98 55.47 12.44 36.39
N HIS C 99 54.50 11.55 36.28
CA HIS C 99 53.66 11.16 37.42
C HIS C 99 54.33 10.44 38.58
N SER C 100 55.54 9.94 38.39
CA SER C 100 56.26 9.25 39.46
C SER C 100 56.53 10.16 40.67
N ILE C 101 56.43 11.49 40.47
CA ILE C 101 56.64 12.44 41.54
C ILE C 101 55.51 12.41 42.56
N ALA C 102 54.37 11.83 42.18
CA ALA C 102 53.25 11.72 43.11
C ALA C 102 53.67 10.88 44.33
N ILE C 103 54.67 10.03 44.18
CA ILE C 103 55.15 9.21 45.31
C ILE C 103 55.76 10.10 46.40
N GLY C 104 56.52 11.12 45.98
CA GLY C 104 57.14 12.05 46.92
C GLY C 104 56.15 13.04 47.48
N THR C 105 55.29 13.56 46.61
CA THR C 105 54.27 14.51 47.07
C THR C 105 53.41 13.88 48.16
N LEU C 106 52.87 12.70 47.90
CA LEU C 106 52.02 12.01 48.86
C LEU C 106 52.79 11.61 50.12
N ALA C 107 54.06 11.30 49.97
CA ALA C 107 54.88 10.93 51.13
C ALA C 107 55.03 12.16 52.04
N GLY C 108 55.20 13.33 51.45
CA GLY C 108 55.37 14.54 52.24
C GLY C 108 54.09 15.07 52.87
N VAL C 109 52.95 14.71 52.28
CA VAL C 109 51.65 15.18 52.75
C VAL C 109 50.86 14.25 53.66
N ALA C 110 50.78 12.98 53.27
CA ALA C 110 50.00 11.97 53.97
C ALA C 110 50.21 11.84 55.48
N LYS C 111 51.46 11.94 55.92
CA LYS C 111 51.80 11.85 57.35
C LYS C 111 51.06 12.89 58.19
N HIS C 112 50.63 13.97 57.55
CA HIS C 112 49.94 15.03 58.25
C HIS C 112 48.44 14.87 58.41
N TYR C 113 47.87 13.84 57.81
CA TYR C 113 46.43 13.63 57.89
C TYR C 113 46.10 12.25 58.43
N GLU C 114 44.98 12.16 59.13
CA GLU C 114 44.50 10.89 59.67
C GLU C 114 44.01 10.00 58.54
N ARG C 115 43.24 10.60 57.63
CA ARG C 115 42.66 9.89 56.49
C ARG C 115 42.72 10.77 55.24
N LEU C 116 43.86 10.77 54.55
CA LEU C 116 44.01 11.59 53.36
C LEU C 116 43.30 10.99 52.17
N GLY C 117 42.50 11.81 51.51
CA GLY C 117 41.79 11.36 50.32
C GLY C 117 42.61 11.73 49.10
N VAL C 118 42.34 11.05 47.98
CA VAL C 118 43.06 11.31 46.74
C VAL C 118 42.15 11.27 45.52
N ILE C 119 42.19 12.35 44.71
CA ILE C 119 41.45 12.38 43.46
C ILE C 119 42.53 12.25 42.37
N TRP C 120 42.51 11.12 41.66
CA TRP C 120 43.48 10.84 40.60
C TRP C 120 42.78 11.10 39.26
N TYR C 121 43.00 12.30 38.72
CA TYR C 121 42.42 12.79 37.47
C TYR C 121 43.45 12.39 36.39
N ASP C 122 43.11 11.37 35.62
CA ASP C 122 44.09 10.82 34.69
C ASP C 122 43.39 9.89 33.68
N ALA C 123 44.01 9.70 32.51
CA ALA C 123 43.48 8.77 31.51
C ALA C 123 43.86 7.34 31.92
N HIS C 124 44.80 7.24 32.87
CA HIS C 124 45.33 5.96 33.35
C HIS C 124 45.15 5.76 34.85
N GLY C 125 45.27 4.51 35.29
CA GLY C 125 45.14 4.21 36.71
C GLY C 125 46.42 4.37 37.50
N ASP C 126 47.56 4.11 36.86
CA ASP C 126 48.88 4.21 37.46
C ASP C 126 49.04 3.32 38.67
N VAL C 127 48.43 2.13 38.58
CA VAL C 127 48.45 1.14 39.66
C VAL C 127 49.26 -0.13 39.33
N ASN C 128 50.27 0.02 38.48
CA ASN C 128 51.13 -1.10 38.15
C ASN C 128 52.21 -1.25 39.22
N THR C 129 52.85 -2.42 39.26
CA THR C 129 53.92 -2.71 40.21
C THR C 129 55.06 -3.24 39.35
N ALA C 130 56.20 -3.57 39.96
CA ALA C 130 57.34 -4.13 39.23
C ALA C 130 56.97 -5.43 38.54
N GLU C 131 56.04 -6.18 39.13
CA GLU C 131 55.60 -7.44 38.56
C GLU C 131 54.58 -7.31 37.46
N THR C 132 53.69 -6.33 37.58
CA THR C 132 52.66 -6.18 36.56
C THR C 132 53.02 -5.24 35.44
N SER C 133 53.98 -4.35 35.67
CA SER C 133 54.35 -3.37 34.64
C SER C 133 54.87 -3.95 33.32
N PRO C 134 54.21 -3.58 32.21
CA PRO C 134 54.65 -4.08 30.90
C PRO C 134 55.84 -3.26 30.38
N SER C 135 56.19 -2.19 31.10
CA SER C 135 57.25 -1.30 30.66
C SER C 135 58.39 -1.03 31.64
N GLY C 136 58.10 -1.09 32.94
CA GLY C 136 59.13 -0.79 33.93
C GLY C 136 59.21 0.70 34.22
N ASN C 137 58.30 1.48 33.59
CA ASN C 137 58.19 2.92 33.78
C ASN C 137 57.48 3.19 35.11
N ILE C 138 58.21 3.80 36.04
CA ILE C 138 57.68 4.09 37.38
C ILE C 138 56.55 5.10 37.41
N HIS C 139 56.37 5.88 36.34
CA HIS C 139 55.28 6.84 36.32
C HIS C 139 53.93 6.11 36.18
N GLY C 140 53.99 4.79 35.94
CA GLY C 140 52.79 3.99 35.81
C GLY C 140 52.52 3.20 37.08
N MET C 141 53.29 3.54 38.12
CA MET C 141 53.22 2.88 39.42
C MET C 141 52.96 3.74 40.68
N PRO C 142 52.94 5.10 40.57
CA PRO C 142 52.74 5.90 41.78
C PRO C 142 51.52 5.71 42.65
N LEU C 143 50.38 5.39 42.06
CA LEU C 143 49.18 5.22 42.87
C LEU C 143 49.26 3.91 43.65
N ALA C 144 49.73 2.86 42.99
CA ALA C 144 49.88 1.57 43.66
C ALA C 144 50.90 1.68 44.79
N ALA C 145 52.06 2.27 44.50
CA ALA C 145 53.13 2.44 45.49
C ALA C 145 52.67 3.23 46.69
N SER C 146 51.89 4.28 46.47
CA SER C 146 51.37 5.10 47.56
C SER C 146 50.38 4.35 48.44
N LEU C 147 49.75 3.33 47.87
CA LEU C 147 48.79 2.50 48.60
C LEU C 147 49.54 1.36 49.30
N GLY C 148 50.85 1.33 49.11
CA GLY C 148 51.68 0.32 49.74
C GLY C 148 52.00 -0.89 48.88
N PHE C 149 51.68 -0.86 47.60
CA PHE C 149 51.95 -2.00 46.74
C PHE C 149 53.03 -1.67 45.73
N GLY C 150 54.13 -2.42 45.78
CA GLY C 150 55.22 -2.18 44.86
C GLY C 150 56.59 -2.39 45.49
N HIS C 151 57.62 -1.94 44.81
CA HIS C 151 58.99 -2.06 45.32
C HIS C 151 59.17 -1.21 46.58
N PRO C 152 59.78 -1.78 47.63
CA PRO C 152 59.98 -1.03 48.88
C PRO C 152 60.69 0.29 48.70
N ALA C 153 61.49 0.40 47.64
CA ALA C 153 62.21 1.63 47.35
C ALA C 153 61.25 2.78 47.09
N LEU C 154 60.08 2.41 46.57
CA LEU C 154 59.02 3.36 46.27
C LEU C 154 57.94 3.46 47.36
N THR C 155 57.55 2.30 47.91
CA THR C 155 56.53 2.29 48.96
C THR C 155 57.01 2.84 50.29
N GLN C 156 58.31 2.81 50.52
CA GLN C 156 58.83 3.30 51.81
C GLN C 156 59.36 4.73 51.83
N ILE C 157 59.23 5.45 50.71
CA ILE C 157 59.66 6.85 50.62
C ILE C 157 59.07 7.62 51.79
N GLY C 158 59.91 8.38 52.50
CA GLY C 158 59.41 9.15 53.63
C GLY C 158 59.47 8.37 54.93
N GLY C 159 59.81 7.09 54.85
CA GLY C 159 59.89 6.27 56.05
C GLY C 159 58.61 5.69 56.60
N TYR C 160 57.56 5.61 55.79
CA TYR C 160 56.30 5.04 56.25
C TYR C 160 55.47 4.57 55.06
N SER C 161 54.50 3.71 55.35
CA SER C 161 53.62 3.17 54.31
C SER C 161 52.45 2.44 54.98
N PRO C 162 51.26 2.48 54.35
CA PRO C 162 51.01 3.16 53.08
C PRO C 162 50.69 4.62 53.36
N LYS C 163 50.64 5.42 52.31
CA LYS C 163 50.31 6.83 52.49
C LYS C 163 48.79 7.01 52.60
N ILE C 164 48.05 6.28 51.75
CA ILE C 164 46.59 6.37 51.76
C ILE C 164 45.93 5.00 51.67
N LYS C 165 44.63 4.98 51.94
CA LYS C 165 43.81 3.75 51.89
C LYS C 165 43.05 3.75 50.56
N PRO C 166 42.83 2.57 49.97
CA PRO C 166 42.12 2.42 48.69
C PRO C 166 40.71 3.01 48.67
N GLU C 167 40.02 2.94 49.81
CA GLU C 167 38.67 3.45 49.94
C GLU C 167 38.62 4.98 49.99
N HIS C 168 39.79 5.60 49.95
CA HIS C 168 39.88 7.05 50.00
C HIS C 168 40.41 7.64 48.70
N VAL C 169 40.46 6.81 47.67
CA VAL C 169 40.94 7.23 46.36
C VAL C 169 39.77 7.24 45.38
N VAL C 170 39.76 8.23 44.47
CA VAL C 170 38.75 8.30 43.42
C VAL C 170 39.46 8.63 42.10
N LEU C 171 39.35 7.71 41.15
CA LEU C 171 39.94 7.87 39.83
C LEU C 171 38.90 8.53 38.94
N ILE C 172 39.33 9.56 38.20
CA ILE C 172 38.41 10.28 37.28
C ILE C 172 39.01 10.45 35.89
N GLY C 173 38.24 10.05 34.88
CA GLY C 173 38.65 10.20 33.49
C GLY C 173 39.38 9.04 32.86
N VAL C 174 39.45 7.93 33.57
CA VAL C 174 40.19 6.78 33.10
C VAL C 174 39.67 6.16 31.80
N ARG C 175 40.59 5.80 30.91
CA ARG C 175 40.21 5.21 29.63
C ARG C 175 41.31 4.29 29.06
N SER C 176 42.31 4.01 29.89
CA SER C 176 43.41 3.13 29.46
C SER C 176 43.99 2.35 30.65
N LEU C 177 43.50 1.13 30.86
CA LEU C 177 43.98 0.30 31.96
C LEU C 177 44.47 -1.05 31.50
N ASP C 178 45.64 -1.49 31.98
CA ASP C 178 46.16 -2.83 31.66
C ASP C 178 45.23 -3.78 32.42
N GLU C 179 45.17 -5.04 32.00
CA GLU C 179 44.32 -6.01 32.69
C GLU C 179 44.69 -6.18 34.16
N GLY C 180 45.98 -6.06 34.47
CA GLY C 180 46.47 -6.19 35.83
C GLY C 180 45.96 -5.05 36.67
N GLU C 181 45.88 -3.87 36.07
CA GLU C 181 45.40 -2.68 36.74
C GLU C 181 43.91 -2.76 37.04
N LYS C 182 43.14 -3.31 36.10
CA LYS C 182 41.70 -3.46 36.31
C LYS C 182 41.47 -4.40 37.48
N LYS C 183 42.28 -5.45 37.53
CA LYS C 183 42.21 -6.44 38.60
C LYS C 183 42.56 -5.75 39.92
N PHE C 184 43.61 -4.93 39.92
CA PHE C 184 44.04 -4.18 41.10
C PHE C 184 42.91 -3.27 41.60
N ILE C 185 42.37 -2.46 40.69
CA ILE C 185 41.29 -1.54 41.02
C ILE C 185 40.08 -2.29 41.55
N ARG C 186 39.72 -3.37 40.88
CA ARG C 186 38.58 -4.20 41.27
C ARG C 186 38.75 -4.79 42.66
N GLU C 187 39.90 -5.41 42.89
CA GLU C 187 40.23 -6.06 44.15
C GLU C 187 40.47 -5.15 45.33
N LYS C 188 41.04 -3.98 45.10
CA LYS C 188 41.29 -3.06 46.21
C LYS C 188 40.04 -2.23 46.49
N GLY C 189 39.04 -2.34 45.63
CA GLY C 189 37.82 -1.57 45.83
C GLY C 189 38.01 -0.07 45.63
N ILE C 190 38.83 0.34 44.67
CA ILE C 190 39.04 1.75 44.41
C ILE C 190 37.90 2.34 43.56
N LYS C 191 37.36 3.46 44.02
CA LYS C 191 36.26 4.10 43.32
C LYS C 191 36.82 4.69 42.02
N ILE C 192 36.14 4.43 40.91
CA ILE C 192 36.60 4.90 39.60
C ILE C 192 35.48 5.34 38.63
N TYR C 193 35.69 6.50 38.01
CA TYR C 193 34.77 7.00 37.01
C TYR C 193 35.55 7.07 35.72
N THR C 194 35.34 6.07 34.87
CA THR C 194 36.00 6.02 33.58
C THR C 194 35.25 7.01 32.69
N MET C 195 35.70 7.16 31.44
CA MET C 195 35.02 8.05 30.50
C MET C 195 33.57 7.58 30.24
N HIS C 196 33.30 6.28 30.48
CA HIS C 196 31.96 5.73 30.31
C HIS C 196 31.03 6.41 31.28
N GLU C 197 31.44 6.50 32.55
CA GLU C 197 30.63 7.17 33.58
C GLU C 197 30.54 8.67 33.36
N VAL C 198 31.63 9.29 32.91
CA VAL C 198 31.58 10.73 32.65
C VAL C 198 30.55 10.99 31.55
N ASP C 199 30.60 10.21 30.47
CA ASP C 199 29.65 10.37 29.37
C ASP C 199 28.23 10.06 29.82
N ARG C 200 28.09 8.99 30.59
CA ARG C 200 26.77 8.55 31.03
C ARG C 200 26.12 9.42 32.09
N LEU C 201 26.89 9.78 33.12
CA LEU C 201 26.40 10.59 34.21
C LEU C 201 26.63 12.07 34.08
N GLY C 202 27.66 12.46 33.34
CA GLY C 202 27.98 13.86 33.17
C GLY C 202 28.98 14.27 34.24
N MET C 203 29.85 15.23 33.95
CA MET C 203 30.86 15.64 34.90
C MET C 203 30.32 16.19 36.20
N THR C 204 29.19 16.90 36.13
CA THR C 204 28.60 17.47 37.33
C THR C 204 28.30 16.40 38.35
N ARG C 205 27.62 15.34 37.90
CA ARG C 205 27.27 14.25 38.79
C ARG C 205 28.51 13.52 39.30
N VAL C 206 29.47 13.28 38.43
CA VAL C 206 30.73 12.61 38.80
C VAL C 206 31.40 13.38 39.95
N MET C 207 31.48 14.69 39.79
CA MET C 207 32.09 15.54 40.80
C MET C 207 31.28 15.62 42.10
N GLU C 208 29.97 15.72 42.00
CA GLU C 208 29.15 15.78 43.21
C GLU C 208 29.34 14.52 44.04
N GLU C 209 29.33 13.36 43.35
CA GLU C 209 29.48 12.09 44.02
C GLU C 209 30.87 11.97 44.64
N THR C 210 31.88 12.39 43.88
CA THR C 210 33.29 12.34 44.33
C THR C 210 33.49 13.15 45.57
N ILE C 211 33.06 14.41 45.52
CA ILE C 211 33.21 15.33 46.63
C ILE C 211 32.46 14.82 47.85
N ALA C 212 31.22 14.37 47.65
CA ALA C 212 30.42 13.87 48.76
C ALA C 212 31.05 12.62 49.38
N TYR C 213 31.57 11.74 48.52
CA TYR C 213 32.20 10.50 48.97
C TYR C 213 33.42 10.73 49.85
N LEU C 214 34.28 11.66 49.40
CA LEU C 214 35.51 11.99 50.10
C LEU C 214 35.30 12.84 51.32
N LYS C 215 34.46 13.87 51.18
CA LYS C 215 34.17 14.79 52.28
C LYS C 215 33.64 14.03 53.49
N GLU C 216 32.97 12.92 53.19
CA GLU C 216 32.37 12.03 54.17
C GLU C 216 33.33 11.10 54.93
N ARG C 217 34.54 10.88 54.41
CA ARG C 217 35.45 9.97 55.06
C ARG C 217 36.94 10.34 55.16
N THR C 218 37.27 11.59 54.84
CA THR C 218 38.65 12.02 54.86
C THR C 218 38.80 13.36 55.58
N ASP C 219 40.03 13.69 55.96
CA ASP C 219 40.27 14.96 56.64
C ASP C 219 41.17 15.89 55.82
N GLY C 220 41.43 15.47 54.58
CA GLY C 220 42.24 16.24 53.64
C GLY C 220 42.12 15.54 52.30
N VAL C 221 42.25 16.27 51.19
CA VAL C 221 42.18 15.62 49.87
C VAL C 221 43.29 16.13 48.97
N HIS C 222 44.05 15.20 48.42
CA HIS C 222 45.11 15.56 47.50
C HIS C 222 44.64 15.37 46.05
N LEU C 223 44.81 16.40 45.23
CA LEU C 223 44.47 16.31 43.82
C LEU C 223 45.74 16.00 43.00
N SER C 224 45.76 14.84 42.35
CA SER C 224 46.90 14.49 41.51
C SER C 224 46.39 14.50 40.06
N LEU C 225 46.63 15.61 39.37
CA LEU C 225 46.14 15.78 38.02
C LEU C 225 47.17 15.62 36.93
N ASP C 226 46.96 14.56 36.14
CA ASP C 226 47.80 14.22 34.98
C ASP C 226 47.11 14.89 33.81
N LEU C 227 47.81 15.82 33.16
CA LEU C 227 47.23 16.51 32.00
C LEU C 227 46.69 15.57 30.91
N ASP C 228 47.17 14.32 30.85
CA ASP C 228 46.67 13.39 29.84
C ASP C 228 45.24 12.95 30.12
N GLY C 229 44.70 13.35 31.28
CA GLY C 229 43.32 13.04 31.59
C GLY C 229 42.47 13.78 30.57
N LEU C 230 42.92 14.96 30.15
CA LEU C 230 42.20 15.73 29.15
C LEU C 230 42.46 15.15 27.77
N ASP C 231 41.53 15.39 26.84
CA ASP C 231 41.67 14.91 25.49
C ASP C 231 42.92 15.50 24.84
N PRO C 232 43.65 14.72 24.02
CA PRO C 232 44.87 15.21 23.36
C PRO C 232 44.63 16.47 22.52
N SER C 233 43.38 16.70 22.10
CA SER C 233 43.11 17.91 21.33
C SER C 233 43.21 19.14 22.25
N ASP C 234 42.93 18.96 23.53
CA ASP C 234 43.01 20.07 24.48
C ASP C 234 44.39 20.15 25.14
N ALA C 235 44.97 18.98 25.39
CA ALA C 235 46.28 18.88 26.03
C ALA C 235 47.18 17.96 25.24
N PRO C 236 47.69 18.46 24.09
CA PRO C 236 48.58 17.66 23.24
C PRO C 236 49.99 17.33 23.80
N GLY C 237 50.54 18.21 24.62
CA GLY C 237 51.87 18.02 25.18
C GLY C 237 51.99 17.06 26.34
N VAL C 238 51.75 15.79 26.07
CA VAL C 238 51.84 14.73 27.07
C VAL C 238 52.50 13.51 26.43
N GLY C 239 53.17 12.71 27.25
CA GLY C 239 53.86 11.55 26.72
C GLY C 239 53.01 10.36 26.37
N THR C 240 51.92 10.16 27.09
CA THR C 240 51.03 9.03 26.83
C THR C 240 49.60 9.50 26.57
N PRO C 241 49.36 10.10 25.40
CA PRO C 241 48.02 10.59 25.05
C PRO C 241 47.04 9.48 24.74
N VAL C 242 45.79 9.66 25.14
CA VAL C 242 44.74 8.68 24.86
C VAL C 242 43.51 9.48 24.40
N ILE C 243 43.06 9.23 23.17
CA ILE C 243 41.89 9.93 22.61
C ILE C 243 40.60 9.67 23.40
N GLY C 244 39.59 10.50 23.17
CA GLY C 244 38.33 10.35 23.86
C GLY C 244 38.45 10.83 25.30
N GLY C 245 39.16 11.93 25.51
CA GLY C 245 39.33 12.45 26.85
C GLY C 245 38.39 13.53 27.34
N LEU C 246 38.68 14.01 28.54
CA LEU C 246 37.92 15.07 29.20
C LEU C 246 38.18 16.40 28.46
N THR C 247 37.12 17.21 28.31
CA THR C 247 37.23 18.48 27.60
C THR C 247 37.80 19.56 28.50
N TYR C 248 38.18 20.67 27.87
CA TYR C 248 38.72 21.81 28.58
C TYR C 248 37.64 22.28 29.57
N ARG C 249 36.42 22.42 29.08
CA ARG C 249 35.29 22.86 29.89
C ARG C 249 34.97 21.94 31.07
N GLU C 250 34.98 20.63 30.84
CA GLU C 250 34.72 19.67 31.92
C GLU C 250 35.77 19.78 33.03
N SER C 251 37.00 20.05 32.62
CA SER C 251 38.10 20.17 33.55
C SER C 251 37.96 21.42 34.39
N HIS C 252 37.52 22.53 33.77
CA HIS C 252 37.30 23.77 34.49
C HIS C 252 36.17 23.59 35.48
N LEU C 253 35.11 22.92 35.05
CA LEU C 253 33.97 22.66 35.93
C LEU C 253 34.41 21.84 37.16
N ALA C 254 35.18 20.79 36.93
CA ALA C 254 35.67 19.95 38.00
C ALA C 254 36.49 20.77 39.01
N MET C 255 37.38 21.63 38.50
CA MET C 255 38.24 22.46 39.37
C MET C 255 37.42 23.47 40.18
N GLU C 256 36.41 24.06 39.53
CA GLU C 256 35.51 25.04 40.13
C GLU C 256 34.65 24.41 41.18
N MET C 257 34.23 23.17 40.96
CA MET C 257 33.42 22.49 41.94
C MET C 257 34.27 22.08 43.15
N LEU C 258 35.53 21.73 42.87
CA LEU C 258 36.48 21.38 43.94
C LEU C 258 36.76 22.61 44.80
N ALA C 259 37.00 23.74 44.14
CA ALA C 259 37.23 25.01 44.82
C ALA C 259 36.03 25.34 45.72
N GLU C 260 34.84 25.15 45.16
CA GLU C 260 33.61 25.43 45.88
C GLU C 260 33.49 24.58 47.13
N ALA C 261 33.87 23.33 47.02
CA ALA C 261 33.78 22.40 48.14
C ALA C 261 34.82 22.67 49.22
N GLN C 262 35.92 23.32 48.84
CA GLN C 262 36.99 23.61 49.78
C GLN C 262 37.60 22.36 50.42
N ILE C 263 37.70 21.26 49.67
CA ILE C 263 38.25 20.02 50.22
C ILE C 263 39.70 19.74 49.82
N ILE C 264 40.20 20.43 48.80
CA ILE C 264 41.57 20.18 48.35
C ILE C 264 42.60 20.85 49.26
N THR C 265 43.49 20.03 49.80
CA THR C 265 44.53 20.51 50.70
C THR C 265 45.95 20.46 50.13
N SER C 266 46.11 19.80 48.98
CA SER C 266 47.40 19.73 48.31
C SER C 266 47.13 19.34 46.86
N ALA C 267 48.02 19.68 45.94
CA ALA C 267 47.80 19.36 44.53
C ALA C 267 49.09 19.28 43.75
N GLU C 268 49.01 18.63 42.58
CA GLU C 268 50.15 18.51 41.67
C GLU C 268 49.62 18.37 40.27
N PHE C 269 50.31 19.02 39.33
CA PHE C 269 49.95 19.00 37.91
C PHE C 269 51.14 18.39 37.22
N VAL C 270 50.93 17.21 36.65
CA VAL C 270 52.02 16.47 36.04
C VAL C 270 51.89 16.08 34.57
N GLU C 271 52.99 15.59 34.03
CA GLU C 271 53.09 15.10 32.66
C GLU C 271 53.08 16.16 31.55
N VAL C 272 53.29 17.43 31.90
CA VAL C 272 53.35 18.47 30.91
C VAL C 272 54.70 18.35 30.19
N ASN C 273 54.67 18.09 28.89
CA ASN C 273 55.88 17.97 28.08
C ASN C 273 55.83 18.99 26.93
N PRO C 274 56.55 20.12 27.08
CA PRO C 274 56.65 21.23 26.10
C PRO C 274 57.16 20.76 24.74
N ILE C 275 58.03 19.75 24.79
CA ILE C 275 58.65 19.19 23.62
C ILE C 275 57.70 18.42 22.71
N LEU C 276 56.56 18.00 23.25
CA LEU C 276 55.54 17.27 22.51
C LEU C 276 54.28 18.14 22.30
N ASP C 277 54.38 19.38 22.77
CA ASP C 277 53.29 20.35 22.76
C ASP C 277 53.21 21.27 21.56
N GLU C 278 52.13 22.05 21.52
CA GLU C 278 51.86 23.04 20.48
C GLU C 278 51.85 24.42 21.14
N ARG C 279 52.98 25.11 21.03
CA ARG C 279 53.16 26.44 21.59
C ARG C 279 52.69 26.60 23.04
N ASN C 280 53.18 25.69 23.90
CA ASN C 280 52.85 25.73 25.32
C ASN C 280 51.36 25.65 25.68
N LYS C 281 50.56 25.10 24.79
CA LYS C 281 49.12 24.97 25.04
C LYS C 281 48.78 24.18 26.32
N THR C 282 49.47 23.06 26.53
CA THR C 282 49.24 22.20 27.68
C THR C 282 49.61 22.86 29.00
N ALA C 283 50.73 23.58 29.01
CA ALA C 283 51.16 24.28 30.22
C ALA C 283 50.14 25.36 30.54
N SER C 284 49.62 26.02 29.49
CA SER C 284 48.63 27.07 29.65
C SER C 284 47.32 26.51 30.20
N VAL C 285 46.92 25.33 29.73
CA VAL C 285 45.71 24.68 30.20
C VAL C 285 45.86 24.39 31.70
N ALA C 286 47.02 23.86 32.07
CA ALA C 286 47.33 23.50 33.46
C ALA C 286 47.21 24.72 34.36
N VAL C 287 47.73 25.85 33.88
CA VAL C 287 47.69 27.11 34.63
C VAL C 287 46.26 27.66 34.78
N ALA C 288 45.46 27.53 33.73
CA ALA C 288 44.06 28.00 33.76
C ALA C 288 43.28 27.14 34.77
N LEU C 289 43.55 25.85 34.79
CA LEU C 289 42.89 24.91 35.70
C LEU C 289 43.30 25.20 37.15
N MET C 290 44.57 25.53 37.35
CA MET C 290 45.06 25.88 38.67
C MET C 290 44.31 27.11 39.14
N GLY C 291 44.13 28.08 38.24
CA GLY C 291 43.37 29.29 38.55
C GLY C 291 41.99 28.94 39.10
N SER C 292 41.26 28.08 38.39
CA SER C 292 39.93 27.65 38.82
C SER C 292 39.97 26.91 40.14
N LEU C 293 40.97 26.05 40.31
CA LEU C 293 41.11 25.25 41.53
C LEU C 293 41.24 26.14 42.76
N PHE C 294 42.02 27.21 42.62
CA PHE C 294 42.24 28.14 43.69
C PHE C 294 41.22 29.26 43.84
N GLY C 295 40.04 29.10 43.25
CA GLY C 295 38.98 30.08 43.43
C GLY C 295 38.60 31.06 42.35
N GLU C 296 39.32 31.07 41.23
CA GLU C 296 39.01 31.98 40.15
C GLU C 296 37.60 31.67 39.66
N LYS C 297 36.76 32.69 39.61
CA LYS C 297 35.37 32.55 39.17
C LYS C 297 35.03 33.48 38.02
N LEU C 298 34.14 33.03 37.12
CA LEU C 298 33.71 33.80 35.94
C LEU C 298 32.84 35.00 36.33
N MET C 299 32.13 34.85 37.44
CA MET C 299 31.27 35.88 38.00
C MET C 299 31.57 35.84 39.52
N LYS D 2 -38.73 13.45 -13.82
CA LYS D 2 -37.70 14.08 -12.96
C LYS D 2 -36.37 14.10 -13.70
N PRO D 3 -35.68 15.26 -13.73
CA PRO D 3 -34.40 15.37 -14.42
C PRO D 3 -33.39 14.39 -13.82
N ILE D 4 -32.37 14.03 -14.60
CA ILE D 4 -31.35 13.10 -14.14
C ILE D 4 -29.98 13.74 -14.12
N SER D 5 -29.18 13.35 -13.13
CA SER D 5 -27.81 13.83 -13.01
C SER D 5 -26.92 12.59 -12.93
N ILE D 6 -25.99 12.49 -13.86
CA ILE D 6 -25.05 11.38 -13.90
C ILE D 6 -23.79 11.76 -13.14
N ILE D 7 -23.32 10.83 -12.29
CA ILE D 7 -22.10 11.05 -11.55
C ILE D 7 -21.29 9.79 -11.81
N GLY D 8 -20.09 9.97 -12.37
CA GLY D 8 -19.22 8.83 -12.63
C GLY D 8 -18.29 8.64 -11.45
N VAL D 9 -17.97 7.39 -11.13
CA VAL D 9 -17.08 7.08 -10.01
C VAL D 9 -16.12 6.02 -10.52
N PRO D 10 -14.99 6.46 -11.09
CA PRO D 10 -13.93 5.61 -11.65
C PRO D 10 -13.11 4.90 -10.55
N MET D 11 -13.80 4.03 -9.84
CA MET D 11 -13.25 3.32 -8.71
C MET D 11 -12.97 1.87 -8.96
N ASP D 12 -11.75 1.42 -8.66
CA ASP D 12 -11.44 0.00 -8.78
C ASP D 12 -10.76 -0.54 -7.53
N LEU D 13 -10.64 0.32 -6.51
CA LEU D 13 -9.99 -0.01 -5.24
C LEU D 13 -10.79 -0.96 -4.33
N GLY D 14 -12.09 -1.12 -4.61
CA GLY D 14 -12.91 -2.01 -3.82
C GLY D 14 -12.67 -3.49 -4.13
N GLN D 15 -11.82 -3.75 -5.11
CA GLN D 15 -11.47 -5.10 -5.51
C GLN D 15 -10.08 -5.06 -6.12
N THR D 16 -9.59 -6.19 -6.65
CA THR D 16 -8.23 -6.24 -7.18
C THR D 16 -7.94 -6.20 -8.68
N ARG D 17 -8.97 -6.36 -9.50
CA ARG D 17 -8.79 -6.35 -10.95
C ARG D 17 -8.90 -4.96 -11.52
N ARG D 18 -7.82 -4.47 -12.10
CA ARG D 18 -7.81 -3.13 -12.70
C ARG D 18 -8.74 -3.06 -13.94
N GLY D 19 -9.24 -1.87 -14.24
CA GLY D 19 -10.08 -1.75 -15.41
C GLY D 19 -11.49 -1.28 -15.14
N VAL D 20 -12.05 -1.67 -13.99
CA VAL D 20 -13.42 -1.29 -13.66
C VAL D 20 -13.57 0.22 -13.44
N ASP D 21 -12.45 0.92 -13.31
CA ASP D 21 -12.46 2.37 -13.14
C ASP D 21 -12.74 3.00 -14.50
N MET D 22 -12.71 2.16 -15.53
CA MET D 22 -12.97 2.58 -16.91
C MET D 22 -14.43 2.41 -17.25
N GLY D 23 -15.19 1.81 -16.35
CA GLY D 23 -16.62 1.61 -16.55
C GLY D 23 -17.45 2.84 -16.82
N PRO D 24 -17.27 3.94 -16.06
CA PRO D 24 -18.06 5.17 -16.29
C PRO D 24 -17.96 5.69 -17.73
N SER D 25 -16.75 5.82 -18.24
CA SER D 25 -16.58 6.32 -19.59
C SER D 25 -16.92 5.32 -20.68
N ALA D 26 -16.85 4.02 -20.37
CA ALA D 26 -17.25 2.97 -21.33
C ALA D 26 -18.77 3.11 -21.57
N MET D 27 -19.51 3.34 -20.47
CA MET D 27 -20.96 3.54 -20.53
C MET D 27 -21.31 4.84 -21.21
N ARG D 28 -20.51 5.89 -20.99
CA ARG D 28 -20.72 7.18 -21.65
C ARG D 28 -20.50 6.96 -23.13
N TYR D 29 -19.47 6.18 -23.49
CA TYR D 29 -19.17 5.90 -24.89
C TYR D 29 -20.24 5.00 -25.50
N ALA D 30 -20.86 4.18 -24.67
CA ALA D 30 -21.94 3.31 -25.13
C ALA D 30 -23.21 4.13 -25.45
N GLY D 31 -23.17 5.43 -25.15
CA GLY D 31 -24.28 6.31 -25.48
C GLY D 31 -25.33 6.59 -24.44
N VAL D 32 -24.98 6.57 -23.16
CA VAL D 32 -25.98 6.80 -22.12
C VAL D 32 -26.70 8.17 -22.18
N ILE D 33 -25.95 9.23 -22.45
CA ILE D 33 -26.53 10.56 -22.53
C ILE D 33 -27.52 10.62 -23.67
N GLU D 34 -27.08 10.16 -24.84
CA GLU D 34 -27.91 10.18 -26.04
C GLU D 34 -29.17 9.34 -25.89
N ARG D 35 -29.04 8.21 -25.24
CA ARG D 35 -30.16 7.30 -25.02
C ARG D 35 -31.23 8.00 -24.20
N LEU D 36 -30.82 8.61 -23.10
CA LEU D 36 -31.74 9.29 -22.21
C LEU D 36 -32.29 10.59 -22.79
N GLU D 37 -31.48 11.30 -23.56
CA GLU D 37 -31.97 12.53 -24.18
C GLU D 37 -33.06 12.21 -25.22
N ARG D 38 -32.95 11.02 -25.80
CA ARG D 38 -33.92 10.54 -26.78
C ARG D 38 -35.27 10.38 -26.11
N LEU D 39 -35.27 10.05 -24.82
CA LEU D 39 -36.49 9.86 -24.06
C LEU D 39 -37.01 11.19 -23.50
N HIS D 40 -36.47 12.30 -24.02
CA HIS D 40 -36.80 13.68 -23.62
C HIS D 40 -36.47 14.06 -22.17
N TYR D 41 -35.41 13.45 -21.62
CA TYR D 41 -34.97 13.74 -20.27
C TYR D 41 -34.02 14.92 -20.26
N ASP D 42 -34.04 15.66 -19.16
CA ASP D 42 -33.13 16.77 -18.94
C ASP D 42 -32.04 15.97 -18.25
N ILE D 43 -30.98 15.69 -18.98
CA ILE D 43 -29.89 14.92 -18.44
C ILE D 43 -28.63 15.74 -18.35
N GLU D 44 -28.05 15.71 -17.15
CA GLU D 44 -26.86 16.44 -16.79
C GLU D 44 -25.70 15.52 -16.38
N ASP D 45 -24.52 15.72 -16.96
CA ASP D 45 -23.39 14.89 -16.61
C ASP D 45 -22.48 15.71 -15.69
N LEU D 46 -22.45 15.33 -14.42
CA LEU D 46 -21.62 16.04 -13.46
C LEU D 46 -20.16 15.62 -13.45
N GLY D 47 -19.77 14.71 -14.34
CA GLY D 47 -18.38 14.31 -14.36
C GLY D 47 -18.11 13.21 -13.38
N ASP D 48 -16.83 13.04 -13.04
CA ASP D 48 -16.39 11.98 -12.15
C ASP D 48 -15.90 12.45 -10.80
N ILE D 49 -16.04 11.56 -9.82
CA ILE D 49 -15.55 11.79 -8.47
C ILE D 49 -14.05 11.49 -8.49
N PRO D 50 -13.21 12.38 -7.95
CA PRO D 50 -11.76 12.19 -7.91
C PRO D 50 -11.48 11.03 -6.95
N ILE D 51 -10.76 10.02 -7.41
CA ILE D 51 -10.45 8.86 -6.57
C ILE D 51 -8.95 8.88 -6.19
N GLY D 52 -8.66 8.63 -4.92
CA GLY D 52 -7.28 8.65 -4.45
C GLY D 52 -6.52 7.39 -4.79
N LYS D 53 -5.19 7.48 -4.81
CA LYS D 53 -4.35 6.31 -5.10
C LYS D 53 -4.20 5.56 -3.78
N ALA D 54 -4.43 4.26 -3.83
CA ALA D 54 -4.36 3.47 -2.61
C ALA D 54 -2.97 3.39 -2.01
N GLU D 55 -2.90 3.28 -0.68
CA GLU D 55 -1.61 3.15 -0.02
C GLU D 55 -1.19 1.68 -0.05
N ARG D 56 0.10 1.44 0.16
CA ARG D 56 0.64 0.08 0.12
C ARG D 56 -0.08 -0.92 1.03
N LEU D 57 -0.38 -2.08 0.45
CA LEU D 57 -1.09 -3.14 1.15
C LEU D 57 -0.50 -3.44 2.52
N HIS D 58 0.81 -3.64 2.59
CA HIS D 58 1.47 -3.95 3.86
C HIS D 58 1.35 -2.79 4.85
N GLU D 59 1.30 -1.57 4.33
CA GLU D 59 1.20 -0.40 5.19
C GLU D 59 -0.23 -0.12 5.60
N GLN D 60 -1.16 -0.87 5.02
CA GLN D 60 -2.57 -0.70 5.36
C GLN D 60 -2.88 -1.27 6.75
N GLY D 61 -3.96 -0.78 7.35
CA GLY D 61 -4.33 -1.22 8.69
C GLY D 61 -4.93 -2.59 8.92
N ASP D 62 -5.61 -3.13 7.91
CA ASP D 62 -6.25 -4.44 8.05
C ASP D 62 -6.25 -5.12 6.69
N SER D 63 -5.70 -6.32 6.65
CA SER D 63 -5.64 -7.10 5.41
C SER D 63 -7.05 -7.53 5.03
N ARG D 64 -7.99 -7.24 5.93
CA ARG D 64 -9.36 -7.60 5.71
C ARG D 64 -10.15 -6.44 5.11
N LEU D 65 -9.52 -5.28 4.97
CA LEU D 65 -10.16 -4.10 4.38
C LEU D 65 -9.16 -3.39 3.48
N ARG D 66 -8.98 -3.92 2.28
CA ARG D 66 -8.03 -3.36 1.32
C ARG D 66 -8.42 -1.98 0.80
N ASN D 67 -7.46 -1.06 0.82
CA ASN D 67 -7.68 0.31 0.35
C ASN D 67 -8.78 1.06 1.10
N LEU D 68 -8.93 0.76 2.38
CA LEU D 68 -9.97 1.38 3.22
C LEU D 68 -10.04 2.90 3.17
N LYS D 69 -8.91 3.56 3.41
CA LYS D 69 -8.87 5.02 3.40
C LYS D 69 -9.34 5.67 2.11
N ALA D 70 -8.80 5.20 0.99
CA ALA D 70 -9.13 5.75 -0.32
C ALA D 70 -10.56 5.43 -0.72
N VAL D 71 -11.03 4.26 -0.33
CA VAL D 71 -12.40 3.84 -0.64
C VAL D 71 -13.36 4.70 0.16
N ALA D 72 -13.05 4.89 1.44
CA ALA D 72 -13.87 5.68 2.34
C ALA D 72 -13.90 7.15 1.91
N GLU D 73 -12.73 7.67 1.56
CA GLU D 73 -12.59 9.07 1.13
C GLU D 73 -13.37 9.36 -0.15
N ALA D 74 -13.26 8.45 -1.12
CA ALA D 74 -13.97 8.58 -2.38
C ALA D 74 -15.47 8.49 -2.15
N ASN D 75 -15.87 7.63 -1.22
CA ASN D 75 -17.28 7.45 -0.91
C ASN D 75 -17.86 8.66 -0.19
N GLU D 76 -17.03 9.40 0.55
CA GLU D 76 -17.50 10.60 1.24
C GLU D 76 -17.84 11.67 0.22
N LYS D 77 -16.97 11.81 -0.78
CA LYS D 77 -17.17 12.79 -1.84
C LYS D 77 -18.39 12.44 -2.64
N LEU D 78 -18.55 11.15 -2.92
CA LEU D 78 -19.69 10.66 -3.67
C LEU D 78 -21.01 10.96 -2.93
N ALA D 79 -21.05 10.65 -1.64
CA ALA D 79 -22.25 10.90 -0.82
C ALA D 79 -22.64 12.38 -0.84
N ALA D 80 -21.64 13.26 -0.75
CA ALA D 80 -21.87 14.70 -0.80
C ALA D 80 -22.43 15.10 -2.15
N ALA D 81 -21.87 14.55 -3.23
CA ALA D 81 -22.34 14.86 -4.59
C ALA D 81 -23.77 14.38 -4.87
N VAL D 82 -24.08 13.16 -4.43
CA VAL D 82 -25.40 12.54 -4.58
C VAL D 82 -26.43 13.31 -3.75
N ASP D 83 -26.01 13.71 -2.55
CA ASP D 83 -26.85 14.47 -1.63
C ASP D 83 -27.30 15.76 -2.29
N GLN D 84 -26.35 16.47 -2.91
CA GLN D 84 -26.65 17.73 -3.59
C GLN D 84 -27.62 17.51 -4.76
N VAL D 85 -27.42 16.44 -5.52
CA VAL D 85 -28.29 16.13 -6.65
C VAL D 85 -29.72 15.94 -6.17
N VAL D 86 -29.88 15.20 -5.08
CA VAL D 86 -31.20 14.93 -4.54
C VAL D 86 -31.82 16.21 -4.02
N GLN D 87 -31.02 17.06 -3.41
CA GLN D 87 -31.53 18.33 -2.91
C GLN D 87 -32.00 19.25 -4.04
N ARG D 88 -31.44 19.08 -5.23
CA ARG D 88 -31.83 19.89 -6.38
C ARG D 88 -33.07 19.32 -7.02
N GLY D 89 -33.59 18.23 -6.44
CA GLY D 89 -34.77 17.59 -6.97
C GLY D 89 -34.52 16.75 -8.22
N ARG D 90 -33.29 16.26 -8.37
CA ARG D 90 -32.92 15.45 -9.54
C ARG D 90 -32.70 13.99 -9.14
N PHE D 91 -32.84 13.11 -10.12
CA PHE D 91 -32.62 11.68 -9.93
C PHE D 91 -31.13 11.41 -10.11
N PRO D 92 -30.46 10.89 -9.07
CA PRO D 92 -29.02 10.60 -9.17
C PRO D 92 -28.75 9.25 -9.85
N LEU D 93 -28.05 9.31 -10.98
CA LEU D 93 -27.70 8.11 -11.74
C LEU D 93 -26.18 7.98 -11.66
N VAL D 94 -25.74 7.00 -10.87
CA VAL D 94 -24.33 6.78 -10.62
C VAL D 94 -23.74 5.65 -11.46
N LEU D 95 -22.61 5.92 -12.09
CA LEU D 95 -21.95 4.93 -12.93
C LEU D 95 -20.61 4.52 -12.32
N GLY D 96 -20.43 3.21 -12.06
CA GLY D 96 -19.20 2.68 -11.50
C GLY D 96 -18.30 2.05 -12.57
N GLY D 97 -17.12 1.57 -12.19
CA GLY D 97 -16.67 1.61 -10.82
C GLY D 97 -17.13 0.35 -10.11
N ASP D 98 -16.35 -0.16 -9.17
CA ASP D 98 -16.76 -1.36 -8.47
C ASP D 98 -17.91 -1.08 -7.48
N HIS D 99 -18.52 -2.14 -6.97
CA HIS D 99 -19.67 -2.02 -6.09
C HIS D 99 -19.50 -1.29 -4.77
N SER D 100 -18.26 -1.11 -4.31
CA SER D 100 -18.03 -0.42 -3.05
C SER D 100 -18.58 1.02 -3.10
N ILE D 101 -18.82 1.56 -4.29
CA ILE D 101 -19.36 2.91 -4.41
C ILE D 101 -20.81 2.98 -3.95
N ALA D 102 -21.45 1.82 -3.78
CA ALA D 102 -22.85 1.81 -3.32
C ALA D 102 -22.91 2.43 -1.93
N ILE D 103 -21.80 2.35 -1.19
CA ILE D 103 -21.71 2.92 0.16
C ILE D 103 -21.93 4.44 0.10
N GLY D 104 -21.31 5.09 -0.89
CA GLY D 104 -21.45 6.53 -1.06
C GLY D 104 -22.83 6.91 -1.63
N THR D 105 -23.27 6.15 -2.62
CA THR D 105 -24.57 6.45 -3.23
C THR D 105 -25.69 6.38 -2.18
N LEU D 106 -25.74 5.28 -1.43
CA LEU D 106 -26.76 5.11 -0.41
C LEU D 106 -26.63 6.17 0.68
N ALA D 107 -25.41 6.55 1.03
CA ALA D 107 -25.17 7.57 2.05
C ALA D 107 -25.75 8.92 1.59
N GLY D 108 -25.60 9.24 0.30
CA GLY D 108 -26.13 10.49 -0.22
C GLY D 108 -27.65 10.52 -0.38
N VAL D 109 -28.23 9.34 -0.54
CA VAL D 109 -29.65 9.22 -0.79
C VAL D 109 -30.56 8.91 0.40
N ALA D 110 -30.18 7.91 1.18
CA ALA D 110 -30.98 7.43 2.30
C ALA D 110 -31.49 8.47 3.27
N LYS D 111 -30.67 9.46 3.59
CA LYS D 111 -31.05 10.52 4.52
C LYS D 111 -32.30 11.26 4.07
N HIS D 112 -32.59 11.22 2.78
CA HIS D 112 -33.76 11.92 2.26
C HIS D 112 -35.07 11.14 2.30
N TYR D 113 -35.04 9.90 2.78
CA TYR D 113 -36.24 9.07 2.84
C TYR D 113 -36.49 8.53 4.24
N GLU D 114 -37.75 8.34 4.60
CA GLU D 114 -38.07 7.81 5.92
C GLU D 114 -37.78 6.32 5.94
N ARG D 115 -38.11 5.64 4.85
CA ARG D 115 -37.87 4.19 4.69
C ARG D 115 -37.41 3.85 3.26
N LEU D 116 -36.12 4.02 2.99
CA LEU D 116 -35.59 3.72 1.67
C LEU D 116 -35.46 2.23 1.41
N GLY D 117 -36.03 1.80 0.28
CA GLY D 117 -35.94 0.41 -0.13
C GLY D 117 -34.73 0.22 -1.04
N VAL D 118 -34.30 -1.02 -1.22
CA VAL D 118 -33.16 -1.31 -2.06
C VAL D 118 -33.34 -2.61 -2.82
N ILE D 119 -33.13 -2.56 -4.14
CA ILE D 119 -33.15 -3.76 -4.98
C ILE D 119 -31.68 -3.98 -5.36
N TRP D 120 -31.10 -5.06 -4.86
CA TRP D 120 -29.70 -5.40 -5.12
C TRP D 120 -29.70 -6.52 -6.17
N TYR D 121 -29.52 -6.11 -7.42
CA TYR D 121 -29.53 -6.99 -8.60
C TYR D 121 -28.06 -7.42 -8.79
N ASP D 122 -27.73 -8.65 -8.44
CA ASP D 122 -26.32 -9.07 -8.43
C ASP D 122 -26.21 -10.60 -8.30
N ALA D 123 -25.07 -11.16 -8.72
CA ALA D 123 -24.81 -12.60 -8.59
C ALA D 123 -24.36 -12.88 -7.15
N HIS D 124 -23.99 -11.82 -6.44
CA HIS D 124 -23.48 -11.88 -5.07
C HIS D 124 -24.32 -11.09 -4.06
N GLY D 125 -24.17 -11.43 -2.77
CA GLY D 125 -24.92 -10.73 -1.76
C GLY D 125 -24.26 -9.46 -1.27
N ASP D 126 -22.93 -9.38 -1.37
CA ASP D 126 -22.14 -8.23 -0.92
C ASP D 126 -22.41 -7.82 0.52
N VAL D 127 -22.58 -8.84 1.38
CA VAL D 127 -22.86 -8.63 2.80
C VAL D 127 -21.72 -9.12 3.71
N ASN D 128 -20.50 -9.09 3.19
CA ASN D 128 -19.35 -9.45 3.99
C ASN D 128 -18.89 -8.29 4.87
N THR D 129 -18.21 -8.62 5.96
CA THR D 129 -17.65 -7.65 6.88
C THR D 129 -16.18 -8.01 6.90
N ALA D 130 -15.37 -7.23 7.62
CA ALA D 130 -13.93 -7.50 7.71
C ALA D 130 -13.68 -8.89 8.32
N GLU D 131 -14.59 -9.33 9.18
CA GLU D 131 -14.46 -10.61 9.83
C GLU D 131 -14.93 -11.79 8.98
N THR D 132 -15.85 -11.56 8.06
CA THR D 132 -16.32 -12.68 7.25
C THR D 132 -15.74 -12.71 5.85
N SER D 133 -15.13 -11.61 5.43
CA SER D 133 -14.56 -11.53 4.09
C SER D 133 -13.37 -12.43 3.85
N PRO D 134 -13.50 -13.32 2.85
CA PRO D 134 -12.40 -14.23 2.53
C PRO D 134 -11.33 -13.54 1.65
N SER D 135 -11.57 -12.29 1.29
CA SER D 135 -10.64 -11.57 0.43
C SER D 135 -10.20 -10.22 0.95
N GLY D 136 -11.09 -9.57 1.70
CA GLY D 136 -10.78 -8.25 2.21
C GLY D 136 -11.17 -7.18 1.19
N ASN D 137 -11.77 -7.59 0.08
CA ASN D 137 -12.21 -6.65 -0.95
C ASN D 137 -13.48 -5.96 -0.49
N ILE D 138 -13.43 -4.63 -0.44
CA ILE D 138 -14.57 -3.86 0.04
C ILE D 138 -15.77 -3.86 -0.88
N HIS D 139 -15.59 -4.24 -2.16
CA HIS D 139 -16.74 -4.28 -3.07
C HIS D 139 -17.67 -5.46 -2.73
N GLY D 140 -17.23 -6.29 -1.77
CA GLY D 140 -18.04 -7.42 -1.32
C GLY D 140 -18.65 -7.13 0.04
N MET D 141 -18.58 -5.87 0.46
CA MET D 141 -19.11 -5.41 1.75
C MET D 141 -20.10 -4.23 1.72
N PRO D 142 -20.36 -3.60 0.55
CA PRO D 142 -21.28 -2.45 0.55
C PRO D 142 -22.72 -2.59 1.10
N LEU D 143 -23.36 -3.74 0.86
CA LEU D 143 -24.71 -3.91 1.34
C LEU D 143 -24.68 -4.05 2.87
N ALA D 144 -23.74 -4.84 3.39
CA ALA D 144 -23.65 -4.99 4.84
C ALA D 144 -23.36 -3.64 5.50
N ALA D 145 -22.36 -2.93 4.99
CA ALA D 145 -21.99 -1.64 5.55
C ALA D 145 -23.15 -0.65 5.54
N SER D 146 -23.94 -0.66 4.47
CA SER D 146 -25.09 0.24 4.37
C SER D 146 -26.19 -0.12 5.36
N LEU D 147 -26.20 -1.38 5.79
CA LEU D 147 -27.17 -1.84 6.77
C LEU D 147 -26.63 -1.58 8.18
N GLY D 148 -25.42 -1.05 8.24
CA GLY D 148 -24.79 -0.72 9.51
C GLY D 148 -23.82 -1.75 10.04
N PHE D 149 -23.48 -2.74 9.23
CA PHE D 149 -22.56 -3.78 9.68
C PHE D 149 -21.23 -3.72 8.97
N GLY D 150 -20.18 -3.44 9.72
CA GLY D 150 -18.86 -3.37 9.15
C GLY D 150 -18.00 -2.35 9.85
N HIS D 151 -16.89 -2.00 9.21
CA HIS D 151 -15.97 -1.03 9.77
C HIS D 151 -16.61 0.36 9.81
N PRO D 152 -16.48 1.07 10.96
CA PRO D 152 -17.07 2.40 11.10
C PRO D 152 -16.66 3.38 10.00
N ALA D 153 -15.51 3.16 9.38
CA ALA D 153 -15.07 4.03 8.30
C ALA D 153 -16.03 3.93 7.12
N LEU D 154 -16.67 2.77 6.99
CA LEU D 154 -17.62 2.51 5.92
C LEU D 154 -19.08 2.73 6.34
N THR D 155 -19.41 2.27 7.54
CA THR D 155 -20.78 2.41 8.03
C THR D 155 -21.17 3.84 8.38
N GLN D 156 -20.18 4.67 8.70
CA GLN D 156 -20.47 6.04 9.08
C GLN D 156 -20.39 7.09 7.99
N ILE D 157 -20.10 6.67 6.75
CA ILE D 157 -20.01 7.59 5.62
C ILE D 157 -21.27 8.47 5.61
N GLY D 158 -21.09 9.78 5.43
CA GLY D 158 -22.24 10.66 5.43
C GLY D 158 -22.64 11.11 6.83
N GLY D 159 -21.98 10.58 7.86
CA GLY D 159 -22.30 10.98 9.20
C GLY D 159 -23.53 10.37 9.83
N TYR D 160 -23.99 9.25 9.32
CA TYR D 160 -25.15 8.57 9.91
C TYR D 160 -25.18 7.09 9.57
N SER D 161 -25.93 6.32 10.34
CA SER D 161 -26.05 4.90 10.08
C SER D 161 -27.19 4.32 10.89
N PRO D 162 -27.89 3.29 10.35
CA PRO D 162 -27.62 2.69 9.04
C PRO D 162 -28.35 3.49 8.00
N LYS D 163 -28.12 3.17 6.74
CA LYS D 163 -28.80 3.88 5.66
C LYS D 163 -30.17 3.25 5.38
N ILE D 164 -30.21 1.92 5.41
CA ILE D 164 -31.46 1.19 5.19
C ILE D 164 -31.64 0.02 6.17
N LYS D 165 -32.86 -0.49 6.24
CA LYS D 165 -33.25 -1.61 7.09
C LYS D 165 -33.23 -2.88 6.25
N PRO D 166 -32.88 -4.03 6.85
CA PRO D 166 -32.82 -5.34 6.18
C PRO D 166 -34.14 -5.77 5.54
N GLU D 167 -35.25 -5.40 6.19
CA GLU D 167 -36.60 -5.72 5.71
C GLU D 167 -37.00 -4.92 4.48
N HIS D 168 -36.18 -3.95 4.09
CA HIS D 168 -36.45 -3.12 2.93
C HIS D 168 -35.48 -3.39 1.77
N VAL D 169 -34.77 -4.51 1.89
CA VAL D 169 -33.83 -4.91 0.86
C VAL D 169 -34.32 -6.17 0.14
N VAL D 170 -34.15 -6.20 -1.18
CA VAL D 170 -34.51 -7.40 -1.94
C VAL D 170 -33.34 -7.74 -2.86
N LEU D 171 -32.78 -8.93 -2.68
CA LEU D 171 -31.67 -9.39 -3.51
C LEU D 171 -32.26 -10.18 -4.68
N ILE D 172 -31.74 -9.94 -5.89
CA ILE D 172 -32.22 -10.61 -7.09
C ILE D 172 -31.08 -11.13 -7.97
N GLY D 173 -31.15 -12.41 -8.33
CA GLY D 173 -30.17 -13.02 -9.20
C GLY D 173 -28.97 -13.67 -8.54
N VAL D 174 -29.00 -13.74 -7.22
CA VAL D 174 -27.90 -14.30 -6.46
C VAL D 174 -27.61 -15.78 -6.76
N ARG D 175 -26.32 -16.10 -6.87
CA ARG D 175 -25.91 -17.47 -7.15
C ARG D 175 -24.50 -17.73 -6.61
N SER D 176 -24.00 -16.84 -5.76
CA SER D 176 -22.68 -17.00 -5.20
C SER D 176 -22.55 -16.32 -3.83
N LEU D 177 -22.82 -17.06 -2.76
CA LEU D 177 -22.72 -16.50 -1.41
C LEU D 177 -21.75 -17.28 -0.51
N ASP D 178 -20.92 -16.57 0.24
CA ASP D 178 -20.03 -17.23 1.21
C ASP D 178 -20.96 -17.73 2.32
N GLU D 179 -20.50 -18.69 3.12
CA GLU D 179 -21.32 -19.21 4.21
C GLU D 179 -21.69 -18.14 5.22
N GLY D 180 -20.77 -17.20 5.44
CA GLY D 180 -21.05 -16.13 6.37
C GLY D 180 -22.17 -15.23 5.89
N GLU D 181 -22.18 -15.00 4.57
CA GLU D 181 -23.19 -14.17 3.93
C GLU D 181 -24.56 -14.85 3.98
N LYS D 182 -24.58 -16.16 3.82
CA LYS D 182 -25.84 -16.87 3.88
C LYS D 182 -26.43 -16.71 5.29
N LYS D 183 -25.55 -16.77 6.28
CA LYS D 183 -25.93 -16.63 7.69
C LYS D 183 -26.46 -15.21 7.91
N PHE D 184 -25.73 -14.22 7.43
CA PHE D 184 -26.10 -12.81 7.52
C PHE D 184 -27.51 -12.60 6.94
N ILE D 185 -27.70 -13.03 5.69
CA ILE D 185 -28.98 -12.88 4.99
C ILE D 185 -30.13 -13.59 5.76
N ARG D 186 -29.86 -14.82 6.20
CA ARG D 186 -30.83 -15.62 6.94
C ARG D 186 -31.19 -14.91 8.25
N GLU D 187 -30.18 -14.53 9.01
CA GLU D 187 -30.36 -13.86 10.30
C GLU D 187 -30.94 -12.46 10.26
N LYS D 188 -30.59 -11.66 9.26
CA LYS D 188 -31.13 -10.31 9.19
C LYS D 188 -32.50 -10.34 8.52
N GLY D 189 -32.91 -11.49 8.01
CA GLY D 189 -34.20 -11.59 7.37
C GLY D 189 -34.32 -10.82 6.07
N ILE D 190 -33.26 -10.83 5.27
CA ILE D 190 -33.26 -10.12 3.98
C ILE D 190 -33.96 -10.94 2.88
N LYS D 191 -34.87 -10.31 2.17
CA LYS D 191 -35.61 -10.97 1.10
C LYS D 191 -34.65 -11.23 -0.04
N ILE D 192 -34.64 -12.47 -0.54
CA ILE D 192 -33.70 -12.83 -1.58
C ILE D 192 -34.26 -13.83 -2.59
N TYR D 193 -34.03 -13.53 -3.87
CA TYR D 193 -34.43 -14.42 -4.95
C TYR D 193 -33.14 -14.84 -5.65
N THR D 194 -32.70 -16.06 -5.37
CA THR D 194 -31.49 -16.59 -6.01
C THR D 194 -31.93 -17.06 -7.39
N MET D 195 -30.97 -17.57 -8.16
CA MET D 195 -31.28 -18.11 -9.48
C MET D 195 -32.26 -19.27 -9.38
N HIS D 196 -32.30 -19.95 -8.25
CA HIS D 196 -33.27 -21.06 -8.05
C HIS D 196 -34.70 -20.50 -8.14
N GLU D 197 -34.99 -19.41 -7.42
CA GLU D 197 -36.32 -18.78 -7.46
C GLU D 197 -36.63 -18.17 -8.83
N VAL D 198 -35.63 -17.59 -9.49
CA VAL D 198 -35.85 -17.01 -10.81
C VAL D 198 -36.27 -18.12 -11.77
N ASP D 199 -35.55 -19.24 -11.75
CA ASP D 199 -35.87 -20.40 -12.60
C ASP D 199 -37.21 -21.02 -12.23
N ARG D 200 -37.46 -21.12 -10.94
CA ARG D 200 -38.69 -21.73 -10.47
C ARG D 200 -39.94 -20.87 -10.61
N LEU D 201 -39.84 -19.59 -10.31
CA LEU D 201 -41.00 -18.70 -10.37
C LEU D 201 -41.09 -17.89 -11.65
N GLY D 202 -39.94 -17.63 -12.27
CA GLY D 202 -39.94 -16.83 -13.49
C GLY D 202 -39.71 -15.39 -13.11
N MET D 203 -39.00 -14.64 -13.95
CA MET D 203 -38.70 -13.25 -13.65
C MET D 203 -39.91 -12.38 -13.39
N THR D 204 -40.98 -12.59 -14.16
CA THR D 204 -42.20 -11.80 -13.99
C THR D 204 -42.68 -11.84 -12.55
N ARG D 205 -42.83 -13.05 -12.00
CA ARG D 205 -43.30 -13.23 -10.63
C ARG D 205 -42.32 -12.66 -9.59
N VAL D 206 -41.03 -12.85 -9.84
CA VAL D 206 -39.99 -12.34 -8.94
C VAL D 206 -40.14 -10.83 -8.83
N MET D 207 -40.32 -10.17 -9.97
CA MET D 207 -40.47 -8.73 -10.02
C MET D 207 -41.79 -8.25 -9.42
N GLU D 208 -42.88 -8.96 -9.70
CA GLU D 208 -44.19 -8.59 -9.16
C GLU D 208 -44.15 -8.64 -7.63
N GLU D 209 -43.58 -9.71 -7.10
CA GLU D 209 -43.47 -9.85 -5.65
C GLU D 209 -42.56 -8.77 -5.08
N THR D 210 -41.41 -8.55 -5.71
CA THR D 210 -40.46 -7.54 -5.26
C THR D 210 -41.10 -6.16 -5.21
N ILE D 211 -41.73 -5.77 -6.31
CA ILE D 211 -42.39 -4.47 -6.43
C ILE D 211 -43.48 -4.31 -5.38
N ALA D 212 -44.34 -5.31 -5.25
CA ALA D 212 -45.41 -5.26 -4.27
C ALA D 212 -44.87 -5.23 -2.85
N TYR D 213 -43.80 -5.96 -2.61
CA TYR D 213 -43.18 -6.02 -1.28
C TYR D 213 -42.65 -4.64 -0.85
N LEU D 214 -41.90 -4.00 -1.73
CA LEU D 214 -41.31 -2.71 -1.43
C LEU D 214 -42.28 -1.54 -1.47
N LYS D 215 -43.14 -1.51 -2.48
CA LYS D 215 -44.10 -0.42 -2.65
C LYS D 215 -44.97 -0.30 -1.41
N GLU D 216 -45.13 -1.43 -0.74
CA GLU D 216 -45.94 -1.56 0.46
C GLU D 216 -45.27 -1.04 1.75
N ARG D 217 -43.95 -0.86 1.76
CA ARG D 217 -43.30 -0.45 2.99
C ARG D 217 -42.17 0.57 2.90
N THR D 218 -42.01 1.20 1.74
CA THR D 218 -40.92 2.15 1.58
C THR D 218 -41.45 3.42 0.92
N ASP D 219 -40.70 4.50 1.00
CA ASP D 219 -41.12 5.74 0.35
C ASP D 219 -40.15 6.15 -0.77
N GLY D 220 -39.30 5.19 -1.16
CA GLY D 220 -38.35 5.42 -2.24
C GLY D 220 -37.61 4.12 -2.43
N VAL D 221 -37.12 3.85 -3.64
CA VAL D 221 -36.37 2.61 -3.87
C VAL D 221 -35.11 2.84 -4.68
N HIS D 222 -33.98 2.37 -4.14
CA HIS D 222 -32.72 2.50 -4.82
C HIS D 222 -32.39 1.19 -5.55
N LEU D 223 -32.07 1.30 -6.84
CA LEU D 223 -31.68 0.13 -7.62
C LEU D 223 -30.15 0.09 -7.69
N SER D 224 -29.55 -0.96 -7.14
CA SER D 224 -28.09 -1.12 -7.20
C SER D 224 -27.82 -2.32 -8.11
N LEU D 225 -27.56 -2.03 -9.38
CA LEU D 225 -27.35 -3.10 -10.34
C LEU D 225 -25.90 -3.39 -10.70
N ASP D 226 -25.46 -4.58 -10.32
CA ASP D 226 -24.12 -5.08 -10.60
C ASP D 226 -24.27 -5.85 -11.88
N LEU D 227 -23.53 -5.48 -12.93
CA LEU D 227 -23.64 -6.19 -14.21
C LEU D 227 -23.34 -7.67 -14.13
N ASP D 228 -22.64 -8.12 -13.08
CA ASP D 228 -22.38 -9.55 -12.95
C ASP D 228 -23.63 -10.36 -12.58
N GLY D 229 -24.73 -9.67 -12.29
CA GLY D 229 -25.98 -10.35 -12.03
C GLY D 229 -26.40 -11.09 -13.31
N LEU D 230 -26.06 -10.52 -14.47
CA LEU D 230 -26.36 -11.13 -15.77
C LEU D 230 -25.35 -12.21 -16.05
N ASP D 231 -25.73 -13.17 -16.89
CA ASP D 231 -24.83 -14.26 -17.26
C ASP D 231 -23.61 -13.72 -17.99
N PRO D 232 -22.42 -14.29 -17.73
CA PRO D 232 -21.18 -13.85 -18.37
C PRO D 232 -21.26 -13.85 -19.90
N SER D 233 -22.14 -14.66 -20.47
CA SER D 233 -22.28 -14.67 -21.93
C SER D 233 -22.91 -13.36 -22.43
N ASP D 234 -23.72 -12.72 -21.59
CA ASP D 234 -24.40 -11.47 -21.90
C ASP D 234 -23.58 -10.26 -21.45
N ALA D 235 -22.94 -10.40 -20.29
CA ALA D 235 -22.13 -9.34 -19.68
C ALA D 235 -20.75 -9.90 -19.28
N PRO D 236 -19.88 -10.15 -20.27
CA PRO D 236 -18.54 -10.69 -20.00
C PRO D 236 -17.56 -9.77 -19.28
N GLY D 237 -17.68 -8.46 -19.49
CA GLY D 237 -16.77 -7.50 -18.86
C GLY D 237 -17.06 -7.17 -17.41
N VAL D 238 -16.79 -8.12 -16.52
CA VAL D 238 -17.00 -7.94 -15.09
C VAL D 238 -15.85 -8.67 -14.39
N GLY D 239 -15.51 -8.23 -13.18
CA GLY D 239 -14.40 -8.83 -12.48
C GLY D 239 -14.69 -10.14 -11.80
N THR D 240 -15.94 -10.34 -11.38
CA THR D 240 -16.31 -11.59 -10.71
C THR D 240 -17.49 -12.26 -11.40
N PRO D 241 -17.27 -12.81 -12.62
CA PRO D 241 -18.33 -13.49 -13.36
C PRO D 241 -18.73 -14.81 -12.71
N VAL D 242 -20.01 -15.13 -12.79
CA VAL D 242 -20.52 -16.39 -12.25
C VAL D 242 -21.53 -16.93 -13.28
N ILE D 243 -21.28 -18.14 -13.77
CA ILE D 243 -22.15 -18.73 -14.76
C ILE D 243 -23.54 -19.03 -14.24
N GLY D 244 -24.49 -19.21 -15.16
CA GLY D 244 -25.87 -19.49 -14.81
C GLY D 244 -26.56 -18.21 -14.34
N GLY D 245 -26.31 -17.12 -15.06
CA GLY D 245 -26.90 -15.85 -14.71
C GLY D 245 -28.15 -15.47 -15.41
N LEU D 246 -28.60 -14.26 -15.10
CA LEU D 246 -29.81 -13.65 -15.66
C LEU D 246 -29.58 -13.34 -17.14
N THR D 247 -30.60 -13.55 -17.97
CA THR D 247 -30.46 -13.27 -19.40
C THR D 247 -30.65 -11.77 -19.72
N TYR D 248 -30.23 -11.39 -20.91
CA TYR D 248 -30.39 -10.04 -21.39
C TYR D 248 -31.89 -9.68 -21.35
N ARG D 249 -32.73 -10.57 -21.87
CA ARG D 249 -34.18 -10.36 -21.90
C ARG D 249 -34.82 -10.26 -20.50
N GLU D 250 -34.39 -11.13 -19.57
CA GLU D 250 -34.92 -11.08 -18.21
C GLU D 250 -34.62 -9.73 -17.56
N SER D 251 -33.43 -9.20 -17.84
CA SER D 251 -33.00 -7.92 -17.30
C SER D 251 -33.81 -6.78 -17.87
N HIS D 252 -34.10 -6.83 -19.17
CA HIS D 252 -34.90 -5.79 -19.79
C HIS D 252 -36.30 -5.83 -19.19
N LEU D 253 -36.83 -7.04 -18.97
CA LEU D 253 -38.16 -7.21 -18.38
C LEU D 253 -38.17 -6.60 -16.96
N ALA D 254 -37.14 -6.90 -16.16
CA ALA D 254 -37.10 -6.37 -14.81
C ALA D 254 -37.08 -4.85 -14.83
N MET D 255 -36.30 -4.26 -15.75
CA MET D 255 -36.22 -2.79 -15.86
C MET D 255 -37.54 -2.19 -16.33
N GLU D 256 -38.17 -2.82 -17.31
CA GLU D 256 -39.45 -2.35 -17.85
C GLU D 256 -40.54 -2.40 -16.77
N MET D 257 -40.53 -3.46 -15.95
CA MET D 257 -41.51 -3.59 -14.89
C MET D 257 -41.27 -2.56 -13.78
N LEU D 258 -40.00 -2.23 -13.51
CA LEU D 258 -39.67 -1.23 -12.49
C LEU D 258 -40.13 0.13 -13.00
N ALA D 259 -39.89 0.39 -14.29
CA ALA D 259 -40.27 1.66 -14.92
C ALA D 259 -41.78 1.83 -14.84
N GLU D 260 -42.48 0.73 -15.05
CA GLU D 260 -43.93 0.70 -15.02
C GLU D 260 -44.46 0.98 -13.61
N ALA D 261 -43.76 0.45 -12.61
CA ALA D 261 -44.16 0.62 -11.22
C ALA D 261 -43.87 2.01 -10.71
N GLN D 262 -42.91 2.68 -11.33
CA GLN D 262 -42.53 4.03 -10.94
C GLN D 262 -42.03 4.09 -9.50
N ILE D 263 -41.35 3.05 -9.03
CA ILE D 263 -40.84 3.06 -7.66
C ILE D 263 -39.37 3.44 -7.50
N ILE D 264 -38.62 3.41 -8.60
CA ILE D 264 -37.19 3.72 -8.56
C ILE D 264 -36.91 5.21 -8.45
N THR D 265 -36.20 5.58 -7.37
CA THR D 265 -35.88 6.97 -7.10
C THR D 265 -34.41 7.34 -7.21
N SER D 266 -33.55 6.32 -7.33
CA SER D 266 -32.11 6.51 -7.51
C SER D 266 -31.58 5.18 -8.08
N ALA D 267 -30.45 5.22 -8.77
CA ALA D 267 -29.90 3.99 -9.34
C ALA D 267 -28.42 4.10 -9.66
N GLU D 268 -27.75 2.95 -9.69
CA GLU D 268 -26.33 2.88 -10.03
C GLU D 268 -26.07 1.58 -10.78
N PHE D 269 -25.18 1.66 -11.77
CA PHE D 269 -24.81 0.52 -12.61
C PHE D 269 -23.33 0.35 -12.39
N VAL D 270 -22.98 -0.76 -11.77
CA VAL D 270 -21.62 -1.03 -11.39
C VAL D 270 -20.95 -2.27 -11.96
N GLU D 271 -19.64 -2.33 -11.73
CA GLU D 271 -18.77 -3.43 -12.10
C GLU D 271 -18.45 -3.61 -13.57
N VAL D 272 -18.74 -2.61 -14.37
CA VAL D 272 -18.43 -2.66 -15.80
C VAL D 272 -16.91 -2.52 -15.97
N ASN D 273 -16.27 -3.57 -16.50
CA ASN D 273 -14.82 -3.57 -16.73
C ASN D 273 -14.53 -3.81 -18.23
N PRO D 274 -14.26 -2.72 -18.98
CA PRO D 274 -13.96 -2.76 -20.41
C PRO D 274 -12.76 -3.64 -20.74
N ILE D 275 -11.84 -3.71 -19.79
CA ILE D 275 -10.62 -4.45 -19.95
C ILE D 275 -10.81 -5.96 -19.91
N LEU D 276 -11.97 -6.39 -19.46
CA LEU D 276 -12.31 -7.81 -19.40
C LEU D 276 -13.50 -8.10 -20.34
N ASP D 277 -13.87 -7.09 -21.11
CA ASP D 277 -15.03 -7.14 -22.00
C ASP D 277 -14.70 -7.47 -23.45
N GLU D 278 -15.76 -7.67 -24.24
CA GLU D 278 -15.66 -7.97 -25.66
C GLU D 278 -16.34 -6.83 -26.38
N ARG D 279 -15.53 -5.92 -26.91
CA ARG D 279 -16.03 -4.77 -27.65
C ARG D 279 -17.12 -3.96 -26.98
N ASN D 280 -16.91 -3.63 -25.71
CA ASN D 280 -17.84 -2.81 -24.94
C ASN D 280 -19.26 -3.37 -24.83
N LYS D 281 -19.39 -4.69 -25.00
CA LYS D 281 -20.68 -5.35 -24.91
C LYS D 281 -21.42 -5.09 -23.59
N THR D 282 -20.69 -5.20 -22.48
CA THR D 282 -21.26 -5.02 -21.14
C THR D 282 -21.74 -3.57 -20.88
N ALA D 283 -20.94 -2.59 -21.29
CA ALA D 283 -21.33 -1.20 -21.12
C ALA D 283 -22.58 -0.94 -21.96
N SER D 284 -22.64 -1.56 -23.14
CA SER D 284 -23.77 -1.40 -24.04
C SER D 284 -25.02 -1.99 -23.41
N VAL D 285 -24.86 -3.15 -22.75
CA VAL D 285 -25.97 -3.81 -22.06
C VAL D 285 -26.49 -2.88 -20.95
N ALA D 286 -25.56 -2.35 -20.16
CA ALA D 286 -25.90 -1.45 -19.05
C ALA D 286 -26.72 -0.26 -19.57
N VAL D 287 -26.27 0.33 -20.67
CA VAL D 287 -26.97 1.47 -21.26
C VAL D 287 -28.37 1.09 -21.77
N ALA D 288 -28.52 -0.07 -22.39
CA ALA D 288 -29.81 -0.51 -22.87
C ALA D 288 -30.76 -0.68 -21.67
N LEU D 289 -30.25 -1.29 -20.59
CA LEU D 289 -31.03 -1.49 -19.36
C LEU D 289 -31.47 -0.15 -18.75
N MET D 290 -30.57 0.82 -18.74
CA MET D 290 -30.90 2.16 -18.25
C MET D 290 -32.02 2.73 -19.12
N GLY D 291 -31.95 2.50 -20.43
CA GLY D 291 -32.97 2.97 -21.35
C GLY D 291 -34.35 2.44 -20.94
N SER D 292 -34.43 1.13 -20.71
CA SER D 292 -35.67 0.52 -20.23
C SER D 292 -36.12 1.03 -18.85
N LEU D 293 -35.16 1.18 -17.93
CA LEU D 293 -35.45 1.66 -16.59
C LEU D 293 -36.13 3.04 -16.64
N PHE D 294 -35.64 3.91 -17.52
CA PHE D 294 -36.19 5.26 -17.64
C PHE D 294 -37.36 5.44 -18.59
N GLY D 295 -38.05 4.35 -18.89
CA GLY D 295 -39.25 4.42 -19.70
C GLY D 295 -39.24 4.02 -21.16
N GLU D 296 -38.11 3.60 -21.69
CA GLU D 296 -38.07 3.21 -23.09
C GLU D 296 -38.97 1.98 -23.26
N LYS D 297 -39.87 2.05 -24.24
CA LYS D 297 -40.80 0.96 -24.51
C LYS D 297 -40.73 0.49 -25.95
N LEU D 298 -40.99 -0.80 -26.17
CA LEU D 298 -40.95 -1.39 -27.51
C LEU D 298 -42.16 -0.95 -28.33
N MET D 299 -43.26 -0.77 -27.61
CA MET D 299 -44.50 -0.28 -28.20
C MET D 299 -44.92 0.89 -27.30
N LYS E 2 -53.38 -31.61 -46.70
CA LYS E 2 -53.44 -30.76 -47.92
C LYS E 2 -52.07 -30.65 -48.60
N PRO E 3 -52.00 -30.88 -49.92
CA PRO E 3 -50.74 -30.81 -50.65
C PRO E 3 -50.18 -29.42 -50.57
N ILE E 4 -48.86 -29.29 -50.68
CA ILE E 4 -48.18 -28.00 -50.58
C ILE E 4 -47.53 -27.63 -51.90
N SER E 5 -47.53 -26.33 -52.21
CA SER E 5 -46.86 -25.85 -53.41
C SER E 5 -45.90 -24.77 -52.94
N ILE E 6 -44.62 -24.94 -53.25
CA ILE E 6 -43.60 -23.98 -52.91
C ILE E 6 -43.39 -23.01 -54.07
N ILE E 7 -43.36 -21.72 -53.76
CA ILE E 7 -43.13 -20.70 -54.76
C ILE E 7 -42.01 -19.86 -54.19
N GLY E 8 -40.91 -19.75 -54.94
CA GLY E 8 -39.78 -18.95 -54.50
C GLY E 8 -39.89 -17.56 -55.07
N VAL E 9 -39.49 -16.56 -54.31
CA VAL E 9 -39.54 -15.17 -54.78
C VAL E 9 -38.20 -14.53 -54.41
N PRO E 10 -37.20 -14.62 -55.31
CA PRO E 10 -35.84 -14.09 -55.14
C PRO E 10 -35.83 -12.56 -55.24
N MET E 11 -36.51 -11.94 -54.29
CA MET E 11 -36.67 -10.50 -54.23
C MET E 11 -35.78 -9.81 -53.18
N ASP E 12 -35.07 -8.77 -53.60
CA ASP E 12 -34.27 -8.00 -52.65
C ASP E 12 -34.48 -6.49 -52.85
N LEU E 13 -35.41 -6.16 -53.74
CA LEU E 13 -35.75 -4.78 -54.10
C LEU E 13 -36.56 -4.02 -53.07
N GLY E 14 -37.13 -4.73 -52.10
CA GLY E 14 -37.91 -4.10 -51.05
C GLY E 14 -37.05 -3.48 -49.96
N GLN E 15 -35.74 -3.68 -50.07
CA GLN E 15 -34.78 -3.13 -49.12
C GLN E 15 -33.44 -2.90 -49.84
N THR E 16 -32.41 -2.49 -49.10
CA THR E 16 -31.14 -2.18 -49.75
C THR E 16 -29.97 -3.15 -49.70
N ARG E 17 -30.06 -4.19 -48.88
CA ARG E 17 -28.96 -5.14 -48.78
C ARG E 17 -29.11 -6.31 -49.74
N ARG E 18 -28.14 -6.47 -50.64
CA ARG E 18 -28.20 -7.56 -51.60
C ARG E 18 -27.97 -8.90 -50.91
N GLY E 19 -28.50 -9.96 -51.49
CA GLY E 19 -28.34 -11.29 -50.94
C GLY E 19 -29.62 -11.98 -50.51
N VAL E 20 -30.62 -11.21 -50.08
CA VAL E 20 -31.86 -11.81 -49.64
C VAL E 20 -32.59 -12.48 -50.81
N ASP E 21 -32.17 -12.14 -52.03
CA ASP E 21 -32.72 -12.76 -53.22
C ASP E 21 -32.25 -14.22 -53.32
N MET E 22 -31.22 -14.56 -52.53
CA MET E 22 -30.67 -15.91 -52.51
C MET E 22 -31.35 -16.76 -51.45
N GLY E 23 -32.22 -16.13 -50.65
CA GLY E 23 -32.96 -16.82 -49.61
C GLY E 23 -33.78 -18.03 -50.05
N PRO E 24 -34.51 -18.00 -51.19
CA PRO E 24 -35.31 -19.14 -51.63
C PRO E 24 -34.48 -20.39 -51.87
N SER E 25 -33.35 -20.25 -52.57
CA SER E 25 -32.50 -21.40 -52.85
C SER E 25 -31.69 -21.85 -51.65
N ALA E 26 -31.37 -20.93 -50.74
CA ALA E 26 -30.64 -21.30 -49.53
C ALA E 26 -31.54 -22.24 -48.72
N MET E 27 -32.83 -21.94 -48.68
CA MET E 27 -33.80 -22.78 -47.98
C MET E 27 -34.01 -24.10 -48.70
N ARG E 28 -34.00 -24.07 -50.05
CA ARG E 28 -34.10 -25.30 -50.81
C ARG E 28 -32.87 -26.16 -50.48
N TYR E 29 -31.70 -25.53 -50.43
CA TYR E 29 -30.45 -26.23 -50.14
C TYR E 29 -30.41 -26.69 -48.71
N ALA E 30 -31.19 -26.03 -47.85
CA ALA E 30 -31.27 -26.43 -46.45
C ALA E 30 -32.17 -27.67 -46.29
N GLY E 31 -32.73 -28.13 -47.42
CA GLY E 31 -33.54 -29.34 -47.45
C GLY E 31 -35.03 -29.23 -47.22
N VAL E 32 -35.64 -28.10 -47.58
CA VAL E 32 -37.08 -27.92 -47.34
C VAL E 32 -37.98 -28.97 -47.96
N ILE E 33 -37.69 -29.38 -49.19
CA ILE E 33 -38.51 -30.38 -49.89
C ILE E 33 -38.44 -31.73 -49.18
N GLU E 34 -37.23 -32.15 -48.86
CA GLU E 34 -37.01 -33.43 -48.23
C GLU E 34 -37.64 -33.47 -46.83
N ARG E 35 -37.53 -32.35 -46.11
CA ARG E 35 -38.08 -32.24 -44.76
C ARG E 35 -39.58 -32.47 -44.76
N LEU E 36 -40.26 -31.83 -45.71
CA LEU E 36 -41.71 -31.95 -45.81
C LEU E 36 -42.15 -33.27 -46.42
N GLU E 37 -41.37 -33.82 -47.35
CA GLU E 37 -41.69 -35.10 -47.97
C GLU E 37 -41.64 -36.20 -46.90
N ARG E 38 -40.69 -36.05 -45.98
CA ARG E 38 -40.51 -36.98 -44.87
C ARG E 38 -41.78 -37.02 -44.04
N LEU E 39 -42.54 -35.93 -44.04
CA LEU E 39 -43.79 -35.85 -43.31
C LEU E 39 -44.99 -36.36 -44.09
N HIS E 40 -44.75 -37.03 -45.21
CA HIS E 40 -45.83 -37.60 -46.04
C HIS E 40 -46.62 -36.60 -46.86
N TYR E 41 -46.10 -35.40 -47.04
CA TYR E 41 -46.77 -34.40 -47.83
C TYR E 41 -46.53 -34.56 -49.31
N ASP E 42 -47.55 -34.19 -50.09
CA ASP E 42 -47.44 -34.18 -51.55
C ASP E 42 -46.88 -32.76 -51.73
N ILE E 43 -45.59 -32.66 -52.03
CA ILE E 43 -44.95 -31.37 -52.17
C ILE E 43 -44.49 -31.13 -53.59
N GLU E 44 -44.77 -29.93 -54.05
CA GLU E 44 -44.46 -29.49 -55.40
C GLU E 44 -43.69 -28.19 -55.36
N ASP E 45 -42.62 -28.08 -56.15
CA ASP E 45 -41.84 -26.86 -56.19
C ASP E 45 -42.11 -26.18 -57.54
N LEU E 46 -42.84 -25.08 -57.51
CA LEU E 46 -43.19 -24.36 -58.71
C LEU E 46 -42.10 -23.41 -59.21
N GLY E 47 -40.93 -23.43 -58.60
CA GLY E 47 -39.88 -22.54 -59.08
C GLY E 47 -39.96 -21.14 -58.51
N ASP E 48 -39.29 -20.19 -59.18
CA ASP E 48 -39.24 -18.81 -58.72
C ASP E 48 -39.99 -17.82 -59.60
N ILE E 49 -40.49 -16.76 -58.96
CA ILE E 49 -41.17 -15.68 -59.65
C ILE E 49 -40.09 -14.81 -60.28
N PRO E 50 -40.22 -14.49 -61.58
CA PRO E 50 -39.24 -13.66 -62.27
C PRO E 50 -39.30 -12.27 -61.67
N ILE E 51 -38.16 -11.76 -61.23
CA ILE E 51 -38.10 -10.43 -60.65
C ILE E 51 -37.40 -9.49 -61.65
N GLY E 52 -37.97 -8.32 -61.88
CA GLY E 52 -37.35 -7.39 -62.81
C GLY E 52 -36.17 -6.67 -62.20
N LYS E 53 -35.39 -5.99 -63.05
CA LYS E 53 -34.26 -5.21 -62.55
C LYS E 53 -34.79 -3.82 -62.26
N ALA E 54 -34.32 -3.23 -61.17
CA ALA E 54 -34.79 -1.91 -60.79
C ALA E 54 -34.38 -0.81 -61.78
N GLU E 55 -35.32 0.06 -62.12
CA GLU E 55 -35.05 1.17 -63.02
C GLU E 55 -34.23 2.21 -62.25
N ARG E 56 -33.45 2.99 -62.97
CA ARG E 56 -32.60 4.02 -62.36
C ARG E 56 -33.35 4.88 -61.35
N LEU E 57 -32.72 5.03 -60.18
CA LEU E 57 -33.25 5.79 -59.04
C LEU E 57 -33.81 7.17 -59.40
N HIS E 58 -33.01 7.94 -60.12
CA HIS E 58 -33.38 9.28 -60.53
C HIS E 58 -34.58 9.29 -61.48
N GLU E 59 -34.92 8.11 -61.99
CA GLU E 59 -36.03 7.97 -62.91
C GLU E 59 -37.26 7.44 -62.19
N GLN E 60 -37.05 6.86 -61.01
CA GLN E 60 -38.15 6.32 -60.22
C GLN E 60 -39.09 7.44 -59.76
N GLY E 61 -40.39 7.17 -59.77
CA GLY E 61 -41.37 8.18 -59.40
C GLY E 61 -41.59 8.59 -57.96
N ASP E 62 -40.77 8.09 -57.03
CA ASP E 62 -40.93 8.44 -55.61
C ASP E 62 -39.75 7.95 -54.77
N SER E 63 -39.09 8.86 -54.08
CA SER E 63 -37.93 8.53 -53.24
C SER E 63 -38.36 7.80 -51.96
N ARG E 64 -39.64 7.92 -51.63
CA ARG E 64 -40.23 7.32 -50.44
C ARG E 64 -40.64 5.89 -50.71
N LEU E 65 -40.53 5.47 -51.97
CA LEU E 65 -40.91 4.13 -52.36
C LEU E 65 -39.92 3.57 -53.35
N ARG E 66 -38.75 3.17 -52.85
CA ARG E 66 -37.70 2.60 -53.70
C ARG E 66 -38.14 1.34 -54.45
N ASN E 67 -37.80 1.32 -55.74
CA ASN E 67 -38.11 0.21 -56.64
C ASN E 67 -39.59 -0.15 -56.71
N LEU E 68 -40.45 0.84 -56.60
CA LEU E 68 -41.89 0.62 -56.62
C LEU E 68 -42.43 -0.23 -57.76
N LYS E 69 -42.08 0.10 -59.00
CA LYS E 69 -42.60 -0.65 -60.12
C LYS E 69 -42.15 -2.08 -60.24
N ALA E 70 -40.88 -2.35 -59.93
CA ALA E 70 -40.37 -3.72 -59.99
C ALA E 70 -40.95 -4.54 -58.84
N VAL E 71 -41.12 -3.90 -57.67
CA VAL E 71 -41.68 -4.57 -56.52
C VAL E 71 -43.17 -4.88 -56.80
N ALA E 72 -43.88 -3.89 -57.33
CA ALA E 72 -45.29 -4.08 -57.64
C ALA E 72 -45.50 -5.12 -58.72
N GLU E 73 -44.69 -5.10 -59.78
CA GLU E 73 -44.82 -6.06 -60.88
C GLU E 73 -44.58 -7.49 -60.41
N ALA E 74 -43.53 -7.66 -59.60
CA ALA E 74 -43.19 -8.97 -59.08
C ALA E 74 -44.30 -9.44 -58.15
N ASN E 75 -44.91 -8.52 -57.42
CA ASN E 75 -45.96 -8.88 -56.50
C ASN E 75 -47.26 -9.25 -57.21
N GLU E 76 -47.44 -8.71 -58.42
CA GLU E 76 -48.64 -9.04 -59.21
C GLU E 76 -48.51 -10.49 -59.69
N LYS E 77 -47.31 -10.85 -60.14
CA LYS E 77 -47.04 -12.22 -60.62
C LYS E 77 -47.18 -13.20 -59.50
N LEU E 78 -46.68 -12.82 -58.32
CA LEU E 78 -46.75 -13.67 -57.13
C LEU E 78 -48.20 -13.91 -56.73
N ALA E 79 -48.99 -12.84 -56.71
CA ALA E 79 -50.40 -12.92 -56.36
C ALA E 79 -51.14 -13.89 -57.29
N ALA E 80 -50.87 -13.78 -58.59
CA ALA E 80 -51.48 -14.64 -59.59
C ALA E 80 -51.08 -16.11 -59.33
N ALA E 81 -49.80 -16.34 -59.07
CA ALA E 81 -49.29 -17.68 -58.81
C ALA E 81 -49.89 -18.30 -57.52
N VAL E 82 -49.96 -17.51 -56.46
CA VAL E 82 -50.50 -17.96 -55.18
C VAL E 82 -52.00 -18.28 -55.32
N ASP E 83 -52.69 -17.43 -56.06
CA ASP E 83 -54.11 -17.58 -56.31
C ASP E 83 -54.37 -18.93 -56.99
N GLN E 84 -53.58 -19.21 -58.01
CA GLN E 84 -53.68 -20.46 -58.77
C GLN E 84 -53.54 -21.66 -57.85
N VAL E 85 -52.51 -21.64 -57.01
CA VAL E 85 -52.22 -22.71 -56.05
C VAL E 85 -53.41 -22.97 -55.11
N VAL E 86 -54.01 -21.89 -54.60
CA VAL E 86 -55.16 -21.98 -53.71
C VAL E 86 -56.36 -22.55 -54.47
N GLN E 87 -56.54 -22.15 -55.72
CA GLN E 87 -57.63 -22.66 -56.55
C GLN E 87 -57.46 -24.15 -56.83
N ARG E 88 -56.22 -24.64 -56.81
CA ARG E 88 -55.97 -26.04 -57.02
C ARG E 88 -56.17 -26.84 -55.74
N GLY E 89 -56.51 -26.13 -54.66
CA GLY E 89 -56.73 -26.79 -53.38
C GLY E 89 -55.44 -27.16 -52.68
N ARG E 90 -54.39 -26.41 -52.95
CA ARG E 90 -53.08 -26.67 -52.34
C ARG E 90 -52.69 -25.53 -51.41
N PHE E 91 -51.81 -25.85 -50.47
CA PHE E 91 -51.31 -24.89 -49.49
C PHE E 91 -50.15 -24.16 -50.09
N PRO E 92 -50.24 -22.83 -50.19
CA PRO E 92 -49.15 -22.05 -50.76
C PRO E 92 -48.07 -21.75 -49.71
N LEU E 93 -46.85 -22.20 -49.98
CA LEU E 93 -45.70 -21.99 -49.11
C LEU E 93 -44.70 -21.13 -49.88
N VAL E 94 -44.66 -19.85 -49.52
CA VAL E 94 -43.81 -18.89 -50.20
C VAL E 94 -42.46 -18.65 -49.50
N LEU E 95 -41.38 -18.77 -50.27
CA LEU E 95 -40.04 -18.56 -49.75
C LEU E 95 -39.42 -17.27 -50.29
N GLY E 96 -39.02 -16.36 -49.40
CA GLY E 96 -38.43 -15.09 -49.81
C GLY E 96 -36.91 -15.10 -49.69
N GLY E 97 -36.25 -13.99 -50.05
CA GLY E 97 -36.92 -12.80 -50.53
C GLY E 97 -37.26 -11.89 -49.36
N ASP E 98 -37.22 -10.58 -49.56
CA ASP E 98 -37.52 -9.65 -48.48
C ASP E 98 -39.02 -9.61 -48.22
N HIS E 99 -39.42 -9.07 -47.08
CA HIS E 99 -40.81 -9.04 -46.67
C HIS E 99 -41.82 -8.34 -47.58
N SER E 100 -41.35 -7.57 -48.58
CA SER E 100 -42.29 -6.87 -49.47
C SER E 100 -43.12 -7.88 -50.28
N ILE E 101 -42.67 -9.13 -50.34
CA ILE E 101 -43.39 -10.16 -51.07
C ILE E 101 -44.70 -10.53 -50.39
N ALA E 102 -44.85 -10.17 -49.11
CA ALA E 102 -46.07 -10.45 -48.37
C ALA E 102 -47.27 -9.79 -49.05
N ILE E 103 -47.00 -8.70 -49.76
CA ILE E 103 -48.05 -7.98 -50.45
C ILE E 103 -48.67 -8.88 -51.50
N GLY E 104 -47.82 -9.60 -52.24
CA GLY E 104 -48.29 -10.51 -53.29
C GLY E 104 -48.91 -11.78 -52.73
N THR E 105 -48.30 -12.34 -51.70
CA THR E 105 -48.83 -13.55 -51.07
C THR E 105 -50.24 -13.30 -50.55
N LEU E 106 -50.41 -12.24 -49.76
CA LEU E 106 -51.72 -11.92 -49.21
C LEU E 106 -52.74 -11.56 -50.32
N ALA E 107 -52.28 -10.93 -51.39
CA ALA E 107 -53.16 -10.59 -52.50
C ALA E 107 -53.69 -11.86 -53.12
N GLY E 108 -52.83 -12.87 -53.27
CA GLY E 108 -53.26 -14.12 -53.86
C GLY E 108 -54.14 -15.00 -53.01
N VAL E 109 -53.99 -14.84 -51.69
CA VAL E 109 -54.70 -15.63 -50.70
C VAL E 109 -56.00 -15.06 -50.12
N ALA E 110 -55.94 -13.83 -49.67
CA ALA E 110 -57.06 -13.15 -49.01
C ALA E 110 -58.45 -13.21 -49.62
N LYS E 111 -58.54 -13.05 -50.94
CA LYS E 111 -59.82 -13.08 -51.63
C LYS E 111 -60.54 -14.42 -51.50
N HIS E 112 -59.81 -15.47 -51.10
CA HIS E 112 -60.42 -16.78 -50.93
C HIS E 112 -61.04 -17.02 -49.56
N TYR E 113 -60.96 -16.03 -48.69
CA TYR E 113 -61.48 -16.17 -47.35
C TYR E 113 -62.40 -15.00 -46.98
N GLU E 114 -63.35 -15.28 -46.09
CA GLU E 114 -64.29 -14.28 -45.62
C GLU E 114 -63.54 -13.31 -44.76
N ARG E 115 -62.84 -13.89 -43.80
CA ARG E 115 -62.08 -13.14 -42.80
C ARG E 115 -60.72 -13.78 -42.57
N LEU E 116 -59.75 -13.43 -43.41
CA LEU E 116 -58.40 -13.99 -43.28
C LEU E 116 -57.63 -13.36 -42.14
N GLY E 117 -57.08 -14.22 -41.28
CA GLY E 117 -56.29 -13.78 -40.15
C GLY E 117 -54.82 -13.74 -40.56
N VAL E 118 -54.02 -13.00 -39.80
CA VAL E 118 -52.60 -12.90 -40.08
C VAL E 118 -51.76 -12.90 -38.80
N ILE E 119 -50.78 -13.79 -38.75
CA ILE E 119 -49.84 -13.79 -37.63
C ILE E 119 -48.53 -13.24 -38.22
N TRP E 120 -48.14 -12.06 -37.79
CA TRP E 120 -46.93 -11.41 -38.29
C TRP E 120 -45.86 -11.59 -37.21
N TYR E 121 -45.00 -12.58 -37.44
CA TYR E 121 -43.91 -12.99 -36.56
C TYR E 121 -42.70 -12.22 -37.06
N ASP E 122 -42.29 -11.20 -36.31
CA ASP E 122 -41.25 -10.30 -36.79
C ASP E 122 -40.73 -9.41 -35.66
N ALA E 123 -39.53 -8.89 -35.83
CA ALA E 123 -38.93 -7.97 -34.87
C ALA E 123 -39.52 -6.57 -35.15
N HIS E 124 -40.14 -6.41 -36.31
CA HIS E 124 -40.69 -5.14 -36.76
C HIS E 124 -42.19 -5.22 -37.06
N GLY E 125 -42.85 -4.05 -37.16
CA GLY E 125 -44.27 -4.02 -37.46
C GLY E 125 -44.57 -4.02 -38.96
N ASP E 126 -43.67 -3.43 -39.74
CA ASP E 126 -43.80 -3.33 -41.19
C ASP E 126 -45.08 -2.60 -41.61
N VAL E 127 -45.45 -1.60 -40.82
CA VAL E 127 -46.66 -0.83 -41.06
C VAL E 127 -46.39 0.62 -41.50
N ASN E 128 -45.24 0.84 -42.15
CA ASN E 128 -44.91 2.17 -42.66
C ASN E 128 -45.60 2.40 -44.02
N THR E 129 -45.75 3.66 -44.39
CA THR E 129 -46.34 4.07 -45.66
C THR E 129 -45.30 5.01 -46.28
N ALA E 130 -45.57 5.47 -47.50
CA ALA E 130 -44.64 6.37 -48.18
C ALA E 130 -44.38 7.62 -47.33
N GLU E 131 -45.40 8.04 -46.58
CA GLU E 131 -45.31 9.20 -45.74
C GLU E 131 -44.61 8.99 -44.42
N THR E 132 -44.72 7.79 -43.85
CA THR E 132 -44.08 7.55 -42.58
C THR E 132 -42.72 6.90 -42.67
N SER E 133 -42.44 6.28 -43.80
CA SER E 133 -41.16 5.57 -43.97
C SER E 133 -39.93 6.44 -43.88
N PRO E 134 -39.02 6.09 -42.98
CA PRO E 134 -37.78 6.87 -42.83
C PRO E 134 -36.75 6.43 -43.86
N SER E 135 -37.05 5.39 -44.63
CA SER E 135 -36.09 4.85 -45.61
C SER E 135 -36.57 4.73 -47.04
N GLY E 136 -37.87 4.50 -47.22
CA GLY E 136 -38.40 4.32 -48.54
C GLY E 136 -38.33 2.85 -48.95
N ASN E 137 -37.89 1.98 -48.03
CA ASN E 137 -37.81 0.53 -48.31
C ASN E 137 -39.20 -0.10 -48.20
N ILE E 138 -39.67 -0.70 -49.29
CA ILE E 138 -41.00 -1.28 -49.32
C ILE E 138 -41.17 -2.51 -48.44
N HIS E 139 -40.07 -3.12 -48.02
CA HIS E 139 -40.17 -4.29 -47.15
C HIS E 139 -40.62 -3.89 -45.75
N GLY E 140 -40.68 -2.59 -45.52
CA GLY E 140 -41.13 -2.07 -44.23
C GLY E 140 -42.56 -1.55 -44.31
N MET E 141 -43.23 -1.85 -45.43
CA MET E 141 -44.60 -1.40 -45.67
C MET E 141 -45.65 -2.49 -45.99
N PRO E 142 -45.26 -3.79 -46.16
CA PRO E 142 -46.27 -4.81 -46.49
C PRO E 142 -47.49 -5.02 -45.62
N LEU E 143 -47.36 -4.88 -44.31
CA LEU E 143 -48.53 -5.10 -43.47
C LEU E 143 -49.50 -3.95 -43.65
N ALA E 144 -49.00 -2.72 -43.65
CA ALA E 144 -49.86 -1.55 -43.82
C ALA E 144 -50.53 -1.59 -45.18
N ALA E 145 -49.77 -1.86 -46.25
CA ALA E 145 -50.32 -1.92 -47.59
C ALA E 145 -51.43 -2.99 -47.71
N SER E 146 -51.22 -4.13 -47.07
CA SER E 146 -52.21 -5.19 -47.11
C SER E 146 -53.50 -4.80 -46.37
N LEU E 147 -53.36 -3.90 -45.39
CA LEU E 147 -54.51 -3.42 -44.64
C LEU E 147 -55.17 -2.26 -45.39
N GLY E 148 -54.65 -1.98 -46.58
CA GLY E 148 -55.20 -0.91 -47.39
C GLY E 148 -54.57 0.46 -47.22
N PHE E 149 -53.47 0.56 -46.47
CA PHE E 149 -52.82 1.84 -46.24
C PHE E 149 -51.48 1.90 -46.95
N GLY E 150 -51.38 2.79 -47.94
CA GLY E 150 -50.15 2.95 -48.67
C GLY E 150 -50.40 3.41 -50.10
N HIS E 151 -49.36 3.32 -50.92
CA HIS E 151 -49.44 3.71 -52.32
C HIS E 151 -50.34 2.72 -53.02
N PRO E 152 -51.26 3.22 -53.87
CA PRO E 152 -52.21 2.38 -54.61
C PRO E 152 -51.54 1.29 -55.45
N ALA E 153 -50.29 1.51 -55.82
CA ALA E 153 -49.55 0.52 -56.59
C ALA E 153 -49.33 -0.74 -55.75
N LEU E 154 -49.29 -0.55 -54.43
CA LEU E 154 -49.09 -1.65 -53.50
C LEU E 154 -50.40 -2.16 -52.90
N THR E 155 -51.32 -1.24 -52.59
CA THR E 155 -52.59 -1.60 -51.97
C THR E 155 -53.59 -2.24 -52.92
N GLN E 156 -53.41 -1.98 -54.20
CA GLN E 156 -54.31 -2.51 -55.22
C GLN E 156 -53.88 -3.78 -55.93
N ILE E 157 -52.72 -4.32 -55.57
CA ILE E 157 -52.20 -5.55 -56.17
C ILE E 157 -53.31 -6.62 -56.15
N GLY E 158 -53.47 -7.36 -57.24
CA GLY E 158 -54.53 -8.36 -57.26
C GLY E 158 -55.90 -7.79 -57.59
N GLY E 159 -55.98 -6.48 -57.69
CA GLY E 159 -57.25 -5.86 -58.02
C GLY E 159 -58.29 -5.67 -56.95
N TYR E 160 -57.89 -5.70 -55.68
CA TYR E 160 -58.85 -5.49 -54.60
C TYR E 160 -58.13 -4.97 -53.37
N SER E 161 -58.89 -4.40 -52.45
CA SER E 161 -58.32 -3.79 -51.26
C SER E 161 -59.42 -3.56 -50.23
N PRO E 162 -59.14 -3.78 -48.93
CA PRO E 162 -57.87 -4.24 -48.38
C PRO E 162 -57.90 -5.76 -48.38
N LYS E 163 -56.77 -6.40 -48.14
CA LYS E 163 -56.75 -7.87 -48.10
C LYS E 163 -57.25 -8.37 -46.75
N ILE E 164 -56.86 -7.71 -45.68
CA ILE E 164 -57.28 -8.11 -44.35
C ILE E 164 -57.66 -6.92 -43.48
N LYS E 165 -58.32 -7.23 -42.37
CA LYS E 165 -58.76 -6.24 -41.40
C LYS E 165 -57.79 -6.20 -40.20
N PRO E 166 -57.58 -5.02 -39.60
CA PRO E 166 -56.68 -4.82 -38.45
C PRO E 166 -56.97 -5.73 -37.27
N GLU E 167 -58.25 -5.98 -37.02
CA GLU E 167 -58.70 -6.81 -35.92
C GLU E 167 -58.41 -8.30 -36.11
N HIS E 168 -57.93 -8.65 -37.29
CA HIS E 168 -57.60 -10.04 -37.62
C HIS E 168 -56.08 -10.29 -37.73
N VAL E 169 -55.30 -9.30 -37.31
CA VAL E 169 -53.84 -9.39 -37.32
C VAL E 169 -53.28 -9.51 -35.91
N VAL E 170 -52.25 -10.34 -35.73
CA VAL E 170 -51.56 -10.44 -34.45
C VAL E 170 -50.05 -10.37 -34.72
N LEU E 171 -49.39 -9.36 -34.17
CA LEU E 171 -47.94 -9.22 -34.33
C LEU E 171 -47.27 -9.94 -33.18
N ILE E 172 -46.22 -10.71 -33.46
CA ILE E 172 -45.52 -11.44 -32.41
C ILE E 172 -44.00 -11.27 -32.51
N GLY E 173 -43.38 -10.90 -31.39
CA GLY E 173 -41.94 -10.76 -31.31
C GLY E 173 -41.37 -9.38 -31.59
N VAL E 174 -42.26 -8.41 -31.73
CA VAL E 174 -41.84 -7.04 -32.04
C VAL E 174 -40.93 -6.37 -31.00
N ARG E 175 -39.93 -5.64 -31.49
CA ARG E 175 -39.00 -4.95 -30.62
C ARG E 175 -38.36 -3.76 -31.30
N SER E 176 -38.89 -3.39 -32.46
CA SER E 176 -38.35 -2.26 -33.21
C SER E 176 -39.42 -1.55 -34.04
N LEU E 177 -40.05 -0.51 -33.47
CA LEU E 177 -41.09 0.23 -34.18
C LEU E 177 -40.82 1.73 -34.26
N ASP E 178 -41.05 2.32 -35.43
CA ASP E 178 -40.88 3.74 -35.60
C ASP E 178 -42.08 4.34 -34.87
N GLU E 179 -41.99 5.60 -34.47
CA GLU E 179 -43.09 6.25 -33.77
C GLU E 179 -44.40 6.25 -34.57
N GLY E 180 -44.28 6.37 -35.89
CA GLY E 180 -45.44 6.38 -36.75
C GLY E 180 -46.11 5.01 -36.79
N GLU E 181 -45.30 3.95 -36.68
CA GLU E 181 -45.81 2.58 -36.65
C GLU E 181 -46.53 2.32 -35.34
N LYS E 182 -45.99 2.84 -34.24
CA LYS E 182 -46.62 2.66 -32.93
C LYS E 182 -47.99 3.31 -32.95
N LYS E 183 -48.06 4.48 -33.58
CA LYS E 183 -49.30 5.23 -33.73
C LYS E 183 -50.28 4.44 -34.60
N PHE E 184 -49.78 3.92 -35.73
CA PHE E 184 -50.58 3.13 -36.66
C PHE E 184 -51.18 1.92 -35.90
N ILE E 185 -50.31 1.17 -35.22
CA ILE E 185 -50.73 0.00 -34.48
C ILE E 185 -51.77 0.36 -33.42
N ARG E 186 -51.49 1.44 -32.68
CA ARG E 186 -52.40 1.92 -31.63
C ARG E 186 -53.75 2.32 -32.18
N GLU E 187 -53.73 3.11 -33.24
CA GLU E 187 -54.95 3.60 -33.85
C GLU E 187 -55.77 2.61 -34.62
N LYS E 188 -55.13 1.63 -35.26
CA LYS E 188 -55.90 0.64 -36.00
C LYS E 188 -56.36 -0.47 -35.06
N GLY E 189 -55.84 -0.46 -33.84
CA GLY E 189 -56.21 -1.48 -32.87
C GLY E 189 -55.68 -2.84 -33.25
N ILE E 190 -54.41 -2.91 -33.65
CA ILE E 190 -53.81 -4.19 -34.04
C ILE E 190 -53.26 -4.89 -32.82
N LYS E 191 -53.62 -6.15 -32.63
CA LYS E 191 -53.15 -6.93 -31.49
C LYS E 191 -51.64 -7.16 -31.66
N ILE E 192 -50.88 -6.94 -30.60
CA ILE E 192 -49.43 -7.07 -30.68
C ILE E 192 -48.77 -7.57 -29.39
N TYR E 193 -47.86 -8.52 -29.54
CA TYR E 193 -47.10 -9.06 -28.43
C TYR E 193 -45.66 -8.73 -28.72
N THR E 194 -45.15 -7.68 -28.07
CA THR E 194 -43.75 -7.30 -28.24
C THR E 194 -42.94 -8.27 -27.37
N MET E 195 -41.63 -8.10 -27.35
CA MET E 195 -40.78 -8.97 -26.53
C MET E 195 -41.10 -8.80 -25.05
N HIS E 196 -41.68 -7.66 -24.68
CA HIS E 196 -42.07 -7.40 -23.29
C HIS E 196 -43.12 -8.41 -22.87
N GLU E 197 -44.16 -8.56 -23.70
CA GLU E 197 -45.22 -9.53 -23.43
C GLU E 197 -44.71 -10.96 -23.49
N VAL E 198 -43.83 -11.27 -24.44
CA VAL E 198 -43.29 -12.62 -24.53
C VAL E 198 -42.55 -12.96 -23.23
N ASP E 199 -41.70 -12.04 -22.77
CA ASP E 199 -40.93 -12.22 -21.53
C ASP E 199 -41.83 -12.28 -20.30
N ARG E 200 -42.83 -11.40 -20.29
CA ARG E 200 -43.75 -11.33 -19.17
C ARG E 200 -44.75 -12.47 -19.06
N LEU E 201 -45.35 -12.86 -20.19
CA LEU E 201 -46.35 -13.92 -20.23
C LEU E 201 -45.81 -15.27 -20.61
N GLY E 202 -44.71 -15.28 -21.37
CA GLY E 202 -44.14 -16.53 -21.82
C GLY E 202 -44.74 -16.85 -23.21
N MET E 203 -43.98 -17.54 -24.06
CA MET E 203 -44.45 -17.86 -25.41
C MET E 203 -45.70 -18.74 -25.42
N THR E 204 -45.81 -19.67 -24.49
CA THR E 204 -46.97 -20.53 -24.43
C THR E 204 -48.26 -19.72 -24.36
N ARG E 205 -48.30 -18.80 -23.42
CA ARG E 205 -49.47 -17.96 -23.24
C ARG E 205 -49.73 -17.02 -24.42
N VAL E 206 -48.67 -16.44 -24.98
CA VAL E 206 -48.80 -15.57 -26.15
C VAL E 206 -49.48 -16.36 -27.28
N MET E 207 -49.03 -17.60 -27.50
CA MET E 207 -49.57 -18.44 -28.53
C MET E 207 -51.00 -18.91 -28.26
N GLU E 208 -51.29 -19.29 -27.02
CA GLU E 208 -52.64 -19.72 -26.65
C GLU E 208 -53.62 -18.55 -26.88
N GLU E 209 -53.25 -17.36 -26.45
CA GLU E 209 -54.10 -16.19 -26.65
C GLU E 209 -54.27 -15.88 -28.13
N THR E 210 -53.18 -15.91 -28.88
CA THR E 210 -53.20 -15.64 -30.31
C THR E 210 -54.09 -16.60 -31.09
N ILE E 211 -53.90 -17.88 -30.82
CA ILE E 211 -54.66 -18.91 -31.48
C ILE E 211 -56.14 -18.77 -31.16
N ALA E 212 -56.44 -18.57 -29.88
CA ALA E 212 -57.82 -18.43 -29.45
C ALA E 212 -58.46 -17.19 -30.07
N TYR E 213 -57.72 -16.09 -30.07
CA TYR E 213 -58.20 -14.84 -30.63
C TYR E 213 -58.58 -14.99 -32.10
N LEU E 214 -57.67 -15.55 -32.89
CA LEU E 214 -57.89 -15.71 -34.32
C LEU E 214 -58.92 -16.76 -34.68
N LYS E 215 -58.80 -17.94 -34.06
CA LYS E 215 -59.71 -19.05 -34.31
C LYS E 215 -61.17 -18.61 -34.11
N GLU E 216 -61.34 -17.66 -33.21
CA GLU E 216 -62.63 -17.12 -32.86
C GLU E 216 -63.21 -16.14 -33.88
N ARG E 217 -62.39 -15.56 -34.74
CA ARG E 217 -62.93 -14.58 -35.68
C ARG E 217 -62.46 -14.65 -37.15
N THR E 218 -61.79 -15.74 -37.51
CA THR E 218 -61.28 -15.87 -38.85
C THR E 218 -61.58 -17.24 -39.44
N ASP E 219 -61.57 -17.37 -40.76
CA ASP E 219 -61.83 -18.65 -41.38
C ASP E 219 -60.57 -19.17 -42.09
N GLY E 220 -59.45 -18.53 -41.79
CA GLY E 220 -58.19 -18.94 -42.37
C GLY E 220 -57.14 -18.07 -41.72
N VAL E 221 -55.91 -18.56 -41.61
CA VAL E 221 -54.82 -17.76 -41.03
C VAL E 221 -53.52 -17.86 -41.81
N HIS E 222 -53.00 -16.70 -42.21
CA HIS E 222 -51.75 -16.68 -42.93
C HIS E 222 -50.61 -16.37 -41.95
N LEU E 223 -49.56 -17.18 -41.99
CA LEU E 223 -48.41 -16.94 -41.14
C LEU E 223 -47.33 -16.24 -42.00
N SER E 224 -46.95 -15.04 -41.60
CA SER E 224 -45.93 -14.30 -42.31
C SER E 224 -44.73 -14.22 -41.36
N LEU E 225 -43.77 -15.11 -41.56
CA LEU E 225 -42.61 -15.18 -40.67
C LEU E 225 -41.30 -14.60 -41.19
N ASP E 226 -40.90 -13.50 -40.57
CA ASP E 226 -39.66 -12.81 -40.89
C ASP E 226 -38.62 -13.41 -39.93
N LEU E 227 -37.56 -14.01 -40.49
CA LEU E 227 -36.52 -14.64 -39.68
C LEU E 227 -35.87 -13.71 -38.66
N ASP E 228 -35.97 -12.40 -38.88
CA ASP E 228 -35.40 -11.47 -37.92
C ASP E 228 -36.19 -11.40 -36.62
N GLY E 229 -37.32 -12.10 -36.59
CA GLY E 229 -38.13 -12.17 -35.37
C GLY E 229 -37.31 -12.90 -34.32
N LEU E 230 -36.50 -13.86 -34.76
CA LEU E 230 -35.63 -14.61 -33.88
C LEU E 230 -34.40 -13.77 -33.57
N ASP E 231 -33.74 -14.07 -32.45
CA ASP E 231 -32.56 -13.34 -32.05
C ASP E 231 -31.46 -13.54 -33.10
N PRO E 232 -30.64 -12.49 -33.35
CA PRO E 232 -29.55 -12.58 -34.33
C PRO E 232 -28.58 -13.71 -34.04
N SER E 233 -28.52 -14.15 -32.78
CA SER E 233 -27.63 -15.24 -32.43
C SER E 233 -28.14 -16.56 -32.99
N ASP E 234 -29.47 -16.68 -33.15
CA ASP E 234 -30.11 -17.86 -33.73
C ASP E 234 -30.31 -17.75 -35.25
N ALA E 235 -30.58 -16.54 -35.72
CA ALA E 235 -30.82 -16.28 -37.14
C ALA E 235 -30.02 -15.08 -37.55
N PRO E 236 -28.69 -15.26 -37.70
CA PRO E 236 -27.79 -14.17 -38.09
C PRO E 236 -27.96 -13.64 -39.51
N GLY E 237 -28.36 -14.49 -40.44
CA GLY E 237 -28.49 -14.07 -41.83
C GLY E 237 -29.73 -13.32 -42.19
N VAL E 238 -29.84 -12.09 -41.70
CA VAL E 238 -30.98 -11.21 -41.96
C VAL E 238 -30.45 -9.79 -42.16
N GLY E 239 -31.15 -8.99 -42.95
CA GLY E 239 -30.71 -7.65 -43.22
C GLY E 239 -30.95 -6.62 -42.12
N THR E 240 -31.99 -6.80 -41.32
CA THR E 240 -32.27 -5.86 -40.26
C THR E 240 -32.36 -6.57 -38.92
N PRO E 241 -31.20 -7.01 -38.39
CA PRO E 241 -31.19 -7.72 -37.11
C PRO E 241 -31.46 -6.79 -35.92
N VAL E 242 -32.15 -7.31 -34.91
CA VAL E 242 -32.44 -6.54 -33.69
C VAL E 242 -32.21 -7.51 -32.53
N ILE E 243 -31.32 -7.14 -31.62
CA ILE E 243 -31.02 -8.00 -30.49
C ILE E 243 -32.20 -8.17 -29.54
N GLY E 244 -32.10 -9.16 -28.66
CA GLY E 244 -33.14 -9.44 -27.68
C GLY E 244 -34.33 -10.08 -28.35
N GLY E 245 -34.10 -11.02 -29.24
CA GLY E 245 -35.20 -11.67 -29.93
C GLY E 245 -35.65 -13.03 -29.44
N LEU E 246 -36.57 -13.63 -30.19
CA LEU E 246 -37.10 -14.94 -29.88
C LEU E 246 -36.03 -16.03 -30.05
N THR E 247 -36.04 -17.01 -29.14
CA THR E 247 -35.10 -18.10 -29.20
C THR E 247 -35.53 -19.17 -30.21
N TYR E 248 -34.60 -20.05 -30.55
CA TYR E 248 -34.84 -21.14 -31.47
C TYR E 248 -35.97 -22.02 -30.90
N ARG E 249 -35.88 -22.29 -29.60
CA ARG E 249 -36.87 -23.11 -28.91
C ARG E 249 -38.26 -22.48 -28.85
N GLU E 250 -38.35 -21.18 -28.59
CA GLU E 250 -39.64 -20.49 -28.54
C GLU E 250 -40.30 -20.53 -29.90
N SER E 251 -39.48 -20.44 -30.95
CA SER E 251 -39.97 -20.46 -32.32
C SER E 251 -40.50 -21.84 -32.69
N HIS E 252 -39.82 -22.89 -32.22
CA HIS E 252 -40.30 -24.25 -32.47
C HIS E 252 -41.63 -24.46 -31.76
N LEU E 253 -41.69 -24.02 -30.50
CA LEU E 253 -42.91 -24.13 -29.70
C LEU E 253 -44.08 -23.46 -30.41
N ALA E 254 -43.88 -22.23 -30.87
CA ALA E 254 -44.90 -21.49 -31.59
C ALA E 254 -45.40 -22.28 -32.80
N MET E 255 -44.48 -22.83 -33.59
CA MET E 255 -44.84 -23.58 -34.80
C MET E 255 -45.58 -24.87 -34.43
N GLU E 256 -45.12 -25.54 -33.37
CA GLU E 256 -45.74 -26.77 -32.91
C GLU E 256 -47.17 -26.52 -32.41
N MET E 257 -47.40 -25.37 -31.76
CA MET E 257 -48.74 -25.04 -31.26
C MET E 257 -49.68 -24.63 -32.40
N LEU E 258 -49.12 -23.99 -33.43
CA LEU E 258 -49.91 -23.59 -34.60
C LEU E 258 -50.32 -24.85 -35.36
N ALA E 259 -49.38 -25.77 -35.51
CA ALA E 259 -49.62 -27.05 -36.18
C ALA E 259 -50.73 -27.80 -35.43
N GLU E 260 -50.64 -27.82 -34.12
CA GLU E 260 -51.61 -28.49 -33.28
C GLU E 260 -52.99 -27.86 -33.44
N ALA E 261 -53.04 -26.53 -33.52
CA ALA E 261 -54.29 -25.81 -33.67
C ALA E 261 -54.93 -25.98 -35.04
N GLN E 262 -54.12 -26.32 -36.04
CA GLN E 262 -54.61 -26.53 -37.40
C GLN E 262 -55.28 -25.31 -38.02
N ILE E 263 -54.84 -24.11 -37.67
CA ILE E 263 -55.43 -22.89 -38.21
C ILE E 263 -54.65 -22.25 -39.37
N ILE E 264 -53.40 -22.65 -39.58
CA ILE E 264 -52.59 -22.07 -40.66
C ILE E 264 -52.98 -22.60 -42.03
N THR E 265 -53.40 -21.68 -42.90
CA THR E 265 -53.83 -22.02 -44.25
C THR E 265 -52.90 -21.56 -45.39
N SER E 266 -51.88 -20.78 -45.01
CA SER E 266 -50.88 -20.29 -45.96
C SER E 266 -49.72 -19.72 -45.15
N ALA E 267 -48.51 -19.75 -45.70
CA ALA E 267 -47.33 -19.29 -44.97
C ALA E 267 -46.22 -18.80 -45.88
N GLU E 268 -45.35 -17.97 -45.34
CA GLU E 268 -44.20 -17.47 -46.06
C GLU E 268 -43.09 -17.24 -45.06
N PHE E 269 -41.87 -17.60 -45.46
CA PHE E 269 -40.67 -17.43 -44.63
C PHE E 269 -39.79 -16.47 -45.41
N VAL E 270 -39.57 -15.30 -44.84
CA VAL E 270 -38.82 -14.25 -45.52
C VAL E 270 -37.58 -13.69 -44.82
N GLU E 271 -36.85 -12.86 -45.57
CA GLU E 271 -35.67 -12.15 -45.11
C GLU E 271 -34.39 -12.96 -44.91
N VAL E 272 -34.41 -14.21 -45.35
CA VAL E 272 -33.23 -15.05 -45.24
C VAL E 272 -32.17 -14.53 -46.21
N ASN E 273 -31.02 -14.11 -45.69
CA ASN E 273 -29.90 -13.60 -46.49
C ASN E 273 -28.63 -14.43 -46.20
N PRO E 274 -28.30 -15.37 -47.10
CA PRO E 274 -27.12 -16.26 -46.99
C PRO E 274 -25.82 -15.45 -46.93
N ILE E 275 -25.81 -14.32 -47.64
CA ILE E 275 -24.67 -13.45 -47.73
C ILE E 275 -24.29 -12.78 -46.40
N LEU E 276 -25.25 -12.71 -45.48
CA LEU E 276 -25.02 -12.13 -44.15
C LEU E 276 -25.02 -13.21 -43.07
N ASP E 277 -25.23 -14.46 -43.51
CA ASP E 277 -25.35 -15.61 -42.64
C ASP E 277 -24.03 -16.32 -42.25
N GLU E 278 -24.15 -17.31 -41.40
CA GLU E 278 -23.04 -18.14 -40.96
C GLU E 278 -23.35 -19.58 -41.38
N ARG E 279 -22.79 -20.00 -42.51
CA ARG E 279 -22.97 -21.34 -43.03
C ARG E 279 -24.42 -21.81 -43.14
N ASN E 280 -25.25 -20.97 -43.75
CA ASN E 280 -26.65 -21.33 -43.95
C ASN E 280 -27.48 -21.63 -42.69
N LYS E 281 -27.01 -21.16 -41.54
CA LYS E 281 -27.71 -21.36 -40.29
C LYS E 281 -29.17 -20.87 -40.29
N THR E 282 -29.40 -19.68 -40.83
CA THR E 282 -30.72 -19.09 -40.86
C THR E 282 -31.68 -19.84 -41.75
N ALA E 283 -31.21 -20.25 -42.93
CA ALA E 283 -32.05 -21.00 -43.86
C ALA E 283 -32.38 -22.34 -43.20
N SER E 284 -31.41 -22.88 -42.47
CA SER E 284 -31.61 -24.15 -41.79
C SER E 284 -32.67 -24.01 -40.69
N VAL E 285 -32.61 -22.90 -39.94
CA VAL E 285 -33.58 -22.61 -38.89
C VAL E 285 -34.96 -22.54 -39.54
N ALA E 286 -35.08 -21.77 -40.63
CA ALA E 286 -36.37 -21.62 -41.32
C ALA E 286 -36.96 -22.97 -41.70
N VAL E 287 -36.12 -23.86 -42.23
CA VAL E 287 -36.55 -25.20 -42.64
C VAL E 287 -37.00 -26.06 -41.43
N ALA E 288 -36.28 -25.96 -40.31
CA ALA E 288 -36.65 -26.71 -39.11
C ALA E 288 -38.01 -26.21 -38.62
N LEU E 289 -38.21 -24.89 -38.62
CA LEU E 289 -39.48 -24.27 -38.23
C LEU E 289 -40.64 -24.71 -39.14
N MET E 290 -40.41 -24.76 -40.45
CA MET E 290 -41.44 -25.22 -41.39
C MET E 290 -41.79 -26.68 -41.04
N GLY E 291 -40.76 -27.46 -40.71
CA GLY E 291 -40.97 -28.85 -40.32
C GLY E 291 -41.98 -28.91 -39.18
N SER E 292 -41.73 -28.15 -38.13
CA SER E 292 -42.64 -28.12 -36.99
C SER E 292 -44.01 -27.59 -37.36
N LEU E 293 -44.06 -26.55 -38.20
CA LEU E 293 -45.34 -25.96 -38.62
C LEU E 293 -46.23 -26.99 -39.33
N PHE E 294 -45.62 -27.84 -40.13
CA PHE E 294 -46.37 -28.83 -40.87
C PHE E 294 -46.59 -30.15 -40.16
N GLY E 295 -46.45 -30.13 -38.84
CA GLY E 295 -46.71 -31.33 -38.05
C GLY E 295 -45.60 -32.19 -37.52
N GLU E 296 -44.34 -31.85 -37.79
CA GLU E 296 -43.24 -32.66 -37.29
C GLU E 296 -43.26 -32.59 -35.78
N LYS E 297 -43.25 -33.75 -35.12
CA LYS E 297 -43.28 -33.82 -33.66
C LYS E 297 -42.08 -34.59 -33.11
N LEU E 298 -41.68 -34.25 -31.88
CA LEU E 298 -40.55 -34.90 -31.23
C LEU E 298 -40.92 -36.29 -30.74
N MET E 299 -42.20 -36.46 -30.44
CA MET E 299 -42.76 -37.73 -30.02
C MET E 299 -44.01 -37.89 -30.88
N LYS F 2 -26.71 -39.78 3.57
CA LYS F 2 -26.18 -41.13 3.21
C LYS F 2 -24.82 -41.00 2.50
N PRO F 3 -23.82 -41.79 2.93
CA PRO F 3 -22.48 -41.74 2.31
C PRO F 3 -22.59 -42.10 0.83
N ILE F 4 -21.66 -41.59 0.04
CA ILE F 4 -21.65 -41.84 -1.40
C ILE F 4 -20.41 -42.64 -1.80
N SER F 5 -20.60 -43.49 -2.80
CA SER F 5 -19.51 -44.30 -3.35
C SER F 5 -19.48 -44.05 -4.85
N ILE F 6 -18.34 -43.53 -5.32
CA ILE F 6 -18.19 -43.30 -6.74
C ILE F 6 -17.56 -44.52 -7.43
N ILE F 7 -18.18 -44.93 -8.52
CA ILE F 7 -17.65 -46.04 -9.31
C ILE F 7 -17.48 -45.48 -10.73
N GLY F 8 -16.26 -45.57 -11.25
CA GLY F 8 -16.01 -45.11 -12.60
C GLY F 8 -16.15 -46.28 -13.55
N VAL F 9 -16.68 -46.04 -14.76
CA VAL F 9 -16.83 -47.09 -15.74
C VAL F 9 -16.37 -46.49 -17.07
N PRO F 10 -15.08 -46.64 -17.37
CA PRO F 10 -14.43 -46.14 -18.60
C PRO F 10 -14.79 -46.95 -19.84
N MET F 11 -16.07 -46.86 -20.17
CA MET F 11 -16.69 -47.57 -21.28
C MET F 11 -17.00 -46.74 -22.52
N ASP F 12 -16.57 -47.21 -23.69
CA ASP F 12 -16.89 -46.55 -24.92
C ASP F 12 -17.35 -47.56 -25.98
N LEU F 13 -17.51 -48.82 -25.53
CA LEU F 13 -17.92 -49.91 -26.40
C LEU F 13 -19.40 -49.93 -26.77
N GLY F 14 -20.21 -49.15 -26.07
CA GLY F 14 -21.64 -49.08 -26.36
C GLY F 14 -21.95 -48.18 -27.54
N GLN F 15 -20.91 -47.58 -28.10
CA GLN F 15 -21.02 -46.70 -29.26
C GLN F 15 -19.70 -46.67 -30.03
N THR F 16 -19.60 -45.87 -31.08
CA THR F 16 -18.40 -45.87 -31.89
C THR F 16 -17.37 -44.76 -31.78
N ARG F 17 -17.66 -43.68 -31.06
CA ARG F 17 -16.71 -42.58 -30.93
C ARG F 17 -15.82 -42.77 -29.72
N ARG F 18 -14.53 -42.87 -29.95
CA ARG F 18 -13.60 -43.07 -28.84
C ARG F 18 -13.46 -41.81 -27.97
N GLY F 19 -13.10 -42.00 -26.70
CA GLY F 19 -12.94 -40.87 -25.82
C GLY F 19 -13.90 -40.82 -24.66
N VAL F 20 -15.10 -41.40 -24.79
CA VAL F 20 -16.08 -41.39 -23.70
C VAL F 20 -15.60 -42.24 -22.52
N ASP F 21 -14.60 -43.09 -22.78
CA ASP F 21 -14.01 -43.90 -21.73
C ASP F 21 -13.17 -43.00 -20.82
N MET F 22 -12.89 -41.78 -21.28
CA MET F 22 -12.12 -40.82 -20.51
C MET F 22 -13.04 -39.97 -19.64
N GLY F 23 -14.35 -40.17 -19.79
CA GLY F 23 -15.32 -39.42 -19.01
C GLY F 23 -15.21 -39.50 -17.50
N PRO F 24 -14.97 -40.70 -16.91
CA PRO F 24 -14.86 -40.79 -15.46
C PRO F 24 -13.74 -39.92 -14.88
N SER F 25 -12.57 -40.00 -15.48
CA SER F 25 -11.45 -39.22 -15.00
C SER F 25 -11.54 -37.73 -15.31
N ALA F 26 -12.26 -37.38 -16.38
CA ALA F 26 -12.45 -35.95 -16.71
C ALA F 26 -13.30 -35.35 -15.59
N MET F 27 -14.28 -36.12 -15.12
CA MET F 27 -15.15 -35.66 -14.04
C MET F 27 -14.41 -35.61 -12.72
N ARG F 28 -13.50 -36.56 -12.51
CA ARG F 28 -12.67 -36.58 -11.32
C ARG F 28 -11.81 -35.32 -11.36
N TYR F 29 -11.23 -35.05 -12.53
CA TYR F 29 -10.39 -33.86 -12.68
C TYR F 29 -11.20 -32.59 -12.57
N ALA F 30 -12.49 -32.64 -12.89
CA ALA F 30 -13.33 -31.46 -12.76
C ALA F 30 -13.64 -31.19 -11.28
N GLY F 31 -13.13 -32.06 -10.41
CA GLY F 31 -13.31 -31.89 -8.98
C GLY F 31 -14.53 -32.49 -8.31
N VAL F 32 -15.04 -33.60 -8.82
CA VAL F 32 -16.22 -34.20 -8.20
C VAL F 32 -16.09 -34.54 -6.72
N ILE F 33 -14.95 -35.08 -6.31
CA ILE F 33 -14.74 -35.46 -4.91
C ILE F 33 -14.75 -34.24 -3.99
N GLU F 34 -14.02 -33.22 -4.40
CA GLU F 34 -13.91 -31.99 -3.63
C GLU F 34 -15.27 -31.32 -3.46
N ARG F 35 -16.04 -31.35 -4.55
CA ARG F 35 -17.36 -30.73 -4.60
C ARG F 35 -18.28 -31.35 -3.58
N LEU F 36 -18.28 -32.69 -3.55
CA LEU F 36 -19.15 -33.42 -2.64
C LEU F 36 -18.65 -33.42 -1.20
N GLU F 37 -17.33 -33.36 -1.03
CA GLU F 37 -16.74 -33.31 0.31
C GLU F 37 -17.08 -32.00 0.98
N ARG F 38 -17.14 -30.95 0.16
CA ARG F 38 -17.46 -29.61 0.61
C ARG F 38 -18.85 -29.64 1.23
N LEU F 39 -19.72 -30.50 0.71
CA LEU F 39 -21.08 -30.63 1.22
C LEU F 39 -21.19 -31.52 2.46
N HIS F 40 -20.04 -31.88 3.03
CA HIS F 40 -19.95 -32.71 4.23
C HIS F 40 -20.32 -34.17 4.05
N TYR F 41 -20.16 -34.66 2.83
CA TYR F 41 -20.46 -36.05 2.55
C TYR F 41 -19.27 -36.94 2.87
N ASP F 42 -19.56 -38.20 3.19
CA ASP F 42 -18.54 -39.20 3.43
C ASP F 42 -18.51 -39.75 2.02
N ILE F 43 -17.48 -39.35 1.26
CA ILE F 43 -17.36 -39.78 -0.12
C ILE F 43 -16.17 -40.73 -0.32
N GLU F 44 -16.44 -41.80 -1.05
CA GLU F 44 -15.46 -42.83 -1.32
C GLU F 44 -15.33 -43.07 -2.83
N ASP F 45 -14.12 -43.12 -3.33
CA ASP F 45 -13.91 -43.39 -4.76
C ASP F 45 -13.42 -44.85 -4.91
N LEU F 46 -14.30 -45.70 -5.40
CA LEU F 46 -13.97 -47.11 -5.58
C LEU F 46 -13.13 -47.43 -6.82
N GLY F 47 -12.74 -46.43 -7.59
CA GLY F 47 -11.95 -46.71 -8.77
C GLY F 47 -12.80 -47.00 -9.98
N ASP F 48 -12.21 -47.63 -10.99
CA ASP F 48 -12.90 -47.94 -12.23
C ASP F 48 -13.11 -49.41 -12.46
N ILE F 49 -14.19 -49.76 -13.14
CA ILE F 49 -14.51 -51.15 -13.51
C ILE F 49 -13.58 -51.48 -14.69
N PRO F 50 -12.91 -52.65 -14.66
CA PRO F 50 -12.02 -53.06 -15.74
C PRO F 50 -12.89 -53.35 -16.93
N ILE F 51 -12.61 -52.70 -18.06
CA ILE F 51 -13.38 -52.91 -19.28
C ILE F 51 -12.52 -53.67 -20.27
N GLY F 52 -13.14 -54.57 -21.02
CA GLY F 52 -12.39 -55.34 -21.98
C GLY F 52 -12.25 -54.60 -23.29
N LYS F 53 -11.38 -55.13 -24.13
CA LYS F 53 -11.14 -54.58 -25.45
C LYS F 53 -12.22 -55.17 -26.34
N ALA F 54 -12.68 -54.37 -27.30
CA ALA F 54 -13.70 -54.83 -28.23
C ALA F 54 -13.09 -55.89 -29.13
N GLU F 55 -13.64 -57.10 -29.10
CA GLU F 55 -13.11 -58.18 -29.93
C GLU F 55 -13.72 -58.02 -31.33
N ARG F 56 -13.00 -58.51 -32.35
CA ARG F 56 -13.41 -58.42 -33.75
C ARG F 56 -14.90 -58.66 -34.00
N LEU F 57 -15.56 -57.68 -34.61
CA LEU F 57 -16.99 -57.74 -34.89
C LEU F 57 -17.38 -58.95 -35.74
N HIS F 58 -16.47 -59.39 -36.60
CA HIS F 58 -16.72 -60.55 -37.43
C HIS F 58 -16.69 -61.79 -36.53
N GLU F 59 -15.96 -61.69 -35.41
CA GLU F 59 -15.84 -62.78 -34.46
C GLU F 59 -16.56 -62.52 -33.12
N GLN F 60 -17.26 -61.38 -33.01
CA GLN F 60 -17.98 -61.04 -31.78
C GLN F 60 -19.40 -61.66 -31.69
N GLY F 61 -20.04 -61.48 -30.54
CA GLY F 61 -21.36 -62.03 -30.27
C GLY F 61 -22.59 -61.73 -31.11
N ASP F 62 -22.72 -60.52 -31.65
CA ASP F 62 -23.91 -60.20 -32.45
C ASP F 62 -23.75 -58.91 -33.26
N SER F 63 -24.14 -58.96 -34.54
CA SER F 63 -24.03 -57.83 -35.45
C SER F 63 -24.72 -56.54 -34.97
N ARG F 64 -26.04 -56.54 -34.99
CA ARG F 64 -26.89 -55.45 -34.55
C ARG F 64 -26.66 -55.12 -33.07
N LEU F 65 -25.65 -55.78 -32.49
CA LEU F 65 -25.26 -55.58 -31.11
C LEU F 65 -23.74 -55.51 -31.02
N ARG F 66 -23.17 -54.36 -31.42
CA ARG F 66 -21.72 -54.14 -31.40
C ARG F 66 -21.11 -54.31 -30.01
N ASN F 67 -20.02 -55.07 -29.95
CA ASN F 67 -19.29 -55.34 -28.71
C ASN F 67 -20.12 -55.97 -27.59
N LEU F 68 -21.08 -56.81 -27.95
CA LEU F 68 -21.99 -57.44 -26.99
C LEU F 68 -21.36 -58.11 -25.78
N LYS F 69 -20.41 -59.02 -25.99
CA LYS F 69 -19.78 -59.73 -24.89
C LYS F 69 -19.02 -58.83 -23.94
N ALA F 70 -18.25 -57.89 -24.49
CA ALA F 70 -17.47 -56.97 -23.65
C ALA F 70 -18.38 -56.00 -22.88
N VAL F 71 -19.47 -55.58 -23.51
CA VAL F 71 -20.42 -54.66 -22.88
C VAL F 71 -21.14 -55.41 -21.76
N ALA F 72 -21.54 -56.64 -22.06
CA ALA F 72 -22.24 -57.47 -21.09
C ALA F 72 -21.35 -57.83 -19.90
N GLU F 73 -20.09 -58.22 -20.17
CA GLU F 73 -19.18 -58.58 -19.07
C GLU F 73 -18.82 -57.40 -18.19
N ALA F 74 -18.64 -56.22 -18.80
CA ALA F 74 -18.33 -55.03 -18.04
C ALA F 74 -19.55 -54.65 -17.18
N ASN F 75 -20.75 -54.87 -17.73
CA ASN F 75 -21.97 -54.56 -16.99
C ASN F 75 -22.25 -55.54 -15.85
N GLU F 76 -21.78 -56.79 -15.96
CA GLU F 76 -21.95 -57.74 -14.88
C GLU F 76 -21.11 -57.29 -13.71
N LYS F 77 -19.88 -56.85 -13.99
CA LYS F 77 -18.96 -56.39 -12.95
C LYS F 77 -19.50 -55.15 -12.27
N LEU F 78 -20.05 -54.24 -13.06
CA LEU F 78 -20.64 -53.01 -12.54
C LEU F 78 -21.81 -53.32 -11.64
N ALA F 79 -22.69 -54.21 -12.08
CA ALA F 79 -23.85 -54.61 -11.30
C ALA F 79 -23.41 -55.12 -9.93
N ALA F 80 -22.40 -55.99 -9.94
CA ALA F 80 -21.86 -56.57 -8.72
C ALA F 80 -21.31 -55.49 -7.79
N ALA F 81 -20.56 -54.54 -8.35
CA ALA F 81 -19.98 -53.44 -7.57
C ALA F 81 -21.04 -52.52 -6.97
N VAL F 82 -22.06 -52.19 -7.77
CA VAL F 82 -23.15 -51.31 -7.33
C VAL F 82 -23.96 -52.01 -6.23
N ASP F 83 -24.17 -53.30 -6.43
CA ASP F 83 -24.92 -54.13 -5.47
C ASP F 83 -24.23 -54.05 -4.10
N GLN F 84 -22.91 -54.21 -4.11
CA GLN F 84 -22.10 -54.17 -2.89
C GLN F 84 -22.22 -52.83 -2.16
N VAL F 85 -22.16 -51.75 -2.93
CA VAL F 85 -22.30 -50.39 -2.39
C VAL F 85 -23.66 -50.21 -1.69
N VAL F 86 -24.74 -50.63 -2.36
CA VAL F 86 -26.08 -50.51 -1.81
C VAL F 86 -26.21 -51.37 -0.54
N GLN F 87 -25.58 -52.54 -0.54
CA GLN F 87 -25.63 -53.41 0.62
C GLN F 87 -24.90 -52.78 1.81
N ARG F 88 -23.94 -51.90 1.52
CA ARG F 88 -23.19 -51.22 2.56
C ARG F 88 -23.94 -50.00 3.04
N GLY F 89 -25.13 -49.77 2.49
CA GLY F 89 -25.93 -48.63 2.89
C GLY F 89 -25.43 -47.31 2.35
N ARG F 90 -24.74 -47.38 1.21
CA ARG F 90 -24.22 -46.17 0.59
C ARG F 90 -24.97 -45.86 -0.70
N PHE F 91 -24.86 -44.61 -1.15
CA PHE F 91 -25.50 -44.14 -2.38
C PHE F 91 -24.52 -44.40 -3.51
N PRO F 92 -24.92 -45.17 -4.53
CA PRO F 92 -24.01 -45.44 -5.64
C PRO F 92 -24.05 -44.33 -6.71
N LEU F 93 -22.92 -43.67 -6.92
CA LEU F 93 -22.78 -42.61 -7.93
C LEU F 93 -21.83 -43.15 -8.99
N VAL F 94 -22.38 -43.45 -10.17
CA VAL F 94 -21.64 -44.04 -11.28
C VAL F 94 -21.27 -43.01 -12.35
N LEU F 95 -20.00 -42.96 -12.73
CA LEU F 95 -19.54 -42.01 -13.75
C LEU F 95 -19.14 -42.74 -15.01
N GLY F 96 -19.77 -42.41 -16.13
CA GLY F 96 -19.45 -43.07 -17.40
C GLY F 96 -18.49 -42.23 -18.23
N GLY F 97 -18.13 -42.68 -19.43
CA GLY F 97 -18.62 -43.92 -19.98
C GLY F 97 -19.92 -43.72 -20.74
N ASP F 98 -20.13 -44.47 -21.82
CA ASP F 98 -21.36 -44.34 -22.58
C ASP F 98 -22.56 -44.91 -21.80
N HIS F 99 -23.76 -44.60 -22.26
CA HIS F 99 -25.01 -44.97 -21.59
C HIS F 99 -25.32 -46.45 -21.41
N SER F 100 -24.62 -47.34 -22.12
CA SER F 100 -24.87 -48.78 -21.98
C SER F 100 -24.57 -49.25 -20.56
N ILE F 101 -23.82 -48.47 -19.79
CA ILE F 101 -23.50 -48.83 -18.41
C ILE F 101 -24.76 -48.75 -17.52
N ALA F 102 -25.80 -48.06 -17.98
CA ALA F 102 -27.04 -47.99 -17.22
C ALA F 102 -27.58 -49.41 -16.97
N ILE F 103 -27.25 -50.34 -17.87
CA ILE F 103 -27.70 -51.72 -17.75
C ILE F 103 -27.14 -52.35 -16.46
N GLY F 104 -25.86 -52.10 -16.20
CA GLY F 104 -25.22 -52.64 -15.00
C GLY F 104 -25.62 -51.88 -13.75
N THR F 105 -25.74 -50.57 -13.84
CA THR F 105 -26.13 -49.76 -12.70
C THR F 105 -27.51 -50.21 -12.21
N LEU F 106 -28.48 -50.23 -13.13
CA LEU F 106 -29.83 -50.64 -12.80
C LEU F 106 -29.93 -52.08 -12.31
N ALA F 107 -29.08 -52.95 -12.84
CA ALA F 107 -29.05 -54.35 -12.42
C ALA F 107 -28.58 -54.45 -10.96
N GLY F 108 -27.62 -53.63 -10.58
CA GLY F 108 -27.11 -53.69 -9.22
C GLY F 108 -28.01 -53.05 -8.18
N VAL F 109 -28.82 -52.11 -8.64
CA VAL F 109 -29.72 -51.35 -7.77
C VAL F 109 -31.15 -51.87 -7.64
N ALA F 110 -31.81 -52.11 -8.78
CA ALA F 110 -33.20 -52.54 -8.84
C ALA F 110 -33.63 -53.67 -7.91
N LYS F 111 -32.78 -54.67 -7.73
CA LYS F 111 -33.07 -55.82 -6.87
C LYS F 111 -33.34 -55.40 -5.41
N HIS F 112 -32.83 -54.24 -5.02
CA HIS F 112 -33.01 -53.74 -3.68
C HIS F 112 -34.29 -52.96 -3.47
N TYR F 113 -35.08 -52.79 -4.52
CA TYR F 113 -36.32 -52.02 -4.40
C TYR F 113 -37.52 -52.79 -4.89
N GLU F 114 -38.68 -52.54 -4.26
CA GLU F 114 -39.92 -53.18 -4.66
C GLU F 114 -40.43 -52.58 -5.96
N ARG F 115 -40.34 -51.26 -6.07
CA ARG F 115 -40.78 -50.54 -7.26
C ARG F 115 -39.83 -49.38 -7.54
N LEU F 116 -38.72 -49.67 -8.22
CA LEU F 116 -37.73 -48.65 -8.54
C LEU F 116 -38.18 -47.76 -9.68
N GLY F 117 -38.10 -46.46 -9.44
CA GLY F 117 -38.45 -45.50 -10.46
C GLY F 117 -37.19 -45.10 -11.20
N VAL F 118 -37.37 -44.49 -12.38
CA VAL F 118 -36.24 -44.04 -13.18
C VAL F 118 -36.55 -42.74 -13.91
N ILE F 119 -35.68 -41.76 -13.74
CA ILE F 119 -35.79 -40.51 -14.47
C ILE F 119 -34.65 -40.60 -15.50
N TRP F 120 -35.02 -40.66 -16.78
CA TRP F 120 -34.06 -40.76 -17.86
C TRP F 120 -33.96 -39.38 -18.51
N TYR F 121 -32.93 -38.63 -18.11
CA TYR F 121 -32.66 -37.24 -18.55
C TYR F 121 -31.73 -37.38 -19.77
N ASP F 122 -32.26 -37.12 -20.97
CA ASP F 122 -31.50 -37.41 -22.18
C ASP F 122 -32.20 -36.76 -23.37
N ALA F 123 -31.47 -36.56 -24.47
CA ALA F 123 -32.03 -36.03 -25.70
C ALA F 123 -32.67 -37.21 -26.48
N HIS F 124 -32.33 -38.44 -26.08
CA HIS F 124 -32.80 -39.67 -26.73
C HIS F 124 -33.58 -40.57 -25.78
N GLY F 125 -34.30 -41.54 -26.34
CA GLY F 125 -35.06 -42.46 -25.50
C GLY F 125 -34.30 -43.71 -25.08
N ASP F 126 -33.30 -44.08 -25.88
CA ASP F 126 -32.47 -45.25 -25.63
C ASP F 126 -33.28 -46.54 -25.41
N VAL F 127 -34.36 -46.66 -26.19
CA VAL F 127 -35.25 -47.81 -26.11
C VAL F 127 -35.21 -48.68 -27.35
N ASN F 128 -34.06 -48.71 -28.03
CA ASN F 128 -33.91 -49.57 -29.20
C ASN F 128 -33.54 -50.98 -28.77
N THR F 129 -33.74 -51.94 -29.67
CA THR F 129 -33.42 -53.34 -29.41
C THR F 129 -32.57 -53.73 -30.60
N ALA F 130 -32.06 -54.96 -30.62
CA ALA F 130 -31.25 -55.44 -31.74
C ALA F 130 -32.00 -55.32 -33.07
N GLU F 131 -33.30 -55.54 -33.02
CA GLU F 131 -34.16 -55.48 -34.20
C GLU F 131 -34.49 -54.08 -34.67
N THR F 132 -34.63 -53.14 -33.74
CA THR F 132 -34.96 -51.77 -34.13
C THR F 132 -33.77 -50.84 -34.31
N SER F 133 -32.62 -51.19 -33.73
CA SER F 133 -31.47 -50.31 -33.82
C SER F 133 -30.89 -50.07 -35.20
N PRO F 134 -30.79 -48.80 -35.57
CA PRO F 134 -30.25 -48.45 -36.88
C PRO F 134 -28.73 -48.43 -36.90
N SER F 135 -28.11 -48.67 -35.72
CA SER F 135 -26.66 -48.64 -35.62
C SER F 135 -25.99 -49.83 -34.97
N GLY F 136 -26.70 -50.53 -34.11
CA GLY F 136 -26.12 -51.65 -33.42
C GLY F 136 -25.37 -51.19 -32.18
N ASN F 137 -25.45 -49.90 -31.86
CA ASN F 137 -24.81 -49.35 -30.66
C ASN F 137 -25.66 -49.62 -29.42
N ILE F 138 -25.10 -50.37 -28.48
CA ILE F 138 -25.78 -50.74 -27.26
C ILE F 138 -26.09 -49.58 -26.30
N HIS F 139 -25.44 -48.43 -26.53
CA HIS F 139 -25.71 -47.26 -25.67
C HIS F 139 -27.09 -46.67 -26.00
N GLY F 140 -27.71 -47.16 -27.09
CA GLY F 140 -29.04 -46.71 -27.48
C GLY F 140 -30.13 -47.71 -27.11
N MET F 141 -29.76 -48.73 -26.35
CA MET F 141 -30.68 -49.80 -25.92
C MET F 141 -30.79 -50.00 -24.39
N PRO F 142 -30.01 -49.28 -23.56
CA PRO F 142 -30.12 -49.54 -22.12
C PRO F 142 -31.48 -49.42 -21.41
N LEU F 143 -32.32 -48.48 -21.86
CA LEU F 143 -33.59 -48.33 -21.18
C LEU F 143 -34.51 -49.50 -21.53
N ALA F 144 -34.54 -49.86 -22.81
CA ALA F 144 -35.35 -51.00 -23.27
C ALA F 144 -34.86 -52.32 -22.62
N ALA F 145 -33.55 -52.54 -22.60
CA ALA F 145 -33.00 -53.74 -21.99
C ALA F 145 -33.35 -53.85 -20.51
N SER F 146 -33.31 -52.73 -19.79
CA SER F 146 -33.61 -52.74 -18.36
C SER F 146 -35.09 -53.02 -18.10
N LEU F 147 -35.92 -52.70 -19.10
CA LEU F 147 -37.36 -52.94 -19.01
C LEU F 147 -37.67 -54.40 -19.44
N GLY F 148 -36.61 -55.14 -19.75
CA GLY F 148 -36.74 -56.52 -20.17
C GLY F 148 -36.83 -56.73 -21.68
N PHE F 149 -36.67 -55.68 -22.47
CA PHE F 149 -36.76 -55.83 -23.91
C PHE F 149 -35.40 -55.74 -24.58
N GLY F 150 -34.95 -56.84 -25.17
CA GLY F 150 -33.67 -56.83 -25.85
C GLY F 150 -33.00 -58.19 -25.82
N HIS F 151 -31.70 -58.19 -26.09
CA HIS F 151 -30.93 -59.43 -26.12
C HIS F 151 -30.76 -59.94 -24.70
N PRO F 152 -31.02 -61.24 -24.46
CA PRO F 152 -30.89 -61.81 -23.12
C PRO F 152 -29.53 -61.57 -22.45
N ALA F 153 -28.51 -61.30 -23.25
CA ALA F 153 -27.18 -61.02 -22.72
C ALA F 153 -27.22 -59.71 -21.93
N LEU F 154 -28.12 -58.83 -22.35
CA LEU F 154 -28.29 -57.54 -21.71
C LEU F 154 -29.44 -57.51 -20.72
N THR F 155 -30.56 -58.16 -21.05
CA THR F 155 -31.71 -58.15 -20.16
C THR F 155 -31.52 -59.00 -18.92
N GLN F 156 -30.63 -59.98 -18.99
CA GLN F 156 -30.42 -60.87 -17.88
C GLN F 156 -29.29 -60.54 -16.93
N ILE F 157 -28.59 -59.43 -17.18
CA ILE F 157 -27.48 -59.00 -16.33
C ILE F 157 -27.93 -59.02 -14.86
N GLY F 158 -27.10 -59.54 -13.97
CA GLY F 158 -27.47 -59.57 -12.58
C GLY F 158 -28.32 -60.77 -12.24
N GLY F 159 -28.70 -61.54 -13.24
CA GLY F 159 -29.51 -62.72 -13.01
C GLY F 159 -30.99 -62.54 -12.78
N TYR F 160 -31.57 -61.44 -13.27
CA TYR F 160 -32.99 -61.20 -13.11
C TYR F 160 -33.47 -60.21 -14.14
N SER F 161 -34.79 -60.20 -14.35
CA SER F 161 -35.40 -59.33 -15.33
C SER F 161 -36.90 -59.26 -15.11
N PRO F 162 -37.53 -58.09 -15.32
CA PRO F 162 -36.89 -56.84 -15.74
C PRO F 162 -36.49 -56.11 -14.48
N LYS F 163 -35.69 -55.05 -14.62
CA LYS F 163 -35.24 -54.28 -13.48
C LYS F 163 -36.32 -53.31 -13.01
N ILE F 164 -36.98 -52.65 -13.97
CA ILE F 164 -38.04 -51.70 -13.64
C ILE F 164 -39.23 -51.90 -14.56
N LYS F 165 -40.34 -51.24 -14.21
CA LYS F 165 -41.58 -51.29 -14.98
C LYS F 165 -41.74 -49.99 -15.77
N PRO F 166 -42.35 -50.05 -16.96
CA PRO F 166 -42.57 -48.88 -17.84
C PRO F 166 -43.26 -47.71 -17.15
N GLU F 167 -44.24 -48.02 -16.33
CA GLU F 167 -45.02 -47.01 -15.61
C GLU F 167 -44.23 -46.30 -14.54
N HIS F 168 -42.98 -46.74 -14.31
CA HIS F 168 -42.15 -46.12 -13.27
C HIS F 168 -40.96 -45.36 -13.87
N VAL F 169 -41.03 -45.13 -15.18
CA VAL F 169 -40.00 -44.42 -15.89
C VAL F 169 -40.51 -43.07 -16.38
N VAL F 170 -39.67 -42.04 -16.31
CA VAL F 170 -40.03 -40.73 -16.85
C VAL F 170 -38.85 -40.21 -17.68
N LEU F 171 -39.10 -39.95 -18.97
CA LEU F 171 -38.07 -39.43 -19.87
C LEU F 171 -38.21 -37.91 -19.88
N ILE F 172 -37.09 -37.21 -19.78
CA ILE F 172 -37.07 -35.75 -19.77
C ILE F 172 -36.02 -35.17 -20.72
N GLY F 173 -36.48 -34.25 -21.57
CA GLY F 173 -35.59 -33.54 -22.49
C GLY F 173 -35.40 -34.15 -23.85
N VAL F 174 -36.21 -35.16 -24.15
CA VAL F 174 -36.13 -35.89 -25.41
C VAL F 174 -36.45 -35.06 -26.64
N ARG F 175 -35.65 -35.24 -27.70
CA ARG F 175 -35.84 -34.49 -28.94
C ARG F 175 -35.28 -35.25 -30.14
N SER F 176 -34.97 -36.54 -29.94
CA SER F 176 -34.43 -37.38 -31.01
C SER F 176 -34.80 -38.85 -30.83
N LEU F 177 -35.93 -39.26 -31.41
CA LEU F 177 -36.39 -40.64 -31.32
C LEU F 177 -36.59 -41.29 -32.68
N ASP F 178 -36.16 -42.55 -32.82
CA ASP F 178 -36.38 -43.31 -34.04
C ASP F 178 -37.88 -43.66 -34.02
N GLU F 179 -38.47 -43.93 -35.18
CA GLU F 179 -39.88 -44.28 -35.20
C GLU F 179 -40.22 -45.49 -34.34
N GLY F 180 -39.31 -46.46 -34.28
CA GLY F 180 -39.52 -47.67 -33.48
C GLY F 180 -39.57 -47.33 -31.99
N GLU F 181 -38.74 -46.38 -31.59
CA GLU F 181 -38.67 -45.92 -30.21
C GLU F 181 -39.96 -45.18 -29.85
N LYS F 182 -40.46 -44.36 -30.77
CA LYS F 182 -41.69 -43.62 -30.52
C LYS F 182 -42.80 -44.64 -30.26
N LYS F 183 -42.78 -45.71 -31.06
CA LYS F 183 -43.74 -46.80 -30.98
C LYS F 183 -43.58 -47.52 -29.64
N PHE F 184 -42.35 -47.79 -29.25
CA PHE F 184 -42.05 -48.46 -27.98
C PHE F 184 -42.57 -47.64 -26.78
N ILE F 185 -42.23 -46.37 -26.79
CA ILE F 185 -42.64 -45.46 -25.74
C ILE F 185 -44.18 -45.38 -25.66
N ARG F 186 -44.79 -45.21 -26.82
CA ARG F 186 -46.25 -45.14 -26.94
C ARG F 186 -46.94 -46.40 -26.42
N GLU F 187 -46.49 -47.56 -26.90
CA GLU F 187 -47.04 -48.85 -26.53
C GLU F 187 -46.78 -49.31 -25.13
N LYS F 188 -45.59 -49.03 -24.57
CA LYS F 188 -45.31 -49.44 -23.20
C LYS F 188 -45.87 -48.43 -22.19
N GLY F 189 -46.34 -47.29 -22.71
CA GLY F 189 -46.93 -46.27 -21.87
C GLY F 189 -45.93 -45.57 -20.98
N ILE F 190 -44.77 -45.26 -21.55
CA ILE F 190 -43.72 -44.57 -20.80
C ILE F 190 -43.97 -43.07 -20.78
N LYS F 191 -43.93 -42.49 -19.58
CA LYS F 191 -44.14 -41.06 -19.38
C LYS F 191 -42.93 -40.32 -19.98
N ILE F 192 -43.22 -39.30 -20.80
CA ILE F 192 -42.16 -38.58 -21.46
C ILE F 192 -42.42 -37.10 -21.67
N TYR F 193 -41.43 -36.29 -21.33
CA TYR F 193 -41.50 -34.84 -21.55
C TYR F 193 -40.43 -34.53 -22.58
N THR F 194 -40.85 -34.30 -23.81
CA THR F 194 -39.90 -33.94 -24.87
C THR F 194 -39.64 -32.46 -24.70
N MET F 195 -38.78 -31.90 -25.55
CA MET F 195 -38.48 -30.49 -25.50
C MET F 195 -39.73 -29.67 -25.70
N HIS F 196 -40.74 -30.25 -26.36
CA HIS F 196 -42.01 -29.55 -26.60
C HIS F 196 -42.69 -29.26 -25.28
N GLU F 197 -42.79 -30.27 -24.42
CA GLU F 197 -43.39 -30.08 -23.10
C GLU F 197 -42.52 -29.20 -22.20
N VAL F 198 -41.20 -29.26 -22.34
CA VAL F 198 -40.34 -28.42 -21.51
C VAL F 198 -40.59 -26.95 -21.86
N ASP F 199 -40.67 -26.66 -23.15
CA ASP F 199 -40.92 -25.29 -23.64
C ASP F 199 -42.32 -24.84 -23.30
N ARG F 200 -43.30 -25.72 -23.46
CA ARG F 200 -44.69 -25.39 -23.22
C ARG F 200 -45.05 -25.27 -21.75
N LEU F 201 -44.55 -26.19 -20.93
CA LEU F 201 -44.86 -26.19 -19.53
C LEU F 201 -43.81 -25.52 -18.67
N GLY F 202 -42.58 -25.51 -19.12
CA GLY F 202 -41.51 -24.93 -18.32
C GLY F 202 -40.94 -26.05 -17.47
N MET F 203 -39.65 -25.97 -17.19
CA MET F 203 -38.97 -27.02 -16.41
C MET F 203 -39.49 -27.24 -15.01
N THR F 204 -39.93 -26.18 -14.35
CA THR F 204 -40.49 -26.30 -12.99
C THR F 204 -41.68 -27.25 -12.96
N ARG F 205 -42.61 -27.05 -13.89
CA ARG F 205 -43.79 -27.89 -13.98
C ARG F 205 -43.43 -29.31 -14.35
N VAL F 206 -42.54 -29.47 -15.33
CA VAL F 206 -42.08 -30.80 -15.76
C VAL F 206 -41.55 -31.57 -14.57
N MET F 207 -40.72 -30.91 -13.76
CA MET F 207 -40.15 -31.53 -12.56
C MET F 207 -41.15 -31.81 -11.45
N GLU F 208 -42.07 -30.87 -11.20
CA GLU F 208 -43.08 -31.08 -10.16
C GLU F 208 -43.95 -32.29 -10.51
N GLU F 209 -44.34 -32.40 -11.78
CA GLU F 209 -45.16 -33.50 -12.25
C GLU F 209 -44.39 -34.82 -12.16
N THR F 210 -43.13 -34.78 -12.55
CA THR F 210 -42.26 -35.96 -12.51
C THR F 210 -42.10 -36.49 -11.09
N ILE F 211 -41.74 -35.59 -10.18
CA ILE F 211 -41.54 -35.91 -8.78
C ILE F 211 -42.82 -36.46 -8.18
N ALA F 212 -43.93 -35.80 -8.47
CA ALA F 212 -45.22 -36.22 -7.94
C ALA F 212 -45.61 -37.60 -8.44
N TYR F 213 -45.40 -37.79 -9.73
CA TYR F 213 -45.73 -39.04 -10.40
C TYR F 213 -44.95 -40.23 -9.82
N LEU F 214 -43.65 -40.04 -9.61
CA LEU F 214 -42.83 -41.10 -9.08
C LEU F 214 -42.94 -41.29 -7.58
N LYS F 215 -42.92 -40.20 -6.81
CA LYS F 215 -43.01 -40.29 -5.36
C LYS F 215 -44.27 -41.08 -4.96
N GLU F 216 -45.28 -40.98 -5.83
CA GLU F 216 -46.57 -41.61 -5.64
C GLU F 216 -46.61 -43.13 -5.88
N ARG F 217 -45.63 -43.67 -6.61
CA ARG F 217 -45.68 -45.09 -6.91
C ARG F 217 -44.38 -45.89 -6.84
N THR F 218 -43.32 -45.32 -6.29
CA THR F 218 -42.04 -46.01 -6.23
C THR F 218 -41.42 -45.90 -4.86
N ASP F 219 -40.49 -46.79 -4.55
CA ASP F 219 -39.83 -46.75 -3.25
C ASP F 219 -38.35 -46.37 -3.33
N GLY F 220 -37.94 -45.95 -4.53
CA GLY F 220 -36.57 -45.51 -4.80
C GLY F 220 -36.58 -44.95 -6.20
N VAL F 221 -35.71 -43.99 -6.51
CA VAL F 221 -35.66 -43.44 -7.87
C VAL F 221 -34.23 -43.29 -8.34
N HIS F 222 -33.95 -43.86 -9.50
CA HIS F 222 -32.62 -43.80 -10.06
C HIS F 222 -32.60 -42.72 -11.14
N LEU F 223 -31.61 -41.82 -11.05
CA LEU F 223 -31.44 -40.77 -12.05
C LEU F 223 -30.36 -41.22 -13.04
N SER F 224 -30.72 -41.31 -14.31
CA SER F 224 -29.76 -41.70 -15.34
C SER F 224 -29.63 -40.47 -16.25
N LEU F 225 -28.59 -39.69 -16.01
CA LEU F 225 -28.41 -38.47 -16.77
C LEU F 225 -27.32 -38.52 -17.86
N ASP F 226 -27.77 -38.39 -19.10
CA ASP F 226 -26.92 -38.33 -20.28
C ASP F 226 -26.68 -36.84 -20.52
N LEU F 227 -25.43 -36.42 -20.48
CA LEU F 227 -25.11 -35.01 -20.71
C LEU F 227 -25.62 -34.49 -22.05
N ASP F 228 -25.93 -35.36 -23.01
CA ASP F 228 -26.47 -34.86 -24.26
C ASP F 228 -27.91 -34.34 -24.11
N GLY F 229 -28.46 -34.49 -22.91
CA GLY F 229 -29.80 -33.97 -22.63
C GLY F 229 -29.73 -32.44 -22.70
N LEU F 230 -28.59 -31.89 -22.27
CA LEU F 230 -28.36 -30.44 -22.33
C LEU F 230 -28.00 -30.02 -23.76
N ASP F 231 -28.25 -28.77 -24.08
CA ASP F 231 -27.92 -28.26 -25.40
C ASP F 231 -26.40 -28.35 -25.67
N PRO F 232 -26.00 -28.65 -26.92
CA PRO F 232 -24.58 -28.76 -27.28
C PRO F 232 -23.77 -27.52 -26.92
N SER F 233 -24.43 -26.37 -26.83
CA SER F 233 -23.69 -25.15 -26.49
C SER F 233 -23.28 -25.19 -25.01
N ASP F 234 -24.02 -25.92 -24.19
CA ASP F 234 -23.71 -26.05 -22.77
C ASP F 234 -22.89 -27.29 -22.49
N ALA F 235 -23.16 -28.36 -23.23
CA ALA F 235 -22.46 -29.62 -23.04
C ALA F 235 -21.97 -30.13 -24.41
N PRO F 236 -20.92 -29.50 -24.95
CA PRO F 236 -20.40 -29.90 -26.26
C PRO F 236 -19.71 -31.28 -26.36
N GLY F 237 -19.08 -31.72 -25.26
CA GLY F 237 -18.36 -32.98 -25.27
C GLY F 237 -19.20 -34.22 -25.12
N VAL F 238 -20.02 -34.51 -26.13
CA VAL F 238 -20.88 -35.68 -26.16
C VAL F 238 -20.85 -36.26 -27.57
N GLY F 239 -21.03 -37.57 -27.68
CA GLY F 239 -20.95 -38.22 -28.97
C GLY F 239 -22.12 -38.04 -29.90
N THR F 240 -23.32 -37.91 -29.34
CA THR F 240 -24.52 -37.75 -30.14
C THR F 240 -25.24 -36.47 -29.75
N PRO F 241 -24.66 -35.30 -30.09
CA PRO F 241 -25.29 -34.03 -29.75
C PRO F 241 -26.55 -33.76 -30.58
N VAL F 242 -27.53 -33.10 -29.96
CA VAL F 242 -28.77 -32.74 -30.66
C VAL F 242 -29.12 -31.31 -30.25
N ILE F 243 -29.23 -30.41 -31.23
CA ILE F 243 -29.53 -29.02 -30.94
C ILE F 243 -30.90 -28.81 -30.34
N GLY F 244 -31.10 -27.64 -29.73
CA GLY F 244 -32.37 -27.31 -29.09
C GLY F 244 -32.55 -28.05 -27.77
N GLY F 245 -31.49 -28.14 -26.98
CA GLY F 245 -31.60 -28.84 -25.70
C GLY F 245 -31.84 -28.01 -24.46
N LEU F 246 -31.77 -28.70 -23.33
CA LEU F 246 -31.96 -28.12 -22.01
C LEU F 246 -30.78 -27.19 -21.67
N THR F 247 -31.10 -26.06 -21.02
CA THR F 247 -30.08 -25.09 -20.68
C THR F 247 -29.38 -25.52 -19.41
N TYR F 248 -28.27 -24.86 -19.13
CA TYR F 248 -27.48 -25.08 -17.92
C TYR F 248 -28.37 -24.79 -16.68
N ARG F 249 -29.08 -23.66 -16.73
CA ARG F 249 -29.97 -23.26 -15.65
C ARG F 249 -31.15 -24.24 -15.43
N GLU F 250 -31.76 -24.71 -16.52
CA GLU F 250 -32.87 -25.66 -16.39
C GLU F 250 -32.39 -26.94 -15.73
N SER F 251 -31.16 -27.33 -16.04
CA SER F 251 -30.57 -28.54 -15.48
C SER F 251 -30.26 -28.41 -14.00
N HIS F 252 -29.78 -27.24 -13.60
CA HIS F 252 -29.51 -27.01 -12.19
C HIS F 252 -30.82 -27.00 -11.41
N LEU F 253 -31.85 -26.37 -11.97
CA LEU F 253 -33.15 -26.32 -11.32
C LEU F 253 -33.67 -27.76 -11.12
N ALA F 254 -33.56 -28.57 -12.16
CA ALA F 254 -34.00 -29.97 -12.11
C ALA F 254 -33.32 -30.70 -10.97
N MET F 255 -32.00 -30.55 -10.85
CA MET F 255 -31.23 -31.20 -9.77
C MET F 255 -31.60 -30.68 -8.39
N GLU F 256 -31.81 -29.37 -8.28
CA GLU F 256 -32.18 -28.71 -7.03
C GLU F 256 -33.55 -29.15 -6.56
N MET F 257 -34.48 -29.33 -7.50
CA MET F 257 -35.82 -29.79 -7.15
C MET F 257 -35.82 -31.26 -6.75
N LEU F 258 -34.94 -32.06 -7.35
CA LEU F 258 -34.82 -33.48 -7.02
C LEU F 258 -34.20 -33.61 -5.65
N ALA F 259 -33.19 -32.77 -5.37
CA ALA F 259 -32.53 -32.77 -4.06
C ALA F 259 -33.56 -32.40 -2.97
N GLU F 260 -34.37 -31.39 -3.25
CA GLU F 260 -35.40 -30.94 -2.33
C GLU F 260 -36.43 -32.06 -2.09
N ALA F 261 -36.78 -32.80 -3.13
CA ALA F 261 -37.76 -33.88 -3.02
C ALA F 261 -37.20 -35.10 -2.28
N GLN F 262 -35.88 -35.24 -2.25
CA GLN F 262 -35.24 -36.35 -1.56
C GLN F 262 -35.66 -37.71 -2.07
N ILE F 263 -36.02 -37.81 -3.35
CA ILE F 263 -36.43 -39.10 -3.91
C ILE F 263 -35.30 -39.89 -4.61
N ILE F 264 -34.19 -39.23 -4.94
CA ILE F 264 -33.11 -39.90 -5.65
C ILE F 264 -32.29 -40.82 -4.76
N THR F 265 -32.25 -42.10 -5.12
CA THR F 265 -31.52 -43.09 -4.34
C THR F 265 -30.26 -43.67 -5.00
N SER F 266 -30.06 -43.34 -6.27
CA SER F 266 -28.87 -43.75 -7.05
C SER F 266 -28.80 -42.85 -8.27
N ALA F 267 -27.60 -42.66 -8.80
CA ALA F 267 -27.45 -41.81 -9.98
C ALA F 267 -26.20 -42.13 -10.81
N GLU F 268 -26.27 -41.78 -12.09
CA GLU F 268 -25.15 -41.95 -13.01
C GLU F 268 -25.13 -40.80 -14.00
N PHE F 269 -23.93 -40.32 -14.28
CA PHE F 269 -23.73 -39.23 -15.23
C PHE F 269 -22.93 -39.83 -16.36
N VAL F 270 -23.53 -39.90 -17.54
CA VAL F 270 -22.91 -40.54 -18.68
C VAL F 270 -22.69 -39.72 -19.93
N GLU F 271 -21.94 -40.32 -20.85
CA GLU F 271 -21.62 -39.77 -22.17
C GLU F 271 -20.65 -38.60 -22.24
N VAL F 272 -19.94 -38.33 -21.15
CA VAL F 272 -18.95 -37.25 -21.14
C VAL F 272 -17.74 -37.71 -21.96
N ASN F 273 -17.46 -36.99 -23.05
CA ASN F 273 -16.33 -37.32 -23.93
C ASN F 273 -15.41 -36.09 -24.03
N PRO F 274 -14.31 -36.09 -23.27
CA PRO F 274 -13.30 -35.00 -23.23
C PRO F 274 -12.71 -34.71 -24.61
N ILE F 275 -12.61 -35.76 -25.40
CA ILE F 275 -12.03 -35.66 -26.73
C ILE F 275 -12.87 -34.87 -27.72
N LEU F 276 -14.14 -34.69 -27.39
CA LEU F 276 -15.06 -33.94 -28.27
C LEU F 276 -15.48 -32.65 -27.56
N ASP F 277 -14.88 -32.41 -26.40
CA ASP F 277 -15.19 -31.26 -25.54
C ASP F 277 -14.32 -30.03 -25.78
N GLU F 278 -14.69 -28.95 -25.07
CA GLU F 278 -14.01 -27.66 -25.07
C GLU F 278 -13.48 -27.45 -23.65
N ARG F 279 -12.21 -27.73 -23.44
CA ARG F 279 -11.55 -27.56 -22.14
C ARG F 279 -12.30 -28.13 -20.94
N ASN F 280 -12.73 -29.38 -21.05
CA ASN F 280 -13.43 -30.06 -19.98
C ASN F 280 -14.76 -29.41 -19.52
N LYS F 281 -15.35 -28.59 -20.38
CA LYS F 281 -16.59 -27.90 -20.06
C LYS F 281 -17.73 -28.85 -19.63
N THR F 282 -17.89 -29.94 -20.38
CA THR F 282 -18.95 -30.93 -20.12
C THR F 282 -18.78 -31.68 -18.80
N ALA F 283 -17.54 -32.05 -18.46
CA ALA F 283 -17.24 -32.73 -17.21
C ALA F 283 -17.50 -31.77 -16.05
N SER F 284 -17.20 -30.49 -16.29
CA SER F 284 -17.42 -29.47 -15.28
C SER F 284 -18.91 -29.27 -15.07
N VAL F 285 -19.70 -29.29 -16.14
CA VAL F 285 -21.14 -29.13 -16.05
C VAL F 285 -21.69 -30.31 -15.21
N ALA F 286 -21.21 -31.51 -15.50
CA ALA F 286 -21.66 -32.73 -14.83
C ALA F 286 -21.38 -32.65 -13.32
N VAL F 287 -20.21 -32.14 -12.96
CA VAL F 287 -19.86 -32.00 -11.55
C VAL F 287 -20.71 -30.93 -10.84
N ALA F 288 -21.00 -29.82 -11.55
CA ALA F 288 -21.82 -28.76 -10.98
C ALA F 288 -23.20 -29.34 -10.69
N LEU F 289 -23.75 -30.08 -11.66
CA LEU F 289 -25.06 -30.73 -11.56
C LEU F 289 -25.11 -31.74 -10.41
N MET F 290 -24.03 -32.51 -10.23
CA MET F 290 -23.96 -33.45 -9.12
C MET F 290 -24.01 -32.66 -7.81
N GLY F 291 -23.27 -31.55 -7.77
CA GLY F 291 -23.28 -30.70 -6.59
C GLY F 291 -24.71 -30.31 -6.20
N SER F 292 -25.49 -29.87 -7.18
CA SER F 292 -26.88 -29.48 -6.94
C SER F 292 -27.75 -30.66 -6.52
N LEU F 293 -27.53 -31.80 -7.18
CA LEU F 293 -28.28 -33.02 -6.88
C LEU F 293 -28.11 -33.44 -5.43
N PHE F 294 -26.89 -33.32 -4.93
CA PHE F 294 -26.60 -33.70 -3.56
C PHE F 294 -26.80 -32.65 -2.49
N GLY F 295 -27.55 -31.60 -2.81
CA GLY F 295 -27.83 -30.60 -1.80
C GLY F 295 -27.21 -29.24 -1.83
N GLU F 296 -26.31 -28.98 -2.77
CA GLU F 296 -25.71 -27.66 -2.88
C GLU F 296 -26.78 -26.61 -3.19
N LYS F 297 -26.84 -25.55 -2.38
CA LYS F 297 -27.83 -24.50 -2.58
C LYS F 297 -27.17 -23.13 -2.73
N LEU F 298 -27.82 -22.23 -3.46
CA LEU F 298 -27.29 -20.88 -3.68
C LEU F 298 -27.42 -20.05 -2.41
N MET F 299 -28.49 -20.32 -1.66
CA MET F 299 -28.76 -19.65 -0.40
C MET F 299 -29.02 -20.81 0.55
MN MN G . 29.29 41.93 23.16
MN MN H . 31.58 39.62 23.51
C GAI I . 20.90 21.10 17.00
N1 GAI I . 20.18 21.28 15.89
N2 GAI I . 20.32 21.19 18.18
N3 GAI I . 22.19 20.82 16.91
C GAI J . 34.04 26.78 32.93
N1 GAI J . 34.77 27.74 33.47
N2 GAI J . 33.21 26.07 33.69
N3 GAI J . 34.15 26.51 31.64
MN MN K . 23.07 6.59 5.46
MN MN L . 24.24 9.62 6.21
C GAI M . 33.52 6.34 26.24
N1 GAI M . 34.16 5.19 26.07
N2 GAI M . 32.29 6.35 26.75
N3 GAI M . 34.13 7.48 25.92
MN MN N . 49.43 9.45 35.38
MN MN O . 48.06 9.35 32.44
MN MN P . -21.92 -6.47 -6.28
MN MN Q . -21.55 -9.22 -8.04
C GAI R . -37.57 -6.99 -23.42
N1 GAI R . -37.52 -5.73 -23.81
N2 GAI R . -38.27 -7.32 -22.34
N3 GAI R . -36.91 -7.93 -24.09
MN MN S . -40.59 -7.96 -41.80
MN MN T . -38.25 -7.71 -39.52
C GAI U . -39.29 -27.64 -29.29
N1 GAI U . -39.38 -28.52 -30.27
N2 GAI U . -40.39 -27.23 -28.67
N3 GAI U . -38.12 -27.17 -28.92
MN MN V . -28.44 -41.89 -23.55
MN MN W . -28.55 -39.22 -25.48
C GAI X . -30.13 -22.63 -10.71
N1 GAI X . -29.19 -23.00 -9.87
N2 GAI X . -31.41 -22.94 -10.46
N3 GAI X . -29.81 -21.96 -11.81
#